data_6KUU
#
_entry.id   6KUU
#
_cell.length_a   1.00
_cell.length_b   1.00
_cell.length_c   1.00
_cell.angle_alpha   90.00
_cell.angle_beta   90.00
_cell.angle_gamma   90.00
#
_symmetry.space_group_name_H-M   'P 1'
#
loop_
_entity.id
_entity.type
_entity.pdbx_description
1 polymer 'Polymerase 3'
2 polymer 'RNA-directed RNA polymerase catalytic subunit'
3 polymer 'Polymerase PB2'
4 polymer "3'-vRNA"
5 polymer "5'-vRNA"
#
loop_
_entity_poly.entity_id
_entity_poly.type
_entity_poly.pdbx_seq_one_letter_code
_entity_poly.pdbx_strand_id
1 'polypeptide(L)'
;MSSVIREIAKRFLEQATINIAEEVVREYGDHERTMISVGVHFQACCLISDEYTLEDETTPRYVLLEGLKRQEAISKQNNI
CSTLGLEPLRNLADIFDRKTRRFLEVGITKRESDEYYQEKFNKIGNDMDIHVFTYEGKYFSNNPNGLEDIQKTRIFTFLS
FVSDELRKENMFTEMYVTEEGAPELEMYKSKLFIAMRDESVPLPYINYEHLRTRCETFKRNQAECEAKVADVASRLKIKL
EHLEENKLRPLEIPKEKEAPYTHKFLMKDAWFFAKPHDSERAQPQQILYDFFEAANMGFMTTSPKPIFGKQGLMYHSLWG
QTKRAIKDKRNELEPSEQRDFLCGIGRASKKIQEDKWQESREEEFKQEETKGAAKRGFPTWFNEEWLWAMRDSGDGDNKI
GDWIPMAEMPPCKNEMEDYAKKMCEELESKIQGTNCAREMSKLIHTIGSLHTECRNFPGKVKIVPIYCRGTLRGESTDCL
FGIAIKGKSHLNKDDGMYTVVTFEFSTEEPNPSKHEKYTVFEAGTVPVEAVVLTPKRERVLKEKKLFLYCRTTGMSKLKN
DWFSKCRRCLIPTMETVEQIVLKECALKEENRVSEMLENKRAWIAHENGENLTRLVSTKLKDLCRMLIVTQFYYCIYNDN
QLEGFCNEQKKFLMFLQADKDSKSAFTFNQKGLYEKIEECIVSNPLCIFLADRLNKLFLVAKSNGAKYFE
;
A
2 'polypeptide(L)'
;MEINPYLLMLNNDITSMISLTYPYTGAPPMSHGTSTKYSMETVSRTYSYSRTKKEVPSGIFPIERRKFCNTIEDKENLEK
PNGNVDINFMLSLAEMLEEKMGKGFFKFCANEAEAEILKMHFSKLTEGRQTYDWTSERNMPAATALQLTVDAIQETQGTF
KGTTMVEYCNKILEMMDWPEVKFKKVRMIVQRHWDPKTKKEIKMKSPTLMITKIGREEFIKRICTINTMAKDGERGKYKR
RAIATPGMGIRPFSKIVETLAQKICERLAESGLPVGGNEKKAKLKTTVSSTNSKLQEGQFMVNITGDNSKWNECQQPEAY
LAMLAYITKDSSNLMKDLCSVAPTLFCNKYVKMGQGFRAKNKRKTKEIVIPAKKMKERKELMNAEWRDLFETIEPYMDGE
CCFLGGGMLMGMFNMLSTVFGVMTLNYREEALARRNCYWTGLQSSDDFVLFCISRTWPEMEMTILKFIAVCKLMGINMSL
EKSYGCLPELFEFTSMFFSGDFVSNIALELPAFTTAGMNEGTDFTAAMSVIRTNMINNGLSPGTALMALRICLQEFRATY
RVHPYDSGVKNHRMKIIRKFIETIENKDGLLISDGGKLMNNISSLHIPEEILKEDLMDPSYRNRVFNPRNPFTQFEKTVD
IFKASGPIRVEENEAVVSTHSFRTRSNRTLLNTDMRAMALEEKRYQVVCNMYRSVFESADVNTPIGSMSMGEAIEAKILD
RARTQFENGIIGGEEYSEIKRLIEDAKRQRLSV
;
B
3 'polypeptide(L)'
;MSLLLTLAKEYANLTKDKKSCKLLSQGTVSSYTTFKKWTTSRKEKNPSLRMRWAMGSKFPIMANREILEEAGIPEQWEGI
DLWSKKDDVSKLGMVLASPAAITYWNFCGPGVDNSSVIKDVYKAKFMKKERWRETLWGPMNFELVGKQRRVVETQPVEIK
LNQKEIKELTMWVLFEDEANLASKFIQENFSLVLSLRELYKGKAVNKDVAAFMIAHQFSPEKRFLPTFGPIRPERMELLH
CLGGDFWKIEAVTAGSLNEEQKKRDVRAVARKICLRASVDLFTPAEKIRDYIASVTMRFGTVERTFEDVIRNSDDISAEV
TLCKAALGCELGKSMSFGNLNLRKVSGEAETMEKTVYWGLKPIKYKCWRGEETFYCELRKVTCMFRRSEGLDWANIGPGS
PEERRELLAMVMIFCRDGRFFESAPVNIDESFFRTRLNKEIPYQYVLLKWVRQSRDNLDALLSTRGLIPAHIGQFGKGMG
IDGSSSSSMVYKGVMLSKTPIDIVESKEKHRLFLNDNIEAVTERGAMVASIMDLSEDNRETFNDVTFNHVDLAVLKDEKT
AIIKIYRSLVERINTDDDGLPALIMGKRYLELYQLDEVKDAVGLIPKRMLGAYSYQARQLIQSQIKNDSYSLPEIIKLLP
FCYSPPKKMLFDGTFHFKNQMYVRPGINTNLFSFSKTDKSKIYVNGSAVKIKLVLGDDEMDTSLAFVEGFQVCEYDPRAP
LIPRRDLRLIGFGKKVRVFVGQGQEKTLVRTSSKRAASHDVSKNIRRMRLEV
;
C
4 'polyribonucleotide' CUCCUGCUUAUGCU R
5 'polyribonucleotide' AGCAGUAGCAAGGAG V
#
loop_
_chem_comp.id
_chem_comp.type
_chem_comp.name
_chem_comp.formula
A RNA linking ADENOSINE-5'-MONOPHOSPHATE 'C10 H14 N5 O7 P'
C RNA linking CYTIDINE-5'-MONOPHOSPHATE 'C9 H14 N3 O8 P'
G RNA linking GUANOSINE-5'-MONOPHOSPHATE 'C10 H14 N5 O8 P'
U RNA linking URIDINE-5'-MONOPHOSPHATE 'C9 H13 N2 O9 P'
#
# COMPACT_ATOMS: atom_id res chain seq x y z
N GLU A 184 21.73 1.84 -36.90
CA GLU A 184 21.55 1.23 -35.59
C GLU A 184 22.14 2.07 -34.48
N LEU A 185 23.45 2.31 -34.58
CA LEU A 185 24.23 2.92 -33.50
C LEU A 185 24.24 4.45 -33.60
N GLU A 186 23.14 5.04 -34.05
CA GLU A 186 23.01 6.49 -34.18
C GLU A 186 21.77 6.95 -33.44
N MET A 187 21.95 7.82 -32.46
CA MET A 187 20.84 8.54 -31.87
C MET A 187 20.61 9.79 -32.68
N TYR A 188 19.35 10.21 -32.77
CA TYR A 188 18.96 11.34 -33.61
C TYR A 188 19.54 12.63 -33.03
N LYS A 189 20.58 13.14 -33.67
CA LYS A 189 21.24 14.37 -33.24
C LYS A 189 20.35 15.54 -33.62
N SER A 190 19.57 16.04 -32.66
CA SER A 190 18.59 17.06 -32.92
C SER A 190 19.22 18.45 -32.77
N LYS A 191 18.38 19.49 -32.71
CA LYS A 191 18.87 20.86 -32.70
C LYS A 191 18.72 21.55 -31.35
N LEU A 192 17.56 21.44 -30.71
CA LEU A 192 17.35 22.10 -29.43
C LEU A 192 17.95 21.33 -28.27
N PHE A 193 17.99 20.00 -28.38
CA PHE A 193 18.58 19.19 -27.32
C PHE A 193 20.09 19.37 -27.25
N ILE A 194 20.76 19.62 -28.38
CA ILE A 194 22.19 19.84 -28.34
C ILE A 194 22.51 21.23 -27.78
N ALA A 195 21.56 22.16 -27.83
CA ALA A 195 21.72 23.41 -27.11
C ALA A 195 21.24 23.29 -25.67
N MET A 196 20.53 22.21 -25.34
CA MET A 196 20.08 21.95 -23.98
C MET A 196 21.15 21.26 -23.15
N ARG A 197 21.91 20.35 -23.75
CA ARG A 197 22.93 19.63 -22.98
C ARG A 197 24.15 20.50 -22.72
N ASP A 198 24.53 21.36 -23.69
CA ASP A 198 25.72 22.18 -23.53
C ASP A 198 25.54 23.31 -22.52
N GLU A 199 24.30 23.69 -22.23
CA GLU A 199 24.07 24.76 -21.28
C GLU A 199 24.08 24.25 -19.84
N SER A 200 23.73 22.97 -19.64
CA SER A 200 23.52 22.40 -18.31
C SER A 200 24.70 21.56 -17.86
N VAL A 201 25.90 22.00 -18.19
CA VAL A 201 27.15 21.38 -17.77
C VAL A 201 27.59 22.07 -16.48
N PRO A 202 28.59 21.57 -15.74
CA PRO A 202 29.13 22.35 -14.62
C PRO A 202 29.83 23.62 -15.09
N LEU A 203 30.02 24.53 -14.14
CA LEU A 203 30.54 25.88 -14.37
C LEU A 203 31.99 25.98 -14.88
N PRO A 204 32.95 25.14 -14.50
CA PRO A 204 34.28 25.22 -15.16
C PRO A 204 34.35 24.66 -16.56
N TYR A 205 33.23 24.45 -17.26
CA TYR A 205 33.21 23.79 -18.55
C TYR A 205 32.46 24.65 -19.56
N ILE A 206 32.78 24.46 -20.84
CA ILE A 206 32.18 25.25 -21.90
C ILE A 206 31.05 24.45 -22.55
N ASN A 207 31.36 23.26 -23.05
CA ASN A 207 30.42 22.42 -23.76
C ASN A 207 30.52 20.99 -23.25
N TYR A 208 29.62 20.14 -23.74
CA TYR A 208 29.62 18.74 -23.36
C TYR A 208 30.79 17.97 -23.98
N GLU A 209 31.31 18.46 -25.11
CA GLU A 209 32.47 17.83 -25.73
C GLU A 209 33.70 17.98 -24.85
N HIS A 210 33.87 19.16 -24.24
CA HIS A 210 35.00 19.40 -23.36
C HIS A 210 34.93 18.54 -22.10
N LEU A 211 33.72 18.35 -21.58
CA LEU A 211 33.53 17.50 -20.41
C LEU A 211 33.72 16.03 -20.75
N ARG A 212 33.34 15.62 -21.95
CA ARG A 212 33.50 14.23 -22.32
C ARG A 212 34.96 13.90 -22.58
N THR A 213 35.70 14.84 -23.20
CA THR A 213 37.13 14.62 -23.41
C THR A 213 37.92 14.73 -22.12
N ARG A 214 37.46 15.52 -21.15
CA ARG A 214 38.16 15.55 -19.88
C ARG A 214 37.85 14.33 -19.03
N CYS A 215 36.60 13.85 -19.07
CA CYS A 215 36.22 12.69 -18.26
C CYS A 215 36.78 11.39 -18.82
N GLU A 216 37.00 11.31 -20.14
CA GLU A 216 37.70 10.14 -20.67
C GLU A 216 39.18 10.16 -20.34
N THR A 217 39.73 11.33 -20.02
CA THR A 217 41.15 11.45 -19.72
C THR A 217 41.35 11.91 -18.28
N PHE A 218 40.66 11.26 -17.35
CA PHE A 218 40.79 11.60 -15.94
C PHE A 218 41.73 10.61 -15.25
N LYS A 219 42.71 11.15 -14.53
CA LYS A 219 43.54 10.39 -13.61
C LYS A 219 43.55 11.10 -12.27
N ARG A 220 43.43 10.33 -11.20
CA ARG A 220 43.33 10.91 -9.88
C ARG A 220 44.71 11.32 -9.37
N ASN A 221 44.71 12.05 -8.26
CA ASN A 221 45.93 12.60 -7.70
C ASN A 221 45.86 12.41 -6.18
N GLN A 222 46.80 13.00 -5.46
CA GLN A 222 46.77 12.97 -4.00
C GLN A 222 46.67 14.36 -3.39
N ALA A 223 46.13 15.32 -4.14
CA ALA A 223 45.57 16.53 -3.55
C ALA A 223 44.19 16.28 -2.98
N GLU A 224 43.67 15.06 -3.16
CA GLU A 224 42.38 14.65 -2.60
C GLU A 224 42.39 14.69 -1.09
N CYS A 225 43.44 14.15 -0.46
CA CYS A 225 43.52 14.14 1.00
C CYS A 225 43.73 15.53 1.57
N GLU A 226 44.26 16.47 0.78
CA GLU A 226 44.34 17.85 1.24
C GLU A 226 42.95 18.49 1.26
N ALA A 227 42.09 18.13 0.31
CA ALA A 227 40.72 18.62 0.34
C ALA A 227 39.91 17.95 1.44
N LYS A 228 40.22 16.68 1.72
CA LYS A 228 39.55 15.96 2.80
C LYS A 228 39.91 16.57 4.16
N VAL A 229 41.21 16.69 4.44
CA VAL A 229 41.64 17.21 5.74
C VAL A 229 41.34 18.70 5.85
N ALA A 230 41.42 19.44 4.75
CA ALA A 230 40.96 20.82 4.72
C ALA A 230 39.45 20.93 4.92
N ASP A 231 38.70 19.85 4.68
CA ASP A 231 37.32 19.80 5.14
C ASP A 231 37.19 19.32 6.59
N VAL A 232 38.19 18.61 7.10
CA VAL A 232 38.15 18.13 8.48
C VAL A 232 38.39 19.29 9.45
N ALA A 233 39.28 20.22 9.09
CA ALA A 233 39.70 21.26 10.03
C ALA A 233 38.57 22.23 10.35
N SER A 234 37.78 22.61 9.36
CA SER A 234 36.68 23.54 9.60
C SER A 234 35.39 22.80 9.92
N ARG A 235 35.38 21.99 10.99
CA ARG A 235 34.22 21.19 11.33
C ARG A 235 33.59 21.59 12.66
N LEU A 236 34.33 21.49 13.77
CA LEU A 236 33.86 21.70 15.14
C LEU A 236 32.67 20.77 15.47
N LYS A 237 32.98 19.48 15.52
CA LYS A 237 32.00 18.45 15.85
C LYS A 237 32.66 17.43 16.76
N ILE A 238 32.02 17.14 17.89
CA ILE A 238 32.52 16.15 18.83
C ILE A 238 31.41 15.14 19.10
N LYS A 239 31.80 13.89 19.32
CA LYS A 239 30.84 12.88 19.72
C LYS A 239 30.55 12.99 21.21
N LEU A 240 29.40 12.48 21.61
CA LEU A 240 28.96 12.54 23.00
C LEU A 240 28.85 11.13 23.55
N GLU A 241 29.68 10.81 24.55
CA GLU A 241 29.62 9.51 25.20
C GLU A 241 28.43 9.45 26.15
N HIS A 242 28.26 8.32 26.82
CA HIS A 242 27.21 8.22 27.82
C HIS A 242 27.66 7.81 29.22
N LEU A 243 28.81 7.15 29.36
CA LEU A 243 29.24 6.84 30.73
C LEU A 243 29.76 8.06 31.48
N GLU A 244 30.02 9.17 30.79
CA GLU A 244 30.62 10.34 31.40
C GLU A 244 29.75 11.58 31.35
N GLU A 245 28.82 11.66 30.40
CA GLU A 245 27.91 12.80 30.24
C GLU A 245 26.48 12.31 29.99
N ASN A 246 26.01 11.47 30.90
CA ASN A 246 24.74 10.77 30.77
C ASN A 246 23.53 11.69 30.86
N LYS A 247 23.37 12.56 29.87
CA LYS A 247 22.39 13.64 29.95
C LYS A 247 21.03 13.24 29.40
N LEU A 248 20.68 11.96 29.43
CA LEU A 248 19.38 11.51 28.96
C LEU A 248 18.33 11.93 29.98
N ARG A 249 17.92 13.19 29.89
CA ARG A 249 16.93 13.74 30.80
C ARG A 249 15.55 13.20 30.46
N PRO A 250 14.66 13.13 31.45
CA PRO A 250 13.26 12.80 31.16
C PRO A 250 12.59 13.93 30.38
N LEU A 251 11.56 13.54 29.64
CA LEU A 251 10.93 14.40 28.64
C LEU A 251 10.09 15.48 29.32
N GLU A 252 9.79 16.52 28.54
CA GLU A 252 9.03 17.67 29.04
C GLU A 252 7.56 17.50 28.71
N ILE A 253 6.83 16.89 29.63
CA ILE A 253 5.37 16.87 29.55
C ILE A 253 4.85 18.28 29.79
N PRO A 254 3.96 18.80 28.95
CA PRO A 254 3.50 20.18 29.12
C PRO A 254 2.64 20.35 30.37
N LYS A 255 3.05 21.26 31.24
CA LYS A 255 2.30 21.56 32.45
C LYS A 255 1.28 22.65 32.12
N GLU A 256 0.17 22.23 31.53
CA GLU A 256 -0.94 23.12 31.23
C GLU A 256 -2.22 22.37 31.60
N LYS A 257 -3.34 22.84 31.05
CA LYS A 257 -4.65 22.27 31.34
C LYS A 257 -4.74 20.81 30.87
N GLU A 258 -5.47 20.01 31.64
CA GLU A 258 -5.49 18.56 31.46
C GLU A 258 -6.18 18.16 30.15
N ALA A 259 -5.65 17.12 29.50
CA ALA A 259 -6.20 16.65 28.24
C ALA A 259 -7.52 15.93 28.46
N PRO A 260 -8.57 16.28 27.73
CA PRO A 260 -9.91 15.77 28.03
C PRO A 260 -10.09 14.37 27.44
N TYR A 261 -11.27 13.81 27.70
CA TYR A 261 -11.65 12.52 27.14
C TYR A 261 -12.20 12.75 25.74
N THR A 262 -11.44 12.34 24.73
CA THR A 262 -11.74 12.68 23.35
C THR A 262 -12.15 11.49 22.49
N HIS A 263 -12.25 10.30 23.08
CA HIS A 263 -12.76 9.15 22.35
C HIS A 263 -14.24 9.34 22.05
N LYS A 264 -14.67 8.76 20.92
CA LYS A 264 -16.00 9.02 20.39
C LYS A 264 -17.10 8.47 21.28
N PHE A 265 -16.87 7.33 21.93
CA PHE A 265 -17.86 6.71 22.79
C PHE A 265 -17.35 6.74 24.23
N LEU A 266 -18.10 6.13 25.13
CA LEU A 266 -17.68 5.95 26.51
C LEU A 266 -17.19 4.53 26.70
N MET A 267 -16.07 4.39 27.41
CA MET A 267 -15.59 3.06 27.75
C MET A 267 -16.02 2.62 29.14
N LYS A 268 -15.56 3.31 30.18
CA LYS A 268 -15.71 2.80 31.53
C LYS A 268 -17.02 3.22 32.18
N ASP A 269 -17.62 4.33 31.73
CA ASP A 269 -18.85 4.84 32.33
C ASP A 269 -20.09 4.40 31.58
N ALA A 270 -20.08 3.19 31.03
CA ALA A 270 -21.15 2.72 30.18
C ALA A 270 -22.22 2.00 30.98
N TRP A 271 -23.46 2.08 30.51
CA TRP A 271 -24.56 1.37 31.11
C TRP A 271 -25.48 0.87 30.01
N PHE A 272 -25.92 -0.39 30.12
CA PHE A 272 -26.59 -1.08 29.04
C PHE A 272 -27.85 -1.77 29.52
N PHE A 273 -28.87 -1.77 28.67
CA PHE A 273 -30.13 -2.44 28.93
C PHE A 273 -30.20 -3.73 28.14
N ALA A 274 -30.62 -4.81 28.78
CA ALA A 274 -30.53 -6.14 28.20
C ALA A 274 -31.90 -6.76 27.97
N LYS A 275 -31.95 -7.60 26.95
CA LYS A 275 -33.10 -8.48 26.69
C LYS A 275 -32.58 -9.69 25.94
N PRO A 276 -33.30 -10.81 25.99
CA PRO A 276 -32.95 -11.93 25.11
C PRO A 276 -33.19 -11.56 23.66
N HIS A 277 -32.33 -12.07 22.78
CA HIS A 277 -32.31 -11.66 21.38
C HIS A 277 -33.29 -12.47 20.54
N ASP A 278 -33.99 -11.79 19.64
CA ASP A 278 -34.86 -12.45 18.68
C ASP A 278 -34.09 -12.68 17.39
N SER A 279 -34.27 -13.87 16.81
CA SER A 279 -33.53 -14.21 15.61
C SER A 279 -34.10 -13.55 14.36
N GLU A 280 -35.42 -13.45 14.25
CA GLU A 280 -36.02 -12.78 13.10
C GLU A 280 -35.87 -11.26 13.21
N ARG A 281 -36.01 -10.73 14.42
CA ARG A 281 -35.91 -9.28 14.66
C ARG A 281 -34.45 -8.98 14.98
N ALA A 282 -33.66 -8.74 13.94
CA ALA A 282 -32.22 -8.60 14.09
C ALA A 282 -31.62 -7.34 13.49
N GLN A 283 -32.31 -6.67 12.56
CA GLN A 283 -31.80 -5.45 11.96
C GLN A 283 -31.74 -4.34 13.00
N PRO A 284 -30.82 -3.36 12.84
CA PRO A 284 -30.64 -2.35 13.89
C PRO A 284 -31.86 -1.48 14.18
N GLN A 285 -32.71 -1.24 13.19
CA GLN A 285 -33.96 -0.54 13.45
C GLN A 285 -34.92 -1.41 14.28
N GLN A 286 -34.89 -2.72 14.07
CA GLN A 286 -35.74 -3.62 14.82
C GLN A 286 -35.26 -3.73 16.26
N ILE A 287 -33.94 -3.76 16.44
CA ILE A 287 -33.37 -3.78 17.78
C ILE A 287 -33.69 -2.50 18.52
N LEU A 288 -33.69 -1.38 17.79
CA LEU A 288 -33.98 -0.10 18.42
C LEU A 288 -35.44 -0.01 18.87
N TYR A 289 -36.37 -0.52 18.08
CA TYR A 289 -37.77 -0.41 18.48
C TYR A 289 -38.08 -1.39 19.61
N ASP A 290 -37.51 -2.60 19.51
CA ASP A 290 -37.71 -3.60 20.55
C ASP A 290 -37.08 -3.17 21.87
N PHE A 291 -36.04 -2.35 21.83
CA PHE A 291 -35.60 -1.74 23.07
C PHE A 291 -36.32 -0.44 23.40
N PHE A 292 -37.13 0.10 22.49
CA PHE A 292 -38.02 1.17 22.92
C PHE A 292 -39.13 0.61 23.81
N GLU A 293 -39.67 -0.56 23.48
CA GLU A 293 -40.58 -1.14 24.46
C GLU A 293 -39.86 -1.85 25.60
N ALA A 294 -38.64 -2.34 25.36
CA ALA A 294 -37.92 -3.07 26.41
C ALA A 294 -37.33 -2.10 27.45
N ALA A 295 -36.50 -1.18 27.00
CA ALA A 295 -36.01 -0.10 27.87
C ALA A 295 -37.03 1.03 27.80
N ASN A 296 -37.73 1.26 28.91
CA ASN A 296 -38.88 2.15 28.94
C ASN A 296 -38.46 3.61 28.85
N MET A 297 -38.68 4.22 27.69
CA MET A 297 -38.34 5.61 27.46
C MET A 297 -39.42 6.56 27.93
N GLY A 298 -40.54 6.05 28.43
CA GLY A 298 -41.57 6.92 28.97
C GLY A 298 -41.15 7.60 30.25
N PHE A 299 -40.29 6.96 31.02
CA PHE A 299 -39.77 7.52 32.25
C PHE A 299 -38.50 8.33 32.02
N MET A 300 -38.08 8.52 30.78
CA MET A 300 -36.79 9.12 30.47
C MET A 300 -36.94 10.64 30.41
N THR A 301 -37.23 11.21 31.58
CA THR A 301 -37.60 12.61 31.69
C THR A 301 -36.35 13.46 31.89
N THR A 302 -36.22 14.51 31.08
CA THR A 302 -35.05 15.36 31.07
C THR A 302 -35.44 16.78 31.46
N SER A 303 -34.65 17.36 32.36
CA SER A 303 -34.85 18.76 32.71
C SER A 303 -34.27 19.65 31.62
N PRO A 304 -34.86 20.83 31.39
CA PRO A 304 -34.30 21.74 30.38
C PRO A 304 -33.05 22.48 30.81
N LYS A 305 -32.63 22.33 32.07
CA LYS A 305 -31.41 22.96 32.55
C LYS A 305 -30.39 21.87 32.88
N PRO A 306 -29.30 21.74 32.12
CA PRO A 306 -28.34 20.67 32.37
C PRO A 306 -27.47 20.95 33.57
N ILE A 307 -26.63 19.97 33.89
CA ILE A 307 -25.65 20.16 34.97
C ILE A 307 -24.58 21.16 34.54
N PHE A 308 -23.87 20.84 33.45
CA PHE A 308 -22.98 21.81 32.84
C PHE A 308 -22.93 21.52 31.34
N GLY A 309 -22.11 22.27 30.63
CA GLY A 309 -22.02 22.15 29.20
C GLY A 309 -22.25 23.49 28.55
N LYS A 310 -22.65 23.46 27.28
CA LYS A 310 -22.83 24.68 26.50
C LYS A 310 -24.25 24.91 26.06
N GLN A 311 -24.88 23.93 25.43
CA GLN A 311 -26.20 24.12 24.80
C GLN A 311 -27.17 23.12 25.39
N GLY A 312 -28.21 23.62 26.04
CA GLY A 312 -29.16 22.74 26.70
C GLY A 312 -30.48 22.58 25.96
N LEU A 313 -30.98 23.67 25.37
CA LEU A 313 -32.31 23.63 24.77
C LEU A 313 -32.34 22.82 23.48
N MET A 314 -31.25 22.88 22.70
CA MET A 314 -31.16 22.11 21.47
C MET A 314 -31.11 20.62 21.77
N TYR A 315 -30.44 20.25 22.86
CA TYR A 315 -30.37 18.84 23.23
C TYR A 315 -31.65 18.35 23.89
N HIS A 316 -32.36 19.24 24.59
CA HIS A 316 -33.65 18.85 25.16
C HIS A 316 -34.69 18.62 24.08
N SER A 317 -34.79 19.57 23.13
CA SER A 317 -35.73 19.42 22.02
C SER A 317 -35.32 18.29 21.09
N LEU A 318 -34.00 18.05 20.95
CA LEU A 318 -33.53 16.97 20.10
C LEU A 318 -33.83 15.61 20.71
N TRP A 319 -33.63 15.47 22.03
CA TRP A 319 -33.93 14.21 22.69
C TRP A 319 -35.42 13.94 22.74
N GLY A 320 -36.23 14.99 22.90
CA GLY A 320 -37.67 14.80 22.85
C GLY A 320 -38.17 14.41 21.47
N GLN A 321 -37.61 15.05 20.44
CA GLN A 321 -38.05 14.76 19.08
C GLN A 321 -37.61 13.37 18.64
N THR A 322 -36.39 12.97 18.99
CA THR A 322 -36.00 11.61 18.63
C THR A 322 -36.67 10.57 19.52
N LYS A 323 -37.15 10.96 20.69
CA LYS A 323 -37.86 10.00 21.51
C LYS A 323 -39.26 9.74 20.95
N ARG A 324 -39.94 10.79 20.49
CA ARG A 324 -41.22 10.53 19.82
C ARG A 324 -41.04 9.98 18.41
N ALA A 325 -39.84 10.16 17.82
CA ALA A 325 -39.57 9.55 16.52
C ALA A 325 -39.33 8.05 16.65
N ILE A 326 -38.67 7.63 17.73
CA ILE A 326 -38.57 6.21 18.02
C ILE A 326 -39.92 5.66 18.47
N LYS A 327 -40.77 6.51 19.06
CA LYS A 327 -42.11 6.05 19.48
C LYS A 327 -42.99 5.72 18.28
N ASP A 328 -42.91 6.50 17.20
CA ASP A 328 -43.74 6.27 16.03
C ASP A 328 -43.12 5.29 15.03
N LYS A 329 -42.02 4.64 15.39
CA LYS A 329 -41.43 3.52 14.66
C LYS A 329 -41.00 3.89 13.24
N ARG A 330 -40.39 5.06 13.10
CA ARG A 330 -39.71 5.40 11.85
C ARG A 330 -38.51 6.28 12.20
N ASN A 331 -37.36 5.97 11.60
CA ASN A 331 -36.11 6.63 11.92
C ASN A 331 -35.73 7.65 10.84
N GLU A 332 -36.38 8.80 10.90
CA GLU A 332 -36.16 9.87 9.92
C GLU A 332 -36.67 11.16 10.52
N LEU A 333 -35.79 12.08 10.86
CA LEU A 333 -36.18 13.27 11.59
C LEU A 333 -36.69 14.34 10.64
N GLU A 334 -37.90 14.83 10.90
CA GLU A 334 -38.49 15.91 10.12
C GLU A 334 -37.70 17.20 10.34
N PRO A 335 -37.60 18.09 9.33
CA PRO A 335 -36.75 19.27 9.47
C PRO A 335 -37.23 20.30 10.48
N SER A 336 -36.49 20.43 11.59
CA SER A 336 -36.70 21.45 12.60
C SER A 336 -35.40 22.19 12.82
N GLU A 337 -35.46 23.29 13.59
CA GLU A 337 -34.27 24.11 13.81
C GLU A 337 -33.25 23.46 14.73
N GLN A 338 -33.67 22.47 15.53
CA GLN A 338 -32.75 21.74 16.39
C GLN A 338 -31.78 20.92 15.55
N ARG A 339 -32.30 20.08 14.65
CA ARG A 339 -31.41 19.33 13.76
C ARG A 339 -30.75 20.24 12.74
N ASP A 340 -31.39 21.37 12.40
CA ASP A 340 -30.73 22.33 11.51
C ASP A 340 -29.59 23.06 12.19
N PHE A 341 -29.52 23.02 13.53
CA PHE A 341 -28.39 23.62 14.21
C PHE A 341 -27.32 22.61 14.60
N LEU A 342 -27.71 21.40 15.03
CA LEU A 342 -26.70 20.46 15.49
C LEU A 342 -25.97 19.77 14.34
N CYS A 343 -26.67 18.95 13.56
CA CYS A 343 -26.03 18.37 12.39
C CYS A 343 -26.04 19.43 11.29
N GLY A 344 -24.85 19.85 10.87
CA GLY A 344 -24.66 21.08 10.14
C GLY A 344 -25.32 21.18 8.78
N ILE A 345 -26.32 22.04 8.68
CA ILE A 345 -27.03 22.28 7.43
C ILE A 345 -26.95 23.77 7.16
N GLY A 346 -26.43 24.15 6.00
CA GLY A 346 -26.20 25.53 5.68
C GLY A 346 -24.96 26.13 6.28
N ARG A 347 -24.13 25.33 6.96
CA ARG A 347 -22.92 25.81 7.58
C ARG A 347 -21.71 25.38 6.73
N ALA A 348 -21.50 26.14 5.66
CA ALA A 348 -20.38 25.91 4.76
C ALA A 348 -20.06 27.21 4.04
N SER A 349 -18.80 27.37 3.66
CA SER A 349 -18.36 28.59 3.01
C SER A 349 -18.73 28.61 1.54
N LYS A 350 -18.98 29.80 1.02
CA LYS A 350 -19.31 29.98 -0.39
C LYS A 350 -18.02 30.00 -1.20
N LYS A 351 -17.69 28.86 -1.80
CA LYS A 351 -16.46 28.71 -2.58
C LYS A 351 -16.64 29.43 -3.91
N ILE A 352 -16.05 30.62 -4.03
CA ILE A 352 -16.16 31.46 -5.21
C ILE A 352 -14.90 31.32 -6.06
N GLN A 353 -15.07 30.97 -7.33
CA GLN A 353 -13.93 30.85 -8.22
C GLN A 353 -13.43 32.24 -8.61
N GLU A 354 -12.24 32.27 -9.19
CA GLU A 354 -11.65 33.55 -9.61
C GLU A 354 -11.93 33.77 -11.10
N ASP A 355 -13.21 33.97 -11.39
CA ASP A 355 -13.64 34.48 -12.68
C ASP A 355 -14.42 35.77 -12.55
N LYS A 356 -15.26 35.87 -11.52
CA LYS A 356 -15.84 37.12 -11.09
C LYS A 356 -15.46 37.30 -9.63
N TRP A 357 -15.12 38.53 -9.27
CA TRP A 357 -14.73 38.84 -7.90
C TRP A 357 -15.40 40.09 -7.36
N GLN A 358 -15.86 40.99 -8.24
CA GLN A 358 -16.55 42.27 -7.94
C GLN A 358 -15.91 43.06 -6.82
N GLU A 359 -14.73 43.60 -7.12
CA GLU A 359 -13.91 44.34 -6.17
C GLU A 359 -14.63 45.57 -5.62
N SER A 360 -14.42 45.84 -4.34
CA SER A 360 -15.01 46.96 -3.63
C SER A 360 -13.93 47.67 -2.84
N ARG A 361 -14.10 48.97 -2.65
CA ARG A 361 -13.09 49.77 -1.97
C ARG A 361 -13.23 49.57 -0.46
N GLU A 362 -12.23 48.89 0.13
CA GLU A 362 -12.09 48.68 1.57
C GLU A 362 -13.27 47.92 2.16
N GLU A 363 -13.83 47.00 1.37
CA GLU A 363 -14.96 46.18 1.80
C GLU A 363 -14.74 44.77 1.31
N GLU A 364 -15.08 43.80 2.16
CA GLU A 364 -14.72 42.39 2.03
C GLU A 364 -13.21 42.23 1.87
N PHE A 365 -12.48 42.78 2.83
CA PHE A 365 -11.04 42.56 2.88
C PHE A 365 -10.79 41.11 3.28
N LYS A 366 -10.33 40.31 2.33
CA LYS A 366 -10.19 38.88 2.52
C LYS A 366 -8.73 38.46 2.51
N GLN A 367 -8.40 37.49 3.35
CA GLN A 367 -7.07 36.92 3.44
C GLN A 367 -7.17 35.53 4.05
N GLU A 368 -6.03 34.95 4.39
CA GLU A 368 -5.97 33.63 5.00
C GLU A 368 -5.07 33.67 6.23
N GLU A 369 -5.27 32.72 7.14
CA GLU A 369 -4.49 32.68 8.37
C GLU A 369 -4.53 31.27 8.95
N THR A 370 -3.37 30.80 9.42
CA THR A 370 -3.25 29.49 10.05
C THR A 370 -2.82 29.63 11.50
N LYS A 371 -3.11 28.59 12.28
CA LYS A 371 -2.75 28.56 13.70
C LYS A 371 -1.89 27.38 14.09
N GLY A 372 -2.36 26.15 13.87
CA GLY A 372 -1.77 24.98 14.47
C GLY A 372 -2.74 24.30 15.42
N ALA A 373 -2.18 23.64 16.44
CA ALA A 373 -2.96 22.85 17.37
C ALA A 373 -2.74 23.31 18.81
N ALA A 374 -3.77 23.14 19.64
CA ALA A 374 -3.69 23.56 21.03
C ALA A 374 -2.99 22.51 21.88
N LYS A 375 -2.27 22.98 22.90
CA LYS A 375 -1.44 22.12 23.74
C LYS A 375 -2.11 21.88 25.08
N ARG A 376 -2.04 20.65 25.58
CA ARG A 376 -2.67 20.28 26.83
C ARG A 376 -1.70 19.65 27.83
N GLY A 377 -2.24 19.07 28.90
CA GLY A 377 -1.43 18.51 29.97
C GLY A 377 -1.58 17.02 30.17
N PHE A 378 -1.09 16.51 31.29
CA PHE A 378 -1.01 15.07 31.53
C PHE A 378 -2.35 14.52 32.00
N PRO A 379 -2.91 13.50 31.34
CA PRO A 379 -4.16 12.91 31.83
C PRO A 379 -3.91 11.99 33.01
N THR A 380 -4.75 12.10 34.04
CA THR A 380 -4.68 11.20 35.17
C THR A 380 -5.74 10.11 35.12
N TRP A 381 -6.73 10.23 34.25
CA TRP A 381 -7.80 9.25 34.13
C TRP A 381 -7.45 8.06 33.25
N PHE A 382 -6.31 8.09 32.56
CA PHE A 382 -6.03 7.05 31.59
C PHE A 382 -5.59 5.76 32.26
N ASN A 383 -5.04 5.88 33.47
CA ASN A 383 -4.59 4.71 34.22
C ASN A 383 -5.77 3.85 34.67
N GLU A 384 -6.81 4.48 35.23
CA GLU A 384 -7.95 3.69 35.69
C GLU A 384 -8.77 3.13 34.54
N GLU A 385 -8.70 3.75 33.37
CA GLU A 385 -9.34 3.14 32.21
C GLU A 385 -8.49 2.03 31.59
N TRP A 386 -7.17 2.08 31.77
CA TRP A 386 -6.34 0.93 31.42
C TRP A 386 -6.64 -0.24 32.33
N LEU A 387 -6.66 0.01 33.65
CA LEU A 387 -6.93 -1.06 34.61
C LEU A 387 -8.36 -1.54 34.54
N TRP A 388 -9.29 -0.70 34.10
CA TRP A 388 -10.62 -1.21 33.86
C TRP A 388 -10.66 -2.03 32.57
N ALA A 389 -9.87 -1.64 31.57
CA ALA A 389 -9.97 -2.27 30.26
C ALA A 389 -9.43 -3.69 30.26
N MET A 390 -8.59 -4.05 31.22
CA MET A 390 -8.06 -5.40 31.30
C MET A 390 -8.71 -6.23 32.41
N ARG A 391 -9.71 -5.70 33.10
CA ARG A 391 -10.34 -6.44 34.18
C ARG A 391 -11.54 -7.22 33.65
N ASP A 392 -11.68 -8.46 34.12
CA ASP A 392 -12.74 -9.33 33.62
C ASP A 392 -14.10 -8.86 34.11
N SER A 393 -15.07 -8.83 33.20
CA SER A 393 -16.42 -8.37 33.53
C SER A 393 -17.17 -9.40 34.36
N LYS A 399 -22.78 -11.34 34.70
CA LYS A 399 -21.58 -11.97 34.20
C LYS A 399 -21.78 -12.40 32.76
N ILE A 400 -21.35 -11.54 31.83
CA ILE A 400 -21.55 -11.77 30.40
C ILE A 400 -20.26 -12.32 29.82
N GLY A 401 -20.37 -13.37 29.01
CA GLY A 401 -19.22 -14.11 28.55
C GLY A 401 -18.67 -13.63 27.22
N ASP A 402 -18.95 -14.37 26.15
CA ASP A 402 -18.29 -14.15 24.87
C ASP A 402 -18.81 -12.88 24.20
N TRP A 403 -17.90 -11.97 23.86
CA TRP A 403 -18.25 -10.69 23.26
C TRP A 403 -17.90 -10.58 21.78
N ILE A 404 -16.75 -11.11 21.36
CA ILE A 404 -16.27 -10.97 19.99
C ILE A 404 -16.77 -12.12 19.13
N PRO A 405 -17.35 -11.84 17.96
CA PRO A 405 -17.71 -12.91 17.04
C PRO A 405 -16.53 -13.52 16.28
N MET A 406 -15.89 -14.53 16.84
CA MET A 406 -14.88 -15.26 16.10
C MET A 406 -15.54 -16.31 15.20
N ALA A 407 -14.72 -17.14 14.57
CA ALA A 407 -15.22 -18.18 13.68
C ALA A 407 -14.91 -19.56 14.25
N GLU A 408 -15.28 -20.60 13.51
CA GLU A 408 -15.15 -21.95 14.01
C GLU A 408 -13.73 -22.46 13.82
N MET A 409 -13.42 -23.55 14.49
CA MET A 409 -12.06 -24.07 14.43
C MET A 409 -11.93 -25.05 13.26
N PRO A 410 -10.88 -24.93 12.46
CA PRO A 410 -10.62 -25.93 11.43
C PRO A 410 -10.13 -27.24 12.03
N PRO A 411 -10.23 -28.35 11.30
CA PRO A 411 -9.70 -29.61 11.82
C PRO A 411 -8.18 -29.62 11.83
N CYS A 412 -7.63 -30.48 12.68
CA CYS A 412 -6.19 -30.55 12.89
C CYS A 412 -5.68 -31.96 12.64
N LYS A 413 -4.46 -32.04 12.12
CA LYS A 413 -3.77 -33.30 11.91
C LYS A 413 -2.92 -33.62 13.13
N ASN A 414 -1.97 -34.53 12.99
CA ASN A 414 -1.01 -34.85 14.04
C ASN A 414 0.22 -33.93 13.99
N GLU A 415 0.08 -32.75 13.41
CA GLU A 415 1.16 -31.81 13.18
C GLU A 415 1.29 -30.85 14.35
N MET A 416 1.92 -29.71 14.11
CA MET A 416 1.86 -28.54 14.96
C MET A 416 0.50 -27.84 14.96
N GLU A 417 -0.51 -28.38 14.26
CA GLU A 417 -1.83 -27.77 14.32
C GLU A 417 -2.47 -27.93 15.69
N ASP A 418 -2.08 -28.98 16.42
CA ASP A 418 -2.39 -29.06 17.85
C ASP A 418 -1.84 -27.86 18.62
N TYR A 419 -0.61 -27.44 18.29
CA TYR A 419 0.02 -26.30 18.94
C TYR A 419 -0.72 -25.00 18.65
N ALA A 420 -0.97 -24.73 17.36
CA ALA A 420 -1.65 -23.50 16.96
C ALA A 420 -3.08 -23.47 17.48
N LYS A 421 -3.76 -24.62 17.44
CA LYS A 421 -5.11 -24.72 18.01
C LYS A 421 -5.09 -24.46 19.51
N LYS A 422 -4.07 -25.00 20.20
CA LYS A 422 -3.96 -24.80 21.64
C LYS A 422 -3.74 -23.33 22.00
N MET A 423 -2.86 -22.66 21.25
CA MET A 423 -2.57 -21.25 21.52
C MET A 423 -3.79 -20.38 21.21
N CYS A 424 -4.47 -20.67 20.10
CA CYS A 424 -5.71 -19.96 19.77
C CYS A 424 -6.78 -20.17 20.84
N GLU A 425 -6.90 -21.38 21.38
CA GLU A 425 -7.94 -21.64 22.36
C GLU A 425 -7.65 -21.01 23.71
N GLU A 426 -6.39 -21.04 24.14
CA GLU A 426 -6.08 -20.42 25.43
C GLU A 426 -6.15 -18.89 25.35
N LEU A 427 -5.60 -18.32 24.29
CA LEU A 427 -5.63 -16.86 24.15
C LEU A 427 -7.04 -16.38 23.88
N GLU A 428 -7.79 -17.11 23.05
CA GLU A 428 -9.20 -16.81 22.82
C GLU A 428 -10.03 -16.93 24.09
N SER A 429 -9.76 -17.95 24.90
CA SER A 429 -10.45 -18.09 26.18
C SER A 429 -10.05 -17.01 27.18
N LYS A 430 -8.96 -16.27 26.94
CA LYS A 430 -8.68 -15.14 27.81
C LYS A 430 -9.24 -13.82 27.32
N ILE A 431 -9.32 -13.59 26.00
CA ILE A 431 -9.67 -12.26 25.50
C ILE A 431 -11.17 -12.07 25.29
N GLN A 432 -11.99 -13.11 25.43
CA GLN A 432 -13.42 -12.93 25.21
C GLN A 432 -14.13 -12.26 26.36
N GLY A 433 -13.56 -12.33 27.57
CA GLY A 433 -14.30 -11.92 28.75
C GLY A 433 -13.96 -10.53 29.23
N THR A 434 -12.89 -9.94 28.70
CA THR A 434 -12.43 -8.64 29.16
C THR A 434 -13.38 -7.54 28.67
N ASN A 435 -13.11 -6.32 29.13
CA ASN A 435 -13.96 -5.19 28.76
C ASN A 435 -13.55 -4.59 27.43
N CYS A 436 -12.29 -4.78 27.04
CA CYS A 436 -11.82 -4.38 25.72
C CYS A 436 -12.59 -5.08 24.62
N ALA A 437 -12.97 -6.34 24.85
CA ALA A 437 -13.82 -7.06 23.90
C ALA A 437 -15.21 -6.43 23.83
N ARG A 438 -15.70 -5.88 24.94
CA ARG A 438 -16.99 -5.21 24.92
C ARG A 438 -16.92 -3.93 24.09
N GLU A 439 -15.84 -3.17 24.23
CA GLU A 439 -15.74 -1.94 23.44
C GLU A 439 -15.45 -2.22 21.97
N MET A 440 -14.71 -3.30 21.68
CA MET A 440 -14.55 -3.66 20.28
C MET A 440 -15.85 -4.14 19.67
N SER A 441 -16.68 -4.87 20.44
CA SER A 441 -17.98 -5.27 19.92
C SER A 441 -18.88 -4.07 19.68
N LYS A 442 -18.79 -3.07 20.57
CA LYS A 442 -19.53 -1.82 20.39
C LYS A 442 -19.11 -1.09 19.12
N LEU A 443 -17.80 -1.04 18.85
CA LEU A 443 -17.33 -0.34 17.66
C LEU A 443 -17.68 -1.11 16.39
N ILE A 444 -17.63 -2.44 16.44
CA ILE A 444 -17.91 -3.24 15.25
C ILE A 444 -19.38 -3.15 14.87
N HIS A 445 -20.28 -3.40 15.83
CA HIS A 445 -21.70 -3.38 15.49
C HIS A 445 -22.19 -1.97 15.17
N THR A 446 -21.77 -0.99 15.98
CA THR A 446 -22.27 0.37 15.79
C THR A 446 -21.72 0.99 14.51
N ILE A 447 -20.41 0.86 14.28
CA ILE A 447 -19.83 1.51 13.11
C ILE A 447 -20.13 0.72 11.85
N GLY A 448 -20.39 -0.58 11.95
CA GLY A 448 -20.95 -1.30 10.82
C GLY A 448 -22.33 -0.79 10.45
N SER A 449 -23.17 -0.52 11.46
CA SER A 449 -24.51 -0.01 11.21
C SER A 449 -24.48 1.39 10.61
N LEU A 450 -23.69 2.28 11.21
CA LEU A 450 -23.56 3.63 10.68
C LEU A 450 -22.90 3.65 9.31
N HIS A 451 -22.07 2.66 9.04
CA HIS A 451 -21.36 2.61 7.76
C HIS A 451 -22.30 2.24 6.63
N THR A 452 -23.07 1.17 6.80
CA THR A 452 -24.06 0.82 5.79
C THR A 452 -25.18 1.84 5.70
N GLU A 453 -25.49 2.53 6.79
CA GLU A 453 -26.41 3.66 6.70
C GLU A 453 -25.79 4.83 5.94
N CYS A 454 -24.47 5.00 5.99
CA CYS A 454 -23.85 6.02 5.16
C CYS A 454 -23.88 5.64 3.69
N ARG A 455 -23.87 4.34 3.40
CA ARG A 455 -23.99 3.96 1.99
C ARG A 455 -25.42 4.14 1.49
N ASN A 456 -26.40 3.59 2.21
CA ASN A 456 -27.74 3.47 1.64
C ASN A 456 -28.48 4.80 1.61
N PHE A 457 -28.23 5.67 2.57
CA PHE A 457 -29.00 6.91 2.70
C PHE A 457 -28.14 8.15 2.93
N PRO A 458 -27.71 8.81 1.87
CA PRO A 458 -27.20 10.18 2.01
C PRO A 458 -28.36 11.15 2.12
N GLY A 459 -28.06 12.31 2.73
CA GLY A 459 -29.01 13.39 2.77
C GLY A 459 -30.19 13.21 3.69
N LYS A 460 -30.22 12.14 4.48
CA LYS A 460 -31.35 11.85 5.34
C LYS A 460 -30.86 11.46 6.72
N VAL A 461 -31.42 12.10 7.74
CA VAL A 461 -30.99 11.92 9.12
C VAL A 461 -31.61 10.64 9.67
N LYS A 462 -30.76 9.73 10.14
CA LYS A 462 -31.22 8.45 10.64
C LYS A 462 -31.05 8.38 12.16
N ILE A 463 -31.59 7.32 12.74
CA ILE A 463 -31.47 7.05 14.17
C ILE A 463 -30.93 5.64 14.32
N VAL A 464 -29.75 5.51 14.93
CA VAL A 464 -28.97 4.28 14.92
C VAL A 464 -28.65 3.92 16.36
N PRO A 465 -28.88 2.68 16.79
CA PRO A 465 -28.50 2.28 18.16
C PRO A 465 -26.99 2.15 18.31
N ILE A 466 -26.58 2.07 19.58
CA ILE A 466 -25.19 1.88 19.98
C ILE A 466 -25.21 0.72 20.97
N TYR A 467 -24.77 -0.46 20.54
CA TYR A 467 -25.11 -1.71 21.22
C TYR A 467 -24.00 -2.75 21.06
N CYS A 468 -24.26 -3.94 21.61
CA CYS A 468 -23.36 -5.09 21.50
C CYS A 468 -24.23 -6.34 21.37
N ARG A 469 -23.60 -7.50 21.55
CA ARG A 469 -24.30 -8.79 21.64
C ARG A 469 -23.39 -9.78 22.34
N GLY A 470 -23.87 -10.37 23.43
CA GLY A 470 -23.06 -11.26 24.23
C GLY A 470 -23.91 -12.29 24.95
N THR A 471 -23.25 -13.33 25.42
CA THR A 471 -23.92 -14.49 26.01
C THR A 471 -24.07 -14.31 27.51
N LEU A 472 -25.31 -14.32 27.98
CA LEU A 472 -25.65 -14.25 29.39
C LEU A 472 -26.30 -15.57 29.79
N ARG A 473 -25.61 -16.35 30.63
CA ARG A 473 -26.05 -17.69 31.09
C ARG A 473 -26.39 -18.62 29.94
N GLY A 474 -25.63 -18.52 28.85
CA GLY A 474 -25.88 -19.29 27.65
C GLY A 474 -26.85 -18.63 26.68
N GLU A 475 -27.76 -17.80 27.18
CA GLU A 475 -28.72 -17.12 26.31
C GLU A 475 -28.02 -15.99 25.57
N SER A 476 -28.05 -16.04 24.25
CA SER A 476 -27.50 -14.95 23.44
C SER A 476 -28.38 -13.72 23.60
N THR A 477 -27.86 -12.70 24.26
CA THR A 477 -28.56 -11.45 24.51
C THR A 477 -27.87 -10.33 23.77
N ASP A 478 -28.54 -9.19 23.65
CA ASP A 478 -27.89 -7.99 23.15
C ASP A 478 -28.16 -6.84 24.10
N CYS A 479 -27.27 -5.86 24.07
CA CYS A 479 -27.34 -4.73 24.97
C CYS A 479 -27.77 -3.49 24.20
N LEU A 480 -27.72 -2.33 24.85
CA LEU A 480 -27.99 -1.05 24.21
C LEU A 480 -27.34 0.03 25.05
N PHE A 481 -26.30 0.67 24.52
CA PHE A 481 -25.59 1.69 25.26
C PHE A 481 -26.05 3.10 24.96
N GLY A 482 -26.42 3.40 23.72
CA GLY A 482 -26.78 4.77 23.45
C GLY A 482 -27.47 4.94 22.12
N ILE A 483 -27.75 6.19 21.79
CA ILE A 483 -28.45 6.53 20.56
C ILE A 483 -27.56 7.47 19.76
N ALA A 484 -27.19 7.05 18.56
CA ALA A 484 -26.40 7.88 17.66
C ALA A 484 -27.28 8.35 16.52
N ILE A 485 -26.98 9.55 16.02
CA ILE A 485 -27.75 10.22 15.00
C ILE A 485 -26.80 10.66 13.90
N LYS A 486 -27.09 10.28 12.66
CA LYS A 486 -26.28 10.64 11.51
C LYS A 486 -26.58 12.10 11.12
N GLY A 487 -25.70 12.69 10.33
CA GLY A 487 -25.79 14.10 9.98
C GLY A 487 -25.72 14.39 8.50
N LYS A 488 -26.44 13.61 7.70
CA LYS A 488 -26.56 13.69 6.23
C LYS A 488 -25.19 13.74 5.53
N SER A 489 -24.54 12.57 5.59
CA SER A 489 -23.25 12.35 4.94
C SER A 489 -23.41 12.30 3.43
N HIS A 490 -22.76 13.21 2.72
CA HIS A 490 -22.47 13.07 1.30
C HIS A 490 -20.97 12.82 1.16
N LEU A 491 -20.60 11.54 1.14
CA LEU A 491 -19.20 11.14 1.13
C LEU A 491 -18.69 11.14 -0.30
N ASN A 492 -18.06 12.24 -0.71
CA ASN A 492 -17.46 12.31 -2.04
C ASN A 492 -16.09 11.64 -2.07
N LYS A 493 -15.13 12.18 -1.33
CA LYS A 493 -13.78 11.63 -1.25
C LYS A 493 -13.66 10.79 0.03
N ASP A 494 -12.44 10.37 0.36
CA ASP A 494 -12.24 9.60 1.59
C ASP A 494 -12.37 10.45 2.84
N ASP A 495 -12.36 11.77 2.69
CA ASP A 495 -12.67 12.70 3.76
C ASP A 495 -14.17 12.95 3.77
N GLY A 496 -14.60 14.00 4.46
CA GLY A 496 -15.99 14.41 4.40
C GLY A 496 -16.56 14.83 5.74
N MET A 497 -16.17 14.14 6.81
CA MET A 497 -16.37 14.53 8.20
C MET A 497 -17.84 14.86 8.51
N TYR A 498 -18.69 13.85 8.38
CA TYR A 498 -20.09 14.04 8.69
C TYR A 498 -20.29 14.04 10.21
N THR A 499 -21.44 14.56 10.63
CA THR A 499 -21.70 14.88 12.03
C THR A 499 -22.49 13.76 12.68
N VAL A 500 -21.99 13.23 13.79
CA VAL A 500 -22.67 12.20 14.57
C VAL A 500 -23.02 12.78 15.94
N VAL A 501 -24.28 12.65 16.35
CA VAL A 501 -24.74 13.09 17.66
C VAL A 501 -24.92 11.88 18.54
N THR A 502 -24.31 11.88 19.72
CA THR A 502 -24.35 10.76 20.64
C THR A 502 -25.10 11.13 21.92
N PHE A 503 -26.14 10.37 22.23
CA PHE A 503 -26.80 10.36 23.54
C PHE A 503 -26.38 9.08 24.27
N GLU A 504 -25.82 9.24 25.46
CA GLU A 504 -25.20 8.12 26.17
C GLU A 504 -25.87 7.88 27.51
N PHE A 505 -25.72 6.65 27.99
CA PHE A 505 -26.31 6.20 29.25
C PHE A 505 -25.21 5.97 30.27
N SER A 506 -25.21 6.76 31.35
CA SER A 506 -24.20 6.67 32.38
C SER A 506 -24.88 6.59 33.73
N THR A 507 -24.17 5.99 34.69
CA THR A 507 -24.70 5.83 36.04
C THR A 507 -23.68 6.27 37.07
N GLU A 508 -22.79 7.19 36.69
CA GLU A 508 -21.84 7.79 37.60
C GLU A 508 -21.89 9.30 37.43
N GLU A 509 -21.42 10.00 38.45
CA GLU A 509 -21.48 11.45 38.46
C GLU A 509 -20.45 12.01 37.48
N PRO A 510 -20.74 13.16 36.85
CA PRO A 510 -19.79 13.73 35.88
C PRO A 510 -18.57 14.35 36.53
N ASN A 511 -17.76 14.99 35.70
CA ASN A 511 -16.52 15.65 36.08
C ASN A 511 -16.22 16.71 35.04
N PRO A 512 -16.09 17.99 35.42
CA PRO A 512 -15.78 19.03 34.44
C PRO A 512 -14.35 19.02 33.93
N SER A 513 -13.50 18.09 34.35
CA SER A 513 -12.16 17.93 33.82
C SER A 513 -12.08 16.84 32.76
N LYS A 514 -12.49 15.62 33.10
CA LYS A 514 -12.49 14.52 32.14
C LYS A 514 -13.63 14.68 31.15
N HIS A 515 -14.86 14.66 31.63
CA HIS A 515 -16.05 14.77 30.78
C HIS A 515 -16.29 16.24 30.46
N GLU A 516 -15.40 16.80 29.66
CA GLU A 516 -15.40 18.23 29.42
C GLU A 516 -16.24 18.64 28.22
N LYS A 517 -16.26 17.81 27.17
CA LYS A 517 -16.96 18.15 25.94
C LYS A 517 -18.41 17.71 25.95
N TYR A 518 -18.91 17.17 27.05
CA TYR A 518 -20.27 16.66 27.14
C TYR A 518 -21.22 17.75 27.63
N THR A 519 -22.50 17.38 27.67
CA THR A 519 -23.58 18.29 28.06
C THR A 519 -24.53 17.52 29.00
N VAL A 520 -23.95 17.03 30.09
CA VAL A 520 -24.56 16.08 31.02
C VAL A 520 -25.92 16.56 31.52
N PHE A 521 -26.96 15.79 31.23
CA PHE A 521 -28.25 15.94 31.86
C PHE A 521 -28.44 14.90 32.96
N GLU A 522 -29.65 14.85 33.51
CA GLU A 522 -30.06 13.79 34.43
C GLU A 522 -31.26 13.08 33.83
N ALA A 523 -31.24 11.75 33.87
CA ALA A 523 -32.27 10.94 33.23
C ALA A 523 -33.27 10.36 34.21
N GLY A 524 -32.82 9.81 35.33
CA GLY A 524 -33.76 9.28 36.30
C GLY A 524 -33.15 8.37 37.34
N THR A 525 -33.80 7.24 37.59
CA THR A 525 -33.34 6.25 38.57
C THR A 525 -33.32 4.87 37.92
N VAL A 526 -32.38 4.04 38.36
CA VAL A 526 -32.24 2.67 37.88
C VAL A 526 -32.22 1.73 39.08
N PRO A 527 -33.08 0.70 39.11
CA PRO A 527 -32.96 -0.34 40.14
C PRO A 527 -31.77 -1.25 39.84
N VAL A 528 -30.77 -1.21 40.71
CA VAL A 528 -29.55 -1.99 40.55
C VAL A 528 -29.48 -2.96 41.72
N GLU A 529 -29.72 -4.23 41.44
CA GLU A 529 -29.66 -5.25 42.48
C GLU A 529 -28.21 -5.68 42.68
N ALA A 530 -27.80 -5.77 43.94
CA ALA A 530 -26.42 -6.07 44.28
C ALA A 530 -26.10 -7.54 44.08
N LYS A 542 -29.09 0.61 45.94
CA LYS A 542 -30.24 -0.25 45.68
C LYS A 542 -31.00 0.25 44.44
N GLU A 543 -31.28 1.55 44.42
CA GLU A 543 -31.86 2.23 43.25
C GLU A 543 -31.05 3.51 43.04
N LYS A 544 -30.07 3.45 42.15
CA LYS A 544 -29.18 4.59 41.97
C LYS A 544 -29.72 5.54 40.91
N LYS A 545 -28.93 6.56 40.58
CA LYS A 545 -29.37 7.56 39.64
C LYS A 545 -29.09 7.10 38.21
N LEU A 546 -29.43 7.95 37.26
CA LEU A 546 -29.20 7.68 35.84
C LEU A 546 -29.00 9.02 35.15
N PHE A 547 -27.85 9.18 34.51
CA PHE A 547 -27.47 10.41 33.84
C PHE A 547 -27.33 10.14 32.36
N LEU A 548 -27.84 11.05 31.55
CA LEU A 548 -27.73 10.98 30.10
C LEU A 548 -26.69 11.99 29.62
N TYR A 549 -25.76 11.53 28.78
CA TYR A 549 -24.73 12.39 28.24
C TYR A 549 -25.06 12.80 26.82
N CYS A 550 -24.60 13.98 26.44
CA CYS A 550 -24.84 14.51 25.11
C CYS A 550 -23.52 14.98 24.52
N ARG A 551 -23.27 14.61 23.26
CA ARG A 551 -22.04 15.04 22.62
C ARG A 551 -22.21 15.04 21.12
N THR A 552 -21.86 16.15 20.47
CA THR A 552 -21.76 16.17 19.02
C THR A 552 -20.31 15.98 18.59
N THR A 553 -20.11 15.15 17.58
CA THR A 553 -18.78 14.76 17.15
C THR A 553 -18.82 14.46 15.66
N GLY A 554 -17.75 13.89 15.15
CA GLY A 554 -17.69 13.53 13.73
C GLY A 554 -16.92 12.25 13.50
N MET A 555 -17.32 11.54 12.45
CA MET A 555 -16.59 10.38 11.96
C MET A 555 -16.15 10.74 10.54
N SER A 556 -15.52 9.81 9.84
CA SER A 556 -15.16 10.05 8.45
C SER A 556 -15.07 8.70 7.73
N LYS A 557 -15.05 8.77 6.40
CA LYS A 557 -15.19 7.57 5.59
C LYS A 557 -13.94 6.73 5.63
N LEU A 558 -12.78 7.34 5.82
CA LEU A 558 -11.58 6.55 6.02
C LEU A 558 -11.47 6.11 7.47
N LYS A 559 -12.17 6.79 8.37
CA LYS A 559 -12.14 6.48 9.79
C LYS A 559 -13.39 5.69 10.14
N ASN A 560 -13.95 5.02 9.15
CA ASN A 560 -14.90 3.95 9.39
C ASN A 560 -14.34 2.58 9.13
N ASP A 561 -13.58 2.40 8.04
CA ASP A 561 -13.07 1.07 7.71
C ASP A 561 -11.97 0.60 8.66
N TRP A 562 -11.19 1.51 9.22
CA TRP A 562 -10.20 1.14 10.23
C TRP A 562 -10.84 0.94 11.59
N PHE A 563 -12.11 1.32 11.78
CA PHE A 563 -12.89 1.02 12.98
C PHE A 563 -13.81 -0.18 12.82
N SER A 564 -14.47 -0.32 11.67
CA SER A 564 -15.39 -1.44 11.49
C SER A 564 -14.68 -2.78 11.40
N LYS A 565 -13.42 -2.78 10.98
CA LYS A 565 -12.62 -3.99 10.94
C LYS A 565 -11.62 -4.02 12.08
N CYS A 566 -12.03 -3.66 13.31
CA CYS A 566 -11.09 -3.57 14.44
C CYS A 566 -10.98 -4.86 15.19
N ARG A 567 -11.26 -5.97 14.52
CA ARG A 567 -11.04 -7.31 15.02
C ARG A 567 -9.62 -7.75 14.77
N ARG A 568 -8.89 -7.02 13.95
CA ARG A 568 -7.51 -7.36 13.61
C ARG A 568 -6.53 -6.74 14.57
N CYS A 569 -6.81 -6.88 15.86
CA CYS A 569 -5.88 -6.49 16.90
C CYS A 569 -5.46 -7.69 17.71
N LEU A 570 -5.93 -8.87 17.35
CA LEU A 570 -5.52 -10.10 18.00
C LEU A 570 -4.35 -10.72 17.26
N ILE A 571 -3.98 -10.14 16.11
CA ILE A 571 -2.86 -10.62 15.30
C ILE A 571 -1.52 -10.17 15.89
N PRO A 572 -1.27 -8.89 16.25
CA PRO A 572 0.02 -8.58 16.90
C PRO A 572 0.21 -9.19 18.27
N THR A 573 -0.87 -9.42 19.02
CA THR A 573 -0.78 -9.91 20.39
C THR A 573 -0.25 -11.32 20.45
N MET A 574 -0.79 -12.19 19.61
CA MET A 574 -0.40 -13.59 19.61
C MET A 574 0.97 -13.75 18.97
N GLU A 575 1.28 -12.88 18.01
CA GLU A 575 2.63 -12.78 17.46
C GLU A 575 3.66 -12.48 18.54
N THR A 576 3.35 -11.54 19.43
CA THR A 576 4.29 -11.15 20.48
C THR A 576 4.44 -12.25 21.53
N VAL A 577 3.32 -12.80 22.01
CA VAL A 577 3.37 -13.87 23.00
C VAL A 577 4.05 -15.11 22.44
N GLU A 578 3.79 -15.40 21.17
CA GLU A 578 4.42 -16.56 20.56
C GLU A 578 5.89 -16.31 20.25
N GLN A 579 6.31 -15.04 20.05
CA GLN A 579 7.74 -14.76 19.97
C GLN A 579 8.42 -15.00 21.31
N ILE A 580 7.75 -14.66 22.41
CA ILE A 580 8.30 -14.94 23.73
C ILE A 580 8.46 -16.44 23.96
N VAL A 581 7.37 -17.19 23.75
CA VAL A 581 7.38 -18.62 24.08
C VAL A 581 8.26 -19.40 23.11
N LEU A 582 8.21 -19.07 21.83
CA LEU A 582 9.04 -19.77 20.86
C LEU A 582 10.50 -19.40 20.97
N LYS A 583 10.83 -18.19 21.43
CA LYS A 583 12.22 -17.92 21.73
C LYS A 583 12.67 -18.68 22.98
N GLU A 584 11.74 -18.89 23.91
CA GLU A 584 12.06 -19.62 25.14
C GLU A 584 12.38 -21.08 24.84
N CYS A 585 11.49 -21.78 24.14
CA CYS A 585 11.77 -23.17 23.79
C CYS A 585 12.85 -23.27 22.73
N ALA A 586 13.05 -22.22 21.93
CA ALA A 586 14.15 -22.21 20.99
C ALA A 586 15.49 -22.04 21.67
N LEU A 587 15.52 -21.49 22.89
CA LEU A 587 16.75 -21.44 23.65
C LEU A 587 16.93 -22.64 24.57
N LYS A 588 15.86 -23.35 24.92
CA LYS A 588 16.01 -24.51 25.79
C LYS A 588 15.94 -25.85 25.06
N GLU A 589 15.45 -25.86 23.81
CA GLU A 589 15.52 -27.01 22.90
C GLU A 589 14.79 -28.25 23.45
N GLU A 590 13.58 -28.01 23.94
CA GLU A 590 12.74 -29.06 24.50
C GLU A 590 11.30 -28.55 24.45
N ASN A 591 10.36 -29.45 24.20
CA ASN A 591 8.96 -29.05 24.08
C ASN A 591 8.42 -28.75 25.48
N ARG A 592 8.68 -27.52 25.93
CA ARG A 592 8.23 -27.00 27.21
C ARG A 592 7.42 -25.75 26.90
N VAL A 593 6.12 -25.92 26.65
CA VAL A 593 5.19 -24.83 26.44
C VAL A 593 4.07 -24.85 27.46
N SER A 594 3.54 -26.04 27.76
CA SER A 594 2.38 -26.16 28.63
C SER A 594 2.69 -25.80 30.07
N GLU A 595 3.88 -26.16 30.55
CA GLU A 595 4.26 -25.70 31.87
C GLU A 595 4.94 -24.33 31.82
N MET A 596 5.37 -23.89 30.63
CA MET A 596 5.99 -22.58 30.51
C MET A 596 4.95 -21.47 30.60
N LEU A 597 3.72 -21.74 30.18
CA LEU A 597 2.63 -20.78 30.24
C LEU A 597 2.07 -20.60 31.64
N GLU A 598 2.57 -21.32 32.62
CA GLU A 598 2.07 -21.27 34.00
C GLU A 598 3.15 -20.85 34.99
N ASN A 599 4.39 -21.25 34.77
CA ASN A 599 5.48 -20.98 35.69
C ASN A 599 6.42 -19.89 35.18
N LYS A 600 5.91 -18.82 34.59
CA LYS A 600 6.75 -17.76 34.09
C LYS A 600 6.13 -16.41 34.41
N ARG A 601 6.95 -15.48 34.88
CA ARG A 601 6.49 -14.18 35.32
C ARG A 601 6.78 -13.11 34.27
N ALA A 602 6.07 -12.00 34.39
CA ALA A 602 6.29 -10.84 33.52
C ALA A 602 6.06 -9.58 34.34
N TRP A 603 7.07 -8.73 34.41
CA TRP A 603 7.03 -7.57 35.27
C TRP A 603 6.20 -6.49 34.58
N ILE A 604 5.10 -6.10 35.20
CA ILE A 604 4.30 -4.95 34.77
C ILE A 604 3.92 -4.15 36.01
N ALA A 605 3.46 -2.93 35.77
CA ALA A 605 2.60 -2.17 36.70
C ALA A 605 3.26 -1.89 38.05
N HIS A 606 4.27 -1.02 38.02
CA HIS A 606 4.78 -0.50 39.28
C HIS A 606 3.75 0.44 39.92
N GLU A 607 3.79 0.55 41.26
CA GLU A 607 2.79 1.28 42.02
C GLU A 607 3.01 2.79 41.94
N ASN A 608 2.27 3.53 42.77
CA ASN A 608 2.23 4.98 42.67
C ASN A 608 3.17 5.71 43.62
N GLY A 609 3.22 5.32 44.89
CA GLY A 609 4.01 6.05 45.86
C GLY A 609 5.49 5.80 45.70
N GLU A 610 5.85 4.58 45.32
CA GLU A 610 7.23 4.21 45.05
C GLU A 610 7.30 3.49 43.71
N ASN A 611 8.45 3.61 43.06
CA ASN A 611 8.68 2.98 41.78
C ASN A 611 9.93 2.12 41.75
N LEU A 612 10.89 2.37 42.63
CA LEU A 612 12.22 1.80 42.52
C LEU A 612 12.18 0.34 42.90
N THR A 613 12.33 -0.53 41.89
CA THR A 613 12.37 -1.99 42.02
C THR A 613 11.12 -2.55 42.70
N ARG A 614 9.96 -1.93 42.48
CA ARG A 614 8.70 -2.38 43.08
C ARG A 614 7.73 -2.65 41.93
N LEU A 615 7.78 -3.87 41.41
CA LEU A 615 7.04 -4.25 40.21
C LEU A 615 6.10 -5.39 40.53
N VAL A 616 5.10 -5.58 39.68
CA VAL A 616 4.10 -6.64 39.85
C VAL A 616 4.33 -7.69 38.78
N SER A 617 4.78 -8.87 39.19
CA SER A 617 4.95 -9.97 38.24
C SER A 617 3.63 -10.69 38.05
N THR A 618 3.14 -10.70 36.82
CA THR A 618 1.91 -11.43 36.49
C THR A 618 2.22 -12.60 35.57
N LYS A 619 1.21 -13.44 35.36
CA LYS A 619 1.34 -14.56 34.46
C LYS A 619 1.31 -14.08 33.01
N LEU A 620 1.73 -14.95 32.10
CA LEU A 620 1.94 -14.58 30.71
C LEU A 620 0.63 -14.30 29.98
N LYS A 621 -0.45 -14.97 30.39
CA LYS A 621 -1.76 -14.68 29.82
C LYS A 621 -2.37 -13.39 30.36
N ASP A 622 -1.99 -12.95 31.55
CA ASP A 622 -2.41 -11.63 31.96
C ASP A 622 -1.62 -10.56 31.22
N LEU A 623 -0.37 -10.88 30.87
CA LEU A 623 0.36 -10.06 29.92
C LEU A 623 -0.38 -9.96 28.59
N CYS A 624 -0.97 -11.08 28.11
CA CYS A 624 -1.68 -10.97 26.83
C CYS A 624 -2.98 -10.19 26.98
N ARG A 625 -3.57 -10.19 28.18
CA ARG A 625 -4.64 -9.24 28.46
C ARG A 625 -4.16 -7.80 28.29
N MET A 626 -3.00 -7.48 28.87
CA MET A 626 -2.52 -6.10 28.77
C MET A 626 -2.11 -5.77 27.32
N LEU A 627 -1.69 -6.78 26.55
CA LEU A 627 -1.31 -6.57 25.17
C LEU A 627 -2.51 -6.27 24.29
N ILE A 628 -3.64 -6.95 24.52
CA ILE A 628 -4.79 -6.62 23.68
C ILE A 628 -5.37 -5.26 24.08
N VAL A 629 -5.20 -4.87 25.35
CA VAL A 629 -5.57 -3.52 25.77
C VAL A 629 -4.72 -2.47 25.05
N THR A 630 -3.39 -2.68 24.99
CA THR A 630 -2.56 -1.63 24.40
C THR A 630 -2.64 -1.61 22.88
N GLN A 631 -2.87 -2.75 22.23
CA GLN A 631 -3.02 -2.73 20.77
C GLN A 631 -4.33 -2.09 20.39
N PHE A 632 -5.35 -2.28 21.22
CA PHE A 632 -6.61 -1.58 20.96
C PHE A 632 -6.46 -0.08 21.20
N TYR A 633 -5.68 0.31 22.22
CA TYR A 633 -5.49 1.73 22.46
C TYR A 633 -4.66 2.38 21.36
N TYR A 634 -3.79 1.62 20.69
CA TYR A 634 -3.24 2.07 19.43
C TYR A 634 -4.29 2.15 18.34
N CYS A 635 -5.27 1.24 18.35
CA CYS A 635 -6.24 1.19 17.27
C CYS A 635 -7.21 2.36 17.32
N ILE A 636 -7.42 2.95 18.49
CA ILE A 636 -8.23 4.16 18.57
C ILE A 636 -7.42 5.40 18.28
N TYR A 637 -6.38 5.66 19.06
CA TYR A 637 -5.81 6.99 19.21
C TYR A 637 -4.70 7.28 18.21
N ASN A 638 -4.71 6.66 17.04
CA ASN A 638 -3.63 6.86 16.08
C ASN A 638 -3.86 8.18 15.35
N ASP A 639 -2.97 9.14 15.60
CA ASP A 639 -2.87 10.36 14.82
C ASP A 639 -1.45 10.53 14.33
N ASN A 640 -1.08 11.74 13.92
CA ASN A 640 0.31 12.02 13.52
C ASN A 640 1.26 11.88 14.71
N GLN A 641 0.80 12.36 15.86
CA GLN A 641 1.66 12.52 17.03
C GLN A 641 2.10 11.18 17.58
N LEU A 642 1.21 10.19 17.54
CA LEU A 642 1.58 8.85 17.94
C LEU A 642 2.58 8.23 16.99
N GLU A 643 2.54 8.59 15.69
CA GLU A 643 3.50 8.05 14.74
C GLU A 643 4.91 8.55 15.02
N GLY A 644 5.07 9.87 15.12
CA GLY A 644 6.39 10.43 15.40
C GLY A 644 6.92 10.00 16.75
N PHE A 645 6.04 9.92 17.74
CA PHE A 645 6.44 9.44 19.05
C PHE A 645 6.85 7.97 19.03
N CYS A 646 6.26 7.16 18.16
CA CYS A 646 6.67 5.76 18.09
C CYS A 646 8.03 5.57 17.43
N ASN A 647 8.36 6.40 16.43
CA ASN A 647 9.73 6.36 15.88
C ASN A 647 10.76 6.73 16.94
N GLU A 648 10.52 7.83 17.65
CA GLU A 648 11.54 8.29 18.57
C GLU A 648 11.66 7.38 19.79
N GLN A 649 10.56 6.76 20.21
CA GLN A 649 10.72 5.79 21.28
C GLN A 649 11.40 4.52 20.79
N LYS A 650 11.37 4.22 19.48
CA LYS A 650 12.24 3.14 19.00
C LYS A 650 13.70 3.50 19.15
N LYS A 651 14.06 4.78 18.94
CA LYS A 651 15.44 5.20 19.17
C LYS A 651 15.87 5.03 20.63
N PHE A 652 15.07 5.57 21.57
CA PHE A 652 15.48 5.48 22.96
C PHE A 652 15.42 4.05 23.49
N LEU A 653 14.55 3.22 22.92
CA LEU A 653 14.57 1.80 23.22
C LEU A 653 15.87 1.14 22.76
N MET A 654 16.44 1.59 21.64
CA MET A 654 17.76 1.11 21.26
C MET A 654 18.82 1.55 22.27
N PHE A 655 18.67 2.75 22.84
CA PHE A 655 19.61 3.18 23.88
C PHE A 655 19.48 2.33 25.14
N LEU A 656 18.26 1.93 25.50
CA LEU A 656 18.10 1.15 26.72
C LEU A 656 18.62 -0.26 26.54
N GLN A 657 18.45 -0.83 25.34
CA GLN A 657 19.05 -2.13 25.07
C GLN A 657 20.58 -2.05 25.03
N ALA A 658 21.13 -0.92 24.57
CA ALA A 658 22.57 -0.75 24.66
C ALA A 658 23.02 -0.60 26.11
N ASP A 659 22.17 -0.04 26.96
CA ASP A 659 22.50 0.11 28.38
C ASP A 659 22.44 -1.23 29.12
N LYS A 660 21.58 -2.15 28.67
CA LYS A 660 21.42 -3.42 29.36
C LYS A 660 22.66 -4.30 29.28
N ASP A 661 23.49 -4.13 28.25
CA ASP A 661 24.56 -5.08 27.99
C ASP A 661 25.95 -4.44 28.07
N SER A 662 26.03 -3.18 28.51
CA SER A 662 27.28 -2.43 28.72
C SER A 662 28.10 -2.33 27.44
N LYS A 663 27.55 -1.63 26.46
CA LYS A 663 28.18 -1.48 25.17
C LYS A 663 28.74 -0.07 24.93
N SER A 664 28.49 0.86 25.85
CA SER A 664 29.03 2.24 25.84
C SER A 664 28.66 2.98 24.55
N ALA A 665 27.36 3.16 24.38
CA ALA A 665 26.84 3.79 23.18
C ALA A 665 27.20 5.28 23.16
N PHE A 666 26.99 5.91 22.00
CA PHE A 666 27.29 7.34 21.89
C PHE A 666 26.37 7.98 20.88
N THR A 667 26.27 9.31 20.98
CA THR A 667 25.33 10.08 20.19
C THR A 667 26.08 11.32 19.70
N PHE A 668 25.60 11.90 18.60
CA PHE A 668 26.28 13.04 18.01
C PHE A 668 25.67 14.37 18.36
N ASN A 669 24.38 14.42 18.69
CA ASN A 669 23.72 15.68 19.02
C ASN A 669 22.48 15.35 19.83
N GLN A 670 22.44 15.79 21.08
CA GLN A 670 21.26 15.56 21.89
C GLN A 670 20.29 16.74 21.92
N LYS A 671 20.66 17.89 21.36
CA LYS A 671 19.77 19.03 21.42
C LYS A 671 18.58 18.87 20.47
N GLY A 672 18.86 18.62 19.19
CA GLY A 672 17.80 18.49 18.20
C GLY A 672 16.96 17.25 18.35
N LEU A 673 17.52 16.20 18.97
CA LEU A 673 16.80 14.98 19.26
C LEU A 673 15.60 15.26 20.15
N TYR A 674 15.85 15.88 21.29
CA TYR A 674 14.77 16.29 22.17
C TYR A 674 13.96 17.44 21.60
N GLU A 675 14.50 18.20 20.64
CA GLU A 675 13.63 19.14 19.95
C GLU A 675 12.62 18.45 19.05
N LYS A 676 12.93 17.26 18.54
CA LYS A 676 11.92 16.54 17.76
C LYS A 676 10.96 15.75 18.62
N ILE A 677 11.44 15.13 19.70
CA ILE A 677 10.52 14.40 20.56
C ILE A 677 9.62 15.38 21.32
N GLU A 678 10.17 16.49 21.79
CA GLU A 678 9.36 17.55 22.36
C GLU A 678 8.60 18.34 21.30
N GLU A 679 8.93 18.15 20.02
CA GLU A 679 8.10 18.72 18.97
C GLU A 679 6.81 17.93 18.76
N CYS A 680 6.86 16.59 18.77
CA CYS A 680 5.67 15.83 18.42
C CYS A 680 4.87 15.35 19.63
N ILE A 681 4.87 16.12 20.72
CA ILE A 681 4.03 15.85 21.89
C ILE A 681 3.21 17.10 22.13
N VAL A 682 1.95 17.11 21.70
CA VAL A 682 1.11 18.28 21.89
C VAL A 682 -0.15 17.92 22.66
N SER A 683 -1.03 17.10 22.08
CA SER A 683 -2.37 16.97 22.64
C SER A 683 -2.98 15.57 22.61
N ASN A 684 -2.27 14.57 22.14
CA ASN A 684 -2.82 13.21 22.16
C ASN A 684 -2.74 12.67 23.57
N PRO A 685 -3.83 12.11 24.12
CA PRO A 685 -3.73 11.52 25.46
C PRO A 685 -2.80 10.31 25.55
N LEU A 686 -2.84 9.41 24.56
CA LEU A 686 -1.98 8.23 24.60
C LEU A 686 -0.50 8.60 24.44
N CYS A 687 -0.22 9.66 23.67
CA CYS A 687 1.17 10.05 23.46
C CYS A 687 1.78 10.64 24.72
N ILE A 688 1.04 11.50 25.41
CA ILE A 688 1.53 12.10 26.64
C ILE A 688 1.64 11.04 27.74
N PHE A 689 0.68 10.10 27.76
CA PHE A 689 0.71 9.03 28.75
C PHE A 689 1.93 8.13 28.56
N LEU A 690 2.16 7.67 27.33
CA LEU A 690 3.31 6.82 27.09
C LEU A 690 4.63 7.58 27.21
N ALA A 691 4.61 8.91 27.09
CA ALA A 691 5.80 9.68 27.44
C ALA A 691 6.08 9.60 28.93
N ASP A 692 5.04 9.78 29.76
CA ASP A 692 5.22 9.71 31.21
C ASP A 692 5.67 8.32 31.64
N ARG A 693 5.10 7.29 31.01
CA ARG A 693 5.52 5.93 31.33
C ARG A 693 6.90 5.61 30.80
N LEU A 694 7.34 6.32 29.76
CA LEU A 694 8.72 6.18 29.30
C LEU A 694 9.69 6.77 30.30
N ASN A 695 9.30 7.88 30.93
CA ASN A 695 10.14 8.47 31.98
C ASN A 695 10.24 7.54 33.18
N LYS A 696 9.14 6.90 33.56
CA LYS A 696 9.21 5.99 34.69
C LYS A 696 9.96 4.70 34.33
N LEU A 697 9.95 4.33 33.05
CA LEU A 697 10.85 3.28 32.59
C LEU A 697 12.31 3.69 32.76
N PHE A 698 12.62 4.96 32.50
CA PHE A 698 13.98 5.44 32.73
C PHE A 698 14.34 5.43 34.21
N LEU A 699 13.36 5.62 35.10
CA LEU A 699 13.68 5.52 36.53
C LEU A 699 13.98 4.09 36.94
N VAL A 700 13.14 3.15 36.49
CA VAL A 700 13.32 1.74 36.89
C VAL A 700 14.61 1.18 36.30
N ALA A 701 14.92 1.56 35.06
CA ALA A 701 16.20 1.15 34.49
C ALA A 701 17.36 1.90 35.10
N LYS A 702 17.11 3.08 35.66
CA LYS A 702 18.17 3.82 36.36
C LYS A 702 18.51 3.17 37.68
N SER A 703 17.60 2.37 38.25
CA SER A 703 17.93 1.66 39.49
C SER A 703 19.03 0.61 39.34
N ASN A 704 19.36 0.18 38.13
CA ASN A 704 20.46 -0.74 37.92
C ASN A 704 21.53 -0.20 36.97
N GLY A 705 21.17 0.13 35.74
CA GLY A 705 22.14 0.57 34.75
C GLY A 705 22.42 2.06 34.85
N ALA A 706 23.58 2.47 34.35
CA ALA A 706 24.08 3.83 34.54
C ALA A 706 24.20 4.58 33.21
N LYS A 707 23.07 5.16 32.75
CA LYS A 707 23.08 6.14 31.67
C LYS A 707 22.06 7.25 31.87
N TYR A 708 21.43 7.38 33.05
CA TYR A 708 20.26 8.24 33.13
C TYR A 708 20.24 9.17 34.34
N PHE A 709 19.10 9.82 34.55
CA PHE A 709 18.89 10.83 35.59
C PHE A 709 17.79 10.39 36.56
N GLU A 710 17.34 11.36 37.35
CA GLU A 710 16.27 11.16 38.32
C GLU A 710 14.96 11.74 37.79
N MET B 1 -2.61 1.71 42.00
CA MET B 1 -1.54 1.05 41.26
C MET B 1 -1.39 1.64 39.86
N GLU B 2 -0.18 2.06 39.52
CA GLU B 2 0.06 2.53 38.17
C GLU B 2 0.36 1.34 37.26
N ILE B 3 0.38 1.56 35.96
CA ILE B 3 0.62 0.47 35.02
C ILE B 3 1.47 1.02 33.87
N ASN B 4 2.38 0.18 33.39
CA ASN B 4 3.40 0.60 32.44
C ASN B 4 3.68 -0.54 31.48
N PRO B 5 3.38 -0.39 30.19
CA PRO B 5 3.56 -1.50 29.25
C PRO B 5 4.98 -1.71 28.78
N TYR B 6 5.92 -0.83 29.10
CA TYR B 6 7.27 -0.91 28.56
C TYR B 6 8.19 -1.78 29.40
N LEU B 7 7.73 -2.30 30.53
CA LEU B 7 8.59 -2.97 31.48
C LEU B 7 9.03 -4.36 31.03
N LEU B 8 8.40 -4.88 29.98
CA LEU B 8 8.77 -6.17 29.40
C LEU B 8 10.21 -6.19 28.93
N MET B 9 10.74 -5.02 28.55
CA MET B 9 12.09 -4.87 28.07
C MET B 9 13.13 -4.93 29.17
N LEU B 10 12.73 -5.13 30.44
CA LEU B 10 13.73 -5.23 31.49
C LEU B 10 14.48 -6.54 31.46
N ASN B 11 13.85 -7.62 31.00
CA ASN B 11 14.52 -8.91 30.94
C ASN B 11 14.19 -9.64 29.65
N ASN B 12 14.12 -8.90 28.55
CA ASN B 12 14.00 -9.47 27.21
C ASN B 12 14.99 -8.72 26.32
N ASP B 13 14.86 -8.91 25.01
CA ASP B 13 15.64 -8.18 24.05
C ASP B 13 14.72 -7.30 23.22
N ILE B 14 15.31 -6.55 22.29
CA ILE B 14 14.52 -5.78 21.34
C ILE B 14 14.28 -6.57 20.05
N THR B 15 14.48 -7.88 20.08
CA THR B 15 14.04 -8.71 18.98
C THR B 15 12.64 -9.24 19.20
N SER B 16 12.14 -9.18 20.42
CA SER B 16 10.80 -9.63 20.73
C SER B 16 9.85 -8.51 21.11
N MET B 17 10.33 -7.51 21.85
CA MET B 17 9.52 -6.40 22.30
C MET B 17 9.61 -5.20 21.38
N ILE B 18 9.70 -5.42 20.08
CA ILE B 18 9.78 -4.31 19.15
C ILE B 18 8.59 -4.21 18.21
N SER B 19 7.83 -5.30 18.00
CA SER B 19 6.57 -5.18 17.28
C SER B 19 5.50 -4.48 18.12
N LEU B 20 5.72 -4.39 19.43
CA LEU B 20 4.82 -3.70 20.34
C LEU B 20 4.84 -2.18 20.14
N THR B 21 5.90 -1.64 19.55
CA THR B 21 6.05 -0.20 19.41
C THR B 21 5.78 0.30 18.00
N TYR B 22 5.00 -0.43 17.22
CA TYR B 22 4.56 0.04 15.91
C TYR B 22 3.09 0.40 15.96
N PRO B 23 2.68 1.60 15.57
CA PRO B 23 1.26 1.94 15.50
C PRO B 23 0.64 1.57 14.15
N TYR B 24 0.81 0.33 13.73
CA TYR B 24 0.31 -0.07 12.42
C TYR B 24 -1.14 -0.51 12.43
N THR B 25 -1.84 -0.48 13.56
CA THR B 25 -3.22 -0.93 13.58
C THR B 25 -4.21 0.21 13.41
N GLY B 26 -3.76 1.45 13.54
CA GLY B 26 -4.64 2.59 13.47
C GLY B 26 -4.72 3.16 12.07
N ALA B 27 -5.32 4.33 11.98
CA ALA B 27 -5.51 4.99 10.70
C ALA B 27 -4.19 5.59 10.22
N PRO B 28 -3.88 5.49 8.94
CA PRO B 28 -2.71 6.19 8.41
C PRO B 28 -3.01 7.67 8.29
N PRO B 29 -1.99 8.53 8.34
CA PRO B 29 -2.25 9.97 8.17
C PRO B 29 -2.56 10.32 6.74
N MET B 30 -3.56 11.16 6.54
CA MET B 30 -3.92 11.69 5.24
C MET B 30 -3.60 13.18 5.19
N SER B 31 -3.46 13.70 3.98
CA SER B 31 -3.30 15.14 3.78
C SER B 31 -4.66 15.74 3.41
N HIS B 32 -4.74 17.05 3.51
CA HIS B 32 -5.99 17.74 3.23
C HIS B 32 -5.71 19.03 2.47
N GLY B 33 -6.56 19.32 1.48
CA GLY B 33 -6.46 20.58 0.80
C GLY B 33 -5.36 20.61 -0.25
N THR B 34 -4.79 21.79 -0.45
CA THR B 34 -3.79 21.99 -1.48
C THR B 34 -2.43 21.50 -1.02
N SER B 35 -1.55 21.28 -1.99
CA SER B 35 -0.19 20.83 -1.76
C SER B 35 0.81 21.84 -2.31
N THR B 36 0.55 23.12 -2.09
CA THR B 36 1.41 24.17 -2.62
C THR B 36 2.57 24.48 -1.67
N LYS B 37 2.28 24.56 -0.36
CA LYS B 37 3.31 24.93 0.61
C LYS B 37 4.39 23.86 0.72
N TYR B 38 4.05 22.61 0.47
CA TYR B 38 5.05 21.55 0.53
C TYR B 38 6.00 21.63 -0.65
N SER B 39 5.46 21.96 -1.83
CA SER B 39 6.29 22.12 -3.01
C SER B 39 7.16 23.36 -2.93
N MET B 40 6.61 24.46 -2.41
CA MET B 40 7.40 25.69 -2.22
C MET B 40 8.47 25.49 -1.17
N GLU B 41 8.18 24.71 -0.14
CA GLU B 41 9.18 24.36 0.87
C GLU B 41 10.27 23.49 0.26
N THR B 42 9.92 22.63 -0.68
CA THR B 42 10.92 21.78 -1.32
C THR B 42 11.83 22.58 -2.26
N VAL B 43 11.25 23.49 -3.04
CA VAL B 43 12.06 24.25 -4.01
C VAL B 43 12.89 25.31 -3.31
N SER B 44 12.28 26.08 -2.41
CA SER B 44 13.04 27.10 -1.68
C SER B 44 14.06 26.46 -0.74
N ARG B 45 13.72 25.31 -0.17
CA ARG B 45 14.69 24.60 0.66
C ARG B 45 15.79 23.97 -0.19
N THR B 46 15.50 23.71 -1.48
CA THR B 46 16.56 23.28 -2.38
C THR B 46 17.53 24.42 -2.67
N TYR B 47 17.01 25.61 -2.97
CA TYR B 47 17.89 26.72 -3.30
C TYR B 47 18.64 27.25 -2.08
N SER B 48 18.10 27.07 -0.88
CA SER B 48 18.84 27.49 0.31
C SER B 48 20.04 26.59 0.59
N TYR B 49 20.06 25.37 0.06
CA TYR B 49 21.17 24.46 0.28
C TYR B 49 22.19 24.53 -0.84
N SER B 50 21.98 25.38 -1.84
CA SER B 50 22.89 25.46 -2.97
C SER B 50 24.19 26.18 -2.62
N ARG B 51 24.20 26.98 -1.54
CA ARG B 51 25.39 27.66 -1.01
C ARG B 51 26.01 28.62 -2.03
N THR B 52 25.20 29.25 -2.87
CA THR B 52 25.78 30.02 -3.96
C THR B 52 24.87 31.15 -4.38
N LYS B 53 25.36 31.93 -5.34
CA LYS B 53 24.60 33.02 -5.94
C LYS B 53 24.90 33.10 -7.43
N LYS B 54 25.74 32.21 -7.96
CA LYS B 54 26.25 32.31 -9.32
C LYS B 54 25.16 31.95 -10.33
N GLU B 55 24.60 32.97 -10.96
CA GLU B 55 23.53 32.80 -11.93
C GLU B 55 24.10 32.86 -13.34
N VAL B 56 23.57 32.03 -14.22
CA VAL B 56 23.94 32.01 -15.64
C VAL B 56 22.67 32.28 -16.44
N PRO B 57 22.67 33.23 -17.37
CA PRO B 57 21.47 33.48 -18.17
C PRO B 57 21.22 32.35 -19.15
N SER B 58 19.96 32.19 -19.54
CA SER B 58 19.52 31.14 -20.44
C SER B 58 18.98 31.72 -21.73
N GLY B 59 19.20 30.99 -22.82
CA GLY B 59 18.70 31.38 -24.12
C GLY B 59 17.48 30.59 -24.52
N ILE B 60 17.28 29.44 -23.89
CA ILE B 60 16.16 28.56 -24.19
C ILE B 60 14.93 29.03 -23.42
N PHE B 61 15.01 28.96 -22.10
CA PHE B 61 13.97 29.29 -21.13
C PHE B 61 14.02 30.77 -20.81
N PRO B 62 12.88 31.41 -20.51
CA PRO B 62 12.91 32.84 -20.21
C PRO B 62 13.26 33.16 -18.77
N ILE B 63 13.80 32.19 -18.04
CA ILE B 63 14.08 32.33 -16.62
C ILE B 63 15.58 32.12 -16.42
N GLU B 64 16.08 32.60 -15.28
CA GLU B 64 17.49 32.47 -14.97
C GLU B 64 17.83 31.04 -14.55
N ARG B 65 19.13 30.76 -14.52
CA ARG B 65 19.66 29.46 -14.15
C ARG B 65 20.72 29.65 -13.09
N ARG B 66 20.55 28.99 -11.95
CA ARG B 66 21.57 28.99 -10.90
C ARG B 66 22.32 27.67 -10.93
N LYS B 67 23.64 27.75 -10.89
CA LYS B 67 24.48 26.57 -10.98
C LYS B 67 24.63 25.88 -9.64
N PHE B 68 24.98 24.59 -9.69
CA PHE B 68 25.00 23.74 -8.51
C PHE B 68 26.31 22.98 -8.30
N CYS B 69 27.29 23.13 -9.18
CA CYS B 69 28.55 22.40 -9.03
C CYS B 69 29.74 23.34 -9.07
N ASN B 70 30.68 23.10 -8.16
CA ASN B 70 31.98 23.77 -8.02
C ASN B 70 31.87 25.26 -7.73
N THR B 71 30.70 25.77 -7.35
CA THR B 71 30.51 27.18 -7.07
C THR B 71 30.01 27.28 -5.63
N ILE B 72 30.93 27.27 -4.68
CA ILE B 72 30.57 27.23 -3.27
C ILE B 72 30.99 28.53 -2.62
N GLU B 73 30.15 29.02 -1.71
CA GLU B 73 30.49 30.15 -0.85
C GLU B 73 30.42 29.59 0.56
N ASP B 74 31.58 29.19 1.09
CA ASP B 74 31.64 28.37 2.30
C ASP B 74 31.29 29.23 3.50
N LYS B 75 30.08 29.05 4.02
CA LYS B 75 29.74 29.64 5.30
C LYS B 75 30.42 28.88 6.43
N GLU B 76 30.39 29.47 7.62
CA GLU B 76 30.91 28.78 8.79
C GLU B 76 30.03 27.58 9.15
N ASN B 77 28.74 27.67 8.91
CA ASN B 77 27.81 26.59 9.22
C ASN B 77 27.97 25.50 8.17
N LEU B 78 28.92 24.62 8.42
CA LEU B 78 29.11 23.45 7.57
C LEU B 78 28.26 22.27 8.01
N GLU B 79 27.89 22.20 9.29
CA GLU B 79 27.00 21.14 9.74
C GLU B 79 25.59 21.30 9.18
N LYS B 80 25.18 22.52 8.85
CA LYS B 80 23.98 22.71 8.06
C LYS B 80 24.20 22.11 6.67
N PRO B 81 23.17 21.47 6.09
CA PRO B 81 23.40 20.64 4.91
C PRO B 81 23.69 21.45 3.66
N ASN B 82 24.64 20.96 2.86
CA ASN B 82 25.02 21.59 1.60
C ASN B 82 24.52 20.78 0.41
N GLY B 83 24.36 21.47 -0.71
CA GLY B 83 23.94 20.84 -1.94
C GLY B 83 24.90 21.13 -3.07
N ASN B 84 26.19 21.10 -2.77
CA ASN B 84 27.22 21.44 -3.74
C ASN B 84 28.23 20.30 -3.80
N VAL B 85 28.52 19.85 -5.02
CA VAL B 85 29.32 18.64 -5.23
C VAL B 85 30.60 19.00 -5.95
N ASP B 86 31.73 18.49 -5.45
CA ASP B 86 33.01 18.61 -6.12
C ASP B 86 33.18 17.43 -7.07
N ILE B 87 33.34 17.72 -8.37
CA ILE B 87 33.31 16.66 -9.36
C ILE B 87 34.65 15.93 -9.46
N ASN B 88 35.76 16.62 -9.23
CA ASN B 88 37.05 15.95 -9.29
C ASN B 88 37.23 15.01 -8.12
N PHE B 89 36.56 15.32 -7.00
CA PHE B 89 36.62 14.44 -5.84
C PHE B 89 35.86 13.15 -6.08
N MET B 90 34.63 13.26 -6.60
CA MET B 90 33.83 12.05 -6.84
C MET B 90 34.33 11.25 -8.03
N LEU B 91 34.93 11.90 -9.03
CA LEU B 91 35.59 11.13 -10.07
C LEU B 91 36.85 10.46 -9.55
N SER B 92 37.53 11.09 -8.59
CA SER B 92 38.63 10.41 -7.92
C SER B 92 38.15 9.22 -7.12
N LEU B 93 36.94 9.29 -6.57
CA LEU B 93 36.39 8.13 -5.89
C LEU B 93 35.89 7.07 -6.87
N ALA B 94 35.55 7.47 -8.10
CA ALA B 94 35.17 6.48 -9.09
C ALA B 94 36.39 5.72 -9.60
N GLU B 95 37.48 6.45 -9.88
CA GLU B 95 38.73 5.82 -10.26
C GLU B 95 39.31 5.00 -9.12
N MET B 96 39.06 5.42 -7.88
CA MET B 96 39.43 4.60 -6.73
C MET B 96 38.49 3.41 -6.57
N LEU B 97 37.27 3.52 -7.09
CA LEU B 97 36.31 2.42 -6.99
C LEU B 97 36.63 1.30 -7.97
N GLU B 98 36.80 1.64 -9.25
CA GLU B 98 36.93 0.60 -10.26
C GLU B 98 38.28 -0.10 -10.21
N GLU B 99 39.24 0.41 -9.44
CA GLU B 99 40.47 -0.32 -9.19
C GLU B 99 40.35 -1.28 -8.02
N LYS B 100 39.19 -1.37 -7.38
CA LYS B 100 39.02 -2.34 -6.30
C LYS B 100 38.63 -3.72 -6.83
N MET B 101 37.68 -3.77 -7.76
CA MET B 101 37.29 -5.01 -8.40
C MET B 101 37.43 -4.86 -9.91
N GLY B 102 38.25 -5.72 -10.50
CA GLY B 102 38.42 -5.75 -11.95
C GLY B 102 39.14 -4.53 -12.50
N LYS B 103 39.27 -4.53 -13.83
CA LYS B 103 39.72 -3.37 -14.57
C LYS B 103 38.67 -2.88 -15.55
N GLY B 104 38.15 -3.78 -16.39
CA GLY B 104 37.09 -3.44 -17.32
C GLY B 104 35.73 -3.65 -16.70
N PHE B 105 35.45 -2.91 -15.62
CA PHE B 105 34.23 -3.09 -14.86
C PHE B 105 33.04 -2.40 -15.53
N PHE B 106 33.17 -1.10 -15.77
CA PHE B 106 32.07 -0.34 -16.36
C PHE B 106 31.87 -0.68 -17.83
N LYS B 107 32.90 -1.19 -18.51
CA LYS B 107 32.71 -1.68 -19.87
C LYS B 107 31.90 -2.97 -19.86
N PHE B 108 32.12 -3.83 -18.87
CA PHE B 108 31.40 -5.10 -18.79
C PHE B 108 29.94 -4.88 -18.40
N CYS B 109 29.71 -4.14 -17.32
CA CYS B 109 28.34 -3.88 -16.87
C CYS B 109 27.59 -3.00 -17.86
N ALA B 110 28.28 -2.04 -18.47
CA ALA B 110 27.63 -1.20 -19.46
C ALA B 110 27.33 -1.97 -20.74
N ASN B 111 28.15 -2.97 -21.08
CA ASN B 111 27.82 -3.78 -22.26
C ASN B 111 26.69 -4.76 -21.98
N GLU B 112 26.54 -5.22 -20.73
CA GLU B 112 25.38 -6.02 -20.40
C GLU B 112 24.11 -5.17 -20.43
N ALA B 113 24.21 -3.93 -19.96
CA ALA B 113 23.06 -3.02 -20.01
C ALA B 113 22.69 -2.71 -21.45
N GLU B 114 23.67 -2.45 -22.31
CA GLU B 114 23.38 -2.21 -23.72
C GLU B 114 22.87 -3.48 -24.40
N ALA B 115 23.26 -4.65 -23.90
CA ALA B 115 22.68 -5.89 -24.39
C ALA B 115 21.21 -6.02 -24.01
N GLU B 116 20.79 -5.44 -22.88
CA GLU B 116 19.38 -5.52 -22.54
C GLU B 116 18.55 -4.35 -23.04
N ILE B 117 19.18 -3.26 -23.49
CA ILE B 117 18.40 -2.13 -24.02
C ILE B 117 17.91 -2.45 -25.43
N LEU B 118 18.76 -3.05 -26.25
CA LEU B 118 18.44 -3.31 -27.64
C LEU B 118 17.35 -4.36 -27.83
N LYS B 119 17.10 -5.21 -26.84
CA LYS B 119 16.09 -6.26 -26.92
C LYS B 119 14.87 -5.89 -26.09
N MET B 120 14.53 -4.61 -26.06
CA MET B 120 13.42 -4.12 -25.27
C MET B 120 12.40 -3.46 -26.17
N HIS B 121 11.15 -3.82 -25.98
CA HIS B 121 10.03 -3.26 -26.70
C HIS B 121 9.39 -2.19 -25.81
N PHE B 122 8.76 -1.19 -26.43
CA PHE B 122 8.35 -0.06 -25.59
C PHE B 122 7.03 -0.29 -24.88
N SER B 123 6.41 -1.48 -25.02
CA SER B 123 5.30 -1.85 -24.15
C SER B 123 5.74 -2.01 -22.70
N LYS B 124 7.03 -2.18 -22.45
CA LYS B 124 7.58 -2.13 -21.09
C LYS B 124 7.34 -0.78 -20.43
N LEU B 125 7.13 0.30 -21.20
CA LEU B 125 6.73 1.57 -20.60
C LEU B 125 5.35 1.52 -19.96
N THR B 126 4.49 0.59 -20.35
CA THR B 126 3.15 0.57 -19.77
C THR B 126 3.07 -0.26 -18.50
N GLU B 127 4.14 -0.94 -18.11
CA GLU B 127 4.17 -1.65 -16.83
C GLU B 127 4.76 -0.76 -15.74
N GLY B 128 4.07 0.35 -15.48
CA GLY B 128 4.49 1.27 -14.46
C GLY B 128 3.35 1.83 -13.63
N ARG B 129 3.65 2.81 -12.80
CA ARG B 129 2.68 3.49 -11.97
C ARG B 129 2.06 4.64 -12.76
N GLN B 130 1.37 5.55 -12.07
CA GLN B 130 0.74 6.68 -12.76
C GLN B 130 1.78 7.64 -13.31
N THR B 131 1.40 8.36 -14.37
CA THR B 131 2.21 9.41 -14.98
C THR B 131 1.38 10.67 -15.19
N TYR B 132 2.03 11.69 -15.74
CA TYR B 132 1.42 12.98 -16.02
C TYR B 132 1.11 13.08 -17.50
N ASP B 133 -0.16 13.21 -17.83
CA ASP B 133 -0.59 13.44 -19.20
C ASP B 133 -0.70 14.93 -19.45
N TRP B 134 0.10 15.45 -20.38
CA TRP B 134 0.14 16.88 -20.61
C TRP B 134 -0.91 17.37 -21.59
N THR B 135 -1.61 16.44 -22.26
CA THR B 135 -2.67 16.86 -23.17
C THR B 135 -3.85 17.40 -22.40
N SER B 136 -4.27 16.70 -21.34
CA SER B 136 -5.31 17.20 -20.45
C SER B 136 -4.75 17.77 -19.15
N GLU B 137 -3.41 17.73 -18.98
CA GLU B 137 -2.70 18.20 -17.79
C GLU B 137 -3.23 17.51 -16.53
N ARG B 138 -3.33 16.19 -16.57
CA ARG B 138 -3.89 15.43 -15.47
C ARG B 138 -2.92 14.33 -15.09
N ASN B 139 -3.33 13.53 -14.12
CA ASN B 139 -2.63 12.31 -13.76
C ASN B 139 -3.40 11.14 -14.33
N MET B 140 -2.73 10.33 -15.15
CA MET B 140 -3.35 9.22 -15.85
C MET B 140 -2.50 7.98 -15.69
N PRO B 141 -3.04 6.79 -15.93
CA PRO B 141 -2.20 5.59 -15.99
C PRO B 141 -1.30 5.63 -17.22
N ALA B 142 -0.38 4.66 -17.26
CA ALA B 142 0.71 4.71 -18.23
C ALA B 142 0.22 4.48 -19.65
N ALA B 143 -0.77 3.60 -19.82
CA ALA B 143 -1.27 3.29 -21.15
C ALA B 143 -2.01 4.47 -21.76
N THR B 144 -2.77 5.20 -20.94
CA THR B 144 -3.53 6.32 -21.46
C THR B 144 -2.63 7.49 -21.83
N ALA B 145 -1.58 7.73 -21.03
CA ALA B 145 -0.66 8.81 -21.35
C ALA B 145 0.21 8.46 -22.55
N LEU B 146 0.62 7.19 -22.66
CA LEU B 146 1.40 6.78 -23.82
C LEU B 146 0.57 6.86 -25.08
N GLN B 147 -0.71 6.50 -24.99
CA GLN B 147 -1.57 6.52 -26.16
C GLN B 147 -1.95 7.93 -26.56
N LEU B 148 -2.07 8.85 -25.59
CA LEU B 148 -2.31 10.23 -25.97
C LEU B 148 -1.06 10.89 -26.54
N THR B 149 0.12 10.49 -26.08
CA THR B 149 1.35 11.03 -26.65
C THR B 149 1.55 10.55 -28.08
N VAL B 150 1.42 9.23 -28.30
CA VAL B 150 1.49 8.65 -29.64
C VAL B 150 0.35 9.17 -30.52
N ASP B 151 -0.79 9.49 -29.91
CA ASP B 151 -1.88 10.13 -30.65
C ASP B 151 -1.47 11.51 -31.12
N ALA B 152 -0.73 12.26 -30.28
CA ALA B 152 -0.25 13.56 -30.70
C ALA B 152 0.81 13.44 -31.79
N ILE B 153 1.60 12.37 -31.77
CA ILE B 153 2.60 12.17 -32.81
C ILE B 153 1.93 11.85 -34.15
N GLN B 154 1.08 10.83 -34.16
CA GLN B 154 0.44 10.41 -35.40
C GLN B 154 -0.58 11.41 -35.91
N GLU B 155 -1.06 12.32 -35.07
CA GLU B 155 -1.87 13.40 -35.60
C GLU B 155 -1.01 14.57 -36.09
N THR B 156 0.17 14.77 -35.49
CA THR B 156 0.94 15.96 -35.80
C THR B 156 1.63 15.88 -37.15
N GLN B 157 2.59 14.96 -37.31
CA GLN B 157 3.36 14.84 -38.55
C GLN B 157 3.68 13.37 -38.80
N GLY B 158 3.05 12.80 -39.83
CA GLY B 158 3.29 11.43 -40.18
C GLY B 158 2.63 10.46 -39.22
N THR B 159 3.01 9.19 -39.34
CA THR B 159 2.54 8.15 -38.43
C THR B 159 3.74 7.57 -37.68
N PHE B 160 3.46 6.62 -36.81
CA PHE B 160 4.48 5.98 -35.99
C PHE B 160 4.58 4.52 -36.38
N LYS B 161 5.79 4.09 -36.74
CA LYS B 161 6.07 2.70 -37.08
C LYS B 161 7.28 2.17 -36.32
N GLY B 162 7.55 2.69 -35.13
CA GLY B 162 8.77 2.39 -34.42
C GLY B 162 8.88 0.99 -33.84
N THR B 163 8.05 0.69 -32.84
CA THR B 163 8.00 -0.56 -32.09
C THR B 163 9.32 -0.93 -31.40
N THR B 164 10.19 0.03 -31.13
CA THR B 164 11.38 -0.19 -30.31
C THR B 164 11.55 0.98 -29.35
N MET B 165 12.49 0.82 -28.41
CA MET B 165 12.80 1.88 -27.46
C MET B 165 13.49 3.05 -28.15
N VAL B 166 14.53 2.74 -28.92
CA VAL B 166 15.43 3.75 -29.46
C VAL B 166 14.73 4.60 -30.51
N GLU B 167 13.85 3.98 -31.29
CA GLU B 167 13.12 4.75 -32.30
C GLU B 167 12.03 5.60 -31.67
N TYR B 168 11.51 5.21 -30.50
CA TYR B 168 10.57 6.09 -29.82
C TYR B 168 11.28 7.27 -29.18
N CYS B 169 12.48 7.04 -28.63
CA CYS B 169 13.28 8.14 -28.09
C CYS B 169 13.69 9.12 -29.20
N ASN B 170 14.10 8.58 -30.34
CA ASN B 170 14.40 9.40 -31.50
C ASN B 170 13.17 10.13 -32.01
N LYS B 171 11.99 9.54 -31.84
CA LYS B 171 10.77 10.24 -32.19
C LYS B 171 10.51 11.40 -31.23
N ILE B 172 10.85 11.22 -29.95
CA ILE B 172 10.68 12.32 -28.99
C ILE B 172 11.60 13.48 -29.33
N LEU B 173 12.87 13.19 -29.66
CA LEU B 173 13.79 14.27 -30.01
C LEU B 173 13.40 14.92 -31.33
N GLU B 174 12.81 14.15 -32.24
CA GLU B 174 12.24 14.74 -33.45
C GLU B 174 11.05 15.65 -33.12
N MET B 175 10.28 15.30 -32.09
CA MET B 175 9.23 16.22 -31.62
C MET B 175 9.83 17.48 -31.02
N MET B 176 11.03 17.39 -30.45
CA MET B 176 11.70 18.60 -29.99
C MET B 176 12.20 19.43 -31.17
N ASP B 177 12.43 18.82 -32.33
CA ASP B 177 12.79 19.63 -33.49
C ASP B 177 11.58 20.19 -34.25
N TRP B 178 10.37 19.81 -33.90
CA TRP B 178 9.22 20.27 -34.66
C TRP B 178 8.86 21.71 -34.31
N PRO B 179 8.48 22.52 -35.31
CA PRO B 179 8.07 23.90 -35.01
C PRO B 179 6.67 24.05 -34.48
N GLU B 180 5.80 23.04 -34.65
CA GLU B 180 4.42 23.15 -34.19
C GLU B 180 3.88 21.75 -33.93
N VAL B 181 3.17 21.58 -32.81
CA VAL B 181 2.64 20.29 -32.40
C VAL B 181 1.14 20.44 -32.19
N LYS B 182 0.36 19.52 -32.76
CA LYS B 182 -1.09 19.53 -32.63
C LYS B 182 -1.56 18.37 -31.77
N PHE B 183 -2.57 18.63 -30.93
CA PHE B 183 -3.21 17.60 -30.12
C PHE B 183 -4.70 17.91 -30.06
N LYS B 184 -5.42 17.23 -29.17
CA LYS B 184 -6.87 17.38 -29.09
C LYS B 184 -7.29 17.85 -27.70
N LYS B 185 -8.25 18.76 -27.67
CA LYS B 185 -8.84 19.31 -26.47
C LYS B 185 -10.34 19.05 -26.44
N VAL B 186 -10.94 19.38 -25.30
CA VAL B 186 -12.38 19.26 -25.12
C VAL B 186 -12.94 20.65 -24.84
N THR B 208 -17.44 17.05 -28.86
CA THR B 208 -16.63 17.96 -28.07
C THR B 208 -15.18 17.48 -28.01
N LEU B 209 -14.65 17.04 -29.14
CA LEU B 209 -13.23 16.70 -29.26
C LEU B 209 -12.65 17.58 -30.38
N MET B 210 -12.29 18.79 -30.02
CA MET B 210 -11.67 19.72 -30.94
C MET B 210 -10.18 19.44 -31.01
N ILE B 211 -9.53 20.00 -32.04
CA ILE B 211 -8.11 19.79 -32.28
C ILE B 211 -7.42 21.15 -32.25
N THR B 212 -6.46 21.29 -31.35
CA THR B 212 -5.71 22.53 -31.19
C THR B 212 -4.25 22.32 -31.55
N LYS B 213 -3.55 23.44 -31.69
CA LYS B 213 -2.13 23.46 -32.01
C LYS B 213 -1.39 24.23 -30.94
N ILE B 214 -0.06 24.08 -30.95
CA ILE B 214 0.80 24.73 -29.97
C ILE B 214 2.16 24.91 -30.62
N GLY B 215 2.88 25.94 -30.17
CA GLY B 215 4.12 26.35 -30.79
C GLY B 215 5.30 25.46 -30.48
N ARG B 216 6.50 26.05 -30.46
CA ARG B 216 7.72 25.29 -30.25
C ARG B 216 8.23 25.36 -28.82
N GLU B 217 8.40 26.56 -28.27
CA GLU B 217 8.96 26.69 -26.93
C GLU B 217 7.96 26.26 -25.85
N GLU B 218 6.66 26.34 -26.13
CA GLU B 218 5.68 25.87 -25.17
C GLU B 218 5.70 24.35 -25.05
N PHE B 219 6.00 23.66 -26.16
CA PHE B 219 6.19 22.22 -26.09
C PHE B 219 7.42 21.84 -25.29
N ILE B 220 8.48 22.65 -25.39
CA ILE B 220 9.69 22.40 -24.60
C ILE B 220 9.41 22.63 -23.13
N LYS B 221 8.63 23.66 -22.82
CA LYS B 221 8.22 23.90 -21.44
C LYS B 221 7.27 22.82 -20.93
N ARG B 222 6.57 22.12 -21.82
CA ARG B 222 5.57 21.17 -21.37
C ARG B 222 6.10 19.75 -21.27
N ILE B 223 7.11 19.38 -22.08
CA ILE B 223 7.67 18.04 -21.95
C ILE B 223 8.49 17.88 -20.67
N CYS B 224 9.03 18.97 -20.12
CA CYS B 224 9.84 18.90 -18.91
C CYS B 224 9.06 19.35 -17.69
N THR B 225 7.78 18.99 -17.63
CA THR B 225 6.90 19.36 -16.53
C THR B 225 6.70 18.15 -15.64
N ILE B 226 6.88 18.34 -14.34
CA ILE B 226 6.72 17.28 -13.34
C ILE B 226 5.64 17.71 -12.38
N ASN B 227 4.66 16.83 -12.14
CA ASN B 227 3.54 17.14 -11.28
C ASN B 227 3.87 16.75 -9.85
N THR B 228 3.54 17.63 -8.90
CA THR B 228 3.68 17.31 -7.49
C THR B 228 2.32 17.13 -6.84
N MET B 229 2.26 16.22 -5.88
CA MET B 229 1.08 16.00 -5.06
C MET B 229 1.55 15.67 -3.65
N ALA B 230 0.61 15.38 -2.76
CA ALA B 230 0.92 15.10 -1.38
C ALA B 230 0.95 13.60 -1.15
N LYS B 231 2.01 13.13 -0.50
CA LYS B 231 2.16 11.71 -0.20
C LYS B 231 1.17 11.32 0.88
N ASP B 232 0.19 10.50 0.52
CA ASP B 232 -0.89 10.11 1.41
C ASP B 232 -0.61 8.72 1.96
N GLY B 233 -0.75 8.58 3.27
CA GLY B 233 -0.62 7.27 3.89
C GLY B 233 0.80 6.78 4.02
N GLU B 234 1.64 7.55 4.70
CA GLU B 234 3.00 7.13 5.04
C GLU B 234 3.11 7.03 6.55
N ARG B 235 3.48 5.86 7.03
CA ARG B 235 3.68 5.67 8.46
C ARG B 235 5.06 6.17 8.87
N GLY B 236 5.10 7.23 9.67
CA GLY B 236 6.36 7.61 10.27
C GLY B 236 6.78 9.07 10.21
N LYS B 237 5.88 9.97 9.89
CA LYS B 237 6.23 11.39 9.85
C LYS B 237 5.15 12.21 10.54
N TYR B 238 5.58 13.27 11.23
CA TYR B 238 4.63 14.24 11.75
C TYR B 238 4.31 15.31 10.71
N LYS B 239 5.30 15.73 9.92
CA LYS B 239 5.09 16.71 8.88
C LYS B 239 4.93 16.01 7.54
N ARG B 240 4.18 16.63 6.65
CA ARG B 240 3.87 16.01 5.37
C ARG B 240 4.97 16.31 4.35
N ARG B 241 4.94 15.55 3.25
CA ARG B 241 5.96 15.61 2.23
C ARG B 241 5.28 15.64 0.86
N ALA B 242 5.90 16.35 -0.08
CA ALA B 242 5.42 16.41 -1.46
C ALA B 242 6.13 15.36 -2.29
N ILE B 243 5.37 14.49 -2.94
CA ILE B 243 5.90 13.50 -3.87
C ILE B 243 5.66 14.03 -5.27
N ALA B 244 6.48 13.62 -6.23
CA ALA B 244 6.38 14.10 -7.59
C ALA B 244 6.34 12.94 -8.58
N THR B 245 5.50 13.08 -9.60
CA THR B 245 5.37 12.13 -10.69
C THR B 245 5.77 12.81 -12.00
N PRO B 246 6.57 12.16 -12.83
CA PRO B 246 7.08 12.79 -14.05
C PRO B 246 6.07 12.71 -15.18
N GLY B 247 6.47 13.23 -16.34
CA GLY B 247 5.68 13.10 -17.55
C GLY B 247 5.91 11.76 -18.21
N MET B 248 5.67 11.71 -19.52
CA MET B 248 5.92 10.48 -20.26
C MET B 248 7.25 10.50 -20.99
N GLY B 249 7.68 11.65 -21.48
CA GLY B 249 8.94 11.77 -22.18
C GLY B 249 10.18 11.75 -21.33
N ILE B 250 10.08 11.33 -20.07
CA ILE B 250 11.23 11.25 -19.17
C ILE B 250 11.34 9.80 -18.72
N ARG B 251 10.21 9.09 -18.77
CA ARG B 251 10.16 7.70 -18.32
C ARG B 251 11.06 6.69 -19.05
N PRO B 252 11.17 6.64 -20.40
CA PRO B 252 12.00 5.57 -20.99
C PRO B 252 13.49 5.80 -20.80
N PHE B 253 13.93 7.05 -20.77
CA PHE B 253 15.32 7.35 -20.50
C PHE B 253 15.68 6.96 -19.07
N SER B 254 14.75 7.18 -18.14
CA SER B 254 14.92 6.72 -16.77
C SER B 254 14.91 5.20 -16.68
N LYS B 255 14.20 4.53 -17.59
CA LYS B 255 14.28 3.08 -17.63
C LYS B 255 15.65 2.63 -18.11
N ILE B 256 16.24 3.39 -19.04
CA ILE B 256 17.60 3.09 -19.52
C ILE B 256 18.61 3.21 -18.37
N VAL B 257 18.57 4.32 -17.64
CA VAL B 257 19.54 4.56 -16.58
C VAL B 257 19.31 3.60 -15.41
N GLU B 258 18.06 3.29 -15.08
CA GLU B 258 17.81 2.33 -14.01
C GLU B 258 18.15 0.90 -14.42
N THR B 259 18.16 0.58 -15.72
CA THR B 259 18.70 -0.73 -16.10
C THR B 259 20.22 -0.77 -15.96
N LEU B 260 20.89 0.31 -16.37
CA LEU B 260 22.35 0.37 -16.25
C LEU B 260 22.79 0.32 -14.79
N ALA B 261 22.29 1.25 -13.98
CA ALA B 261 22.62 1.27 -12.56
C ALA B 261 22.06 0.08 -11.81
N GLN B 262 21.00 -0.55 -12.34
CA GLN B 262 20.53 -1.79 -11.76
C GLN B 262 21.56 -2.90 -11.95
N LYS B 263 22.18 -2.96 -13.12
CA LYS B 263 23.23 -3.96 -13.33
C LYS B 263 24.48 -3.64 -12.50
N ILE B 264 24.79 -2.36 -12.32
CA ILE B 264 25.95 -2.00 -11.49
C ILE B 264 25.70 -2.37 -10.04
N CYS B 265 24.50 -2.10 -9.52
CA CYS B 265 24.20 -2.46 -8.13
C CYS B 265 24.07 -3.97 -7.94
N GLU B 266 23.63 -4.70 -8.97
CA GLU B 266 23.64 -6.15 -8.85
C GLU B 266 25.05 -6.71 -8.89
N ARG B 267 25.98 -6.01 -9.52
CA ARG B 267 27.34 -6.54 -9.56
C ARG B 267 28.12 -6.22 -8.28
N LEU B 268 27.82 -5.09 -7.62
CA LEU B 268 28.53 -4.73 -6.41
C LEU B 268 28.12 -5.62 -5.24
N ALA B 269 28.91 -5.54 -4.16
CA ALA B 269 28.74 -6.45 -3.03
C ALA B 269 28.62 -5.72 -1.70
N GLU B 270 28.49 -4.41 -1.70
CA GLU B 270 28.25 -3.63 -0.50
C GLU B 270 27.02 -2.75 -0.69
N SER B 271 25.99 -3.33 -1.31
CA SER B 271 24.70 -2.68 -1.50
C SER B 271 23.62 -3.67 -1.11
N GLY B 272 22.39 -3.17 -1.01
CA GLY B 272 21.30 -4.02 -0.58
C GLY B 272 19.96 -3.81 -1.25
N LEU B 273 19.93 -3.28 -2.47
CA LEU B 273 18.63 -2.94 -3.06
C LEU B 273 17.84 -4.09 -3.70
N PRO B 274 18.39 -4.93 -4.61
CA PRO B 274 17.49 -5.89 -5.27
C PRO B 274 17.01 -7.01 -4.37
N VAL B 275 17.93 -7.63 -3.62
CA VAL B 275 17.69 -8.76 -2.71
C VAL B 275 17.01 -9.94 -3.43
N GLU B 279 20.60 -9.99 -0.51
CA GLU B 279 19.80 -10.84 0.38
C GLU B 279 19.56 -10.09 1.68
N LYS B 280 20.48 -9.17 1.98
CA LYS B 280 20.43 -8.12 3.02
C LYS B 280 20.63 -8.70 4.41
N LYS B 281 20.73 -10.01 4.54
CA LYS B 281 21.02 -10.62 5.83
C LYS B 281 22.29 -11.46 5.83
N ALA B 282 22.67 -12.05 4.71
CA ALA B 282 23.91 -12.81 4.63
C ALA B 282 25.12 -11.91 4.39
N LYS B 283 24.92 -10.78 3.70
CA LYS B 283 26.02 -9.85 3.45
C LYS B 283 26.54 -9.24 4.73
N LEU B 284 25.64 -8.95 5.67
CA LEU B 284 26.07 -8.40 6.95
C LEU B 284 26.76 -9.45 7.81
N LYS B 285 26.37 -10.72 7.67
CA LYS B 285 27.10 -11.77 8.38
C LYS B 285 28.49 -11.99 7.80
N THR B 286 28.64 -11.90 6.48
CA THR B 286 29.95 -12.05 5.89
C THR B 286 30.84 -10.84 6.13
N THR B 287 30.28 -9.63 6.24
CA THR B 287 31.15 -8.50 6.52
C THR B 287 31.44 -8.34 8.01
N VAL B 288 30.55 -8.80 8.89
CA VAL B 288 30.84 -8.77 10.32
C VAL B 288 31.86 -9.85 10.66
N SER B 289 31.69 -11.06 10.13
CA SER B 289 32.69 -12.09 10.39
C SER B 289 33.99 -11.81 9.65
N SER B 290 33.92 -11.24 8.45
CA SER B 290 35.13 -11.05 7.66
C SER B 290 35.94 -9.87 8.16
N THR B 291 35.28 -8.78 8.53
CA THR B 291 36.01 -7.67 9.11
C THR B 291 36.30 -7.85 10.59
N ASN B 292 35.64 -8.80 11.25
CA ASN B 292 36.10 -9.23 12.56
C ASN B 292 37.22 -10.26 12.48
N SER B 293 37.50 -10.80 11.29
CA SER B 293 38.69 -11.62 11.10
C SER B 293 39.88 -10.80 10.62
N LYS B 294 39.81 -9.47 10.70
CA LYS B 294 40.86 -8.58 10.21
C LYS B 294 41.31 -7.61 11.30
N LEU B 295 41.47 -8.11 12.51
CA LEU B 295 41.82 -7.26 13.65
C LEU B 295 43.22 -7.60 14.15
N GLN B 296 43.92 -6.56 14.59
CA GLN B 296 45.24 -6.70 15.19
C GLN B 296 45.09 -6.89 16.70
N GLU B 297 46.20 -6.74 17.43
CA GLU B 297 46.21 -6.97 18.86
C GLU B 297 45.56 -5.86 19.66
N GLY B 298 45.33 -4.69 19.08
CA GLY B 298 44.77 -3.60 19.84
C GLY B 298 43.59 -2.90 19.18
N GLN B 299 43.28 -3.27 17.94
CA GLN B 299 42.19 -2.62 17.22
C GLN B 299 40.85 -3.23 17.59
N PHE B 300 39.78 -2.49 17.29
CA PHE B 300 38.42 -2.94 17.54
C PHE B 300 37.47 -2.28 16.56
N MET B 301 36.19 -2.63 16.69
CA MET B 301 35.12 -2.28 15.77
C MET B 301 33.99 -1.60 16.50
N VAL B 302 33.48 -0.52 15.92
CA VAL B 302 32.34 0.24 16.43
C VAL B 302 31.41 0.53 15.28
N ASN B 303 30.15 0.13 15.41
CA ASN B 303 29.17 0.38 14.37
C ASN B 303 28.33 1.60 14.69
N ILE B 304 27.96 2.32 13.64
CA ILE B 304 27.19 3.54 13.70
C ILE B 304 26.03 3.40 12.74
N THR B 305 24.82 3.47 13.29
CA THR B 305 23.59 3.53 12.53
C THR B 305 23.28 4.98 12.21
N GLY B 306 23.06 5.26 10.93
CA GLY B 306 22.75 6.59 10.46
C GLY B 306 21.44 6.65 9.70
N ASP B 307 21.12 7.87 9.29
CA ASP B 307 19.95 8.13 8.45
C ASP B 307 20.26 9.42 7.73
N ASN B 308 20.62 9.32 6.45
CA ASN B 308 21.03 10.49 5.69
C ASN B 308 19.80 11.35 5.39
N SER B 309 19.76 12.54 5.98
CA SER B 309 18.60 13.40 5.88
C SER B 309 18.78 14.39 4.74
N LYS B 310 17.63 14.91 4.27
CA LYS B 310 17.55 15.83 3.13
C LYS B 310 18.18 15.21 1.89
N TRP B 311 17.81 13.96 1.63
CA TRP B 311 18.42 13.19 0.57
C TRP B 311 17.90 13.58 -0.80
N ASN B 312 16.66 14.05 -0.88
CA ASN B 312 16.05 14.34 -2.15
C ASN B 312 16.23 15.78 -2.58
N GLU B 313 17.01 16.56 -1.83
CA GLU B 313 17.39 17.90 -2.22
C GLU B 313 18.89 18.09 -2.22
N CYS B 314 19.66 17.01 -2.10
CA CYS B 314 21.11 17.09 -2.09
C CYS B 314 21.75 16.16 -3.11
N GLN B 315 21.00 15.70 -4.10
CA GLN B 315 21.55 14.96 -5.22
C GLN B 315 21.32 15.80 -6.48
N GLN B 316 22.38 16.41 -6.97
CA GLN B 316 22.15 17.20 -8.17
C GLN B 316 22.38 16.35 -9.41
N PRO B 317 21.61 16.56 -10.49
CA PRO B 317 21.75 15.71 -11.67
C PRO B 317 23.00 15.98 -12.50
N GLU B 318 23.68 17.09 -12.25
CA GLU B 318 24.90 17.40 -12.99
C GLU B 318 26.02 16.45 -12.62
N ALA B 319 26.07 16.03 -11.37
CA ALA B 319 27.02 14.99 -10.97
C ALA B 319 26.68 13.65 -11.60
N TYR B 320 25.39 13.41 -11.86
CA TYR B 320 25.00 12.24 -12.61
C TYR B 320 25.36 12.38 -14.08
N LEU B 321 25.46 13.61 -14.58
CA LEU B 321 25.94 13.80 -15.94
C LEU B 321 27.44 13.53 -16.01
N ALA B 322 28.17 13.89 -14.95
CA ALA B 322 29.62 13.64 -14.94
C ALA B 322 29.93 12.16 -14.79
N MET B 323 29.29 11.52 -13.81
CA MET B 323 29.55 10.09 -13.62
C MET B 323 28.96 9.27 -14.75
N LEU B 324 27.78 9.65 -15.26
CA LEU B 324 27.23 8.98 -16.43
C LEU B 324 28.01 9.27 -17.70
N ALA B 325 28.81 10.33 -17.73
CA ALA B 325 29.79 10.46 -18.80
C ALA B 325 31.05 9.66 -18.50
N TYR B 326 31.27 9.26 -17.26
CA TYR B 326 32.47 8.50 -16.92
C TYR B 326 32.28 6.99 -17.04
N ILE B 327 31.06 6.49 -16.83
CA ILE B 327 30.84 5.04 -16.84
C ILE B 327 30.89 4.51 -18.27
N THR B 328 30.33 5.26 -19.22
CA THR B 328 30.24 4.84 -20.61
C THR B 328 31.36 5.44 -21.46
N LYS B 329 32.58 5.53 -20.91
CA LYS B 329 33.67 6.15 -21.65
C LYS B 329 34.11 5.28 -22.82
N ASP B 330 34.08 3.95 -22.65
CA ASP B 330 34.33 3.01 -23.75
C ASP B 330 33.22 1.97 -23.71
N SER B 331 32.06 2.31 -24.28
CA SER B 331 30.99 1.34 -24.49
C SER B 331 30.57 1.24 -25.94
N SER B 332 30.21 2.37 -26.55
CA SER B 332 29.55 2.42 -27.85
C SER B 332 29.53 3.88 -28.28
N ASN B 333 28.83 4.17 -29.38
CA ASN B 333 28.49 5.54 -29.71
C ASN B 333 27.03 5.85 -29.44
N LEU B 334 26.16 4.84 -29.47
CA LEU B 334 24.76 5.04 -29.14
C LEU B 334 24.55 5.19 -27.64
N MET B 335 25.21 4.34 -26.84
CA MET B 335 24.99 4.35 -25.40
C MET B 335 25.60 5.59 -24.77
N LYS B 336 26.69 6.09 -25.35
CA LYS B 336 27.37 7.27 -24.82
C LYS B 336 26.53 8.52 -24.97
N ASP B 337 25.68 8.59 -25.98
CA ASP B 337 24.78 9.72 -26.17
C ASP B 337 23.39 9.45 -25.63
N LEU B 338 23.04 8.19 -25.37
CA LEU B 338 21.70 7.85 -24.93
C LEU B 338 21.56 7.87 -23.42
N CYS B 339 22.66 7.76 -22.69
CA CYS B 339 22.65 7.87 -21.24
C CYS B 339 23.06 9.27 -20.76
N SER B 340 22.85 10.29 -21.59
CA SER B 340 23.20 11.66 -21.22
C SER B 340 22.09 12.61 -21.63
N VAL B 341 20.85 12.17 -21.46
CA VAL B 341 19.68 12.98 -21.80
C VAL B 341 18.78 13.19 -20.58
N ALA B 342 18.51 12.11 -19.84
CA ALA B 342 17.72 12.23 -18.61
C ALA B 342 18.37 13.07 -17.52
N PRO B 343 19.71 13.06 -17.30
CA PRO B 343 20.29 14.15 -16.50
C PRO B 343 20.05 15.53 -17.09
N THR B 344 20.10 15.70 -18.41
CA THR B 344 19.86 17.02 -18.98
C THR B 344 18.40 17.42 -18.87
N LEU B 345 17.50 16.45 -18.86
CA LEU B 345 16.10 16.77 -18.59
C LEU B 345 15.84 16.98 -17.12
N PHE B 346 16.71 16.47 -16.25
CA PHE B 346 16.61 16.75 -14.82
C PHE B 346 17.31 18.03 -14.42
N CYS B 347 18.10 18.64 -15.30
CA CYS B 347 18.79 19.88 -14.98
C CYS B 347 17.94 21.11 -15.21
N ASN B 348 16.77 20.97 -15.82
CA ASN B 348 15.91 22.11 -16.10
C ASN B 348 14.43 21.77 -15.95
N LYS B 349 14.09 21.01 -14.91
CA LYS B 349 12.72 20.54 -14.78
C LYS B 349 11.81 21.63 -14.22
N TYR B 350 10.59 21.70 -14.73
CA TYR B 350 9.59 22.53 -14.10
C TYR B 350 8.88 21.73 -13.02
N VAL B 351 8.18 22.43 -12.14
CA VAL B 351 7.44 21.81 -11.06
C VAL B 351 6.06 22.43 -11.00
N LYS B 352 5.02 21.59 -11.08
CA LYS B 352 3.67 22.07 -10.84
C LYS B 352 3.52 22.49 -9.39
N MET B 353 2.93 23.66 -9.16
CA MET B 353 2.90 24.25 -7.83
C MET B 353 1.61 23.96 -7.09
N GLY B 354 1.01 22.80 -7.34
CA GLY B 354 -0.27 22.48 -6.75
C GLY B 354 -1.39 23.30 -7.36
N GLN B 355 -2.34 23.74 -6.54
CA GLN B 355 -3.50 24.45 -7.06
C GLN B 355 -3.86 25.67 -6.23
N GLY B 356 -2.93 26.18 -5.43
CA GLY B 356 -3.10 27.50 -4.87
C GLY B 356 -3.51 27.55 -3.41
N PHE B 357 -4.32 28.55 -3.07
CA PHE B 357 -4.77 28.74 -1.71
C PHE B 357 -6.15 29.41 -1.75
N ARG B 358 -6.72 29.62 -0.57
CA ARG B 358 -8.06 30.13 -0.43
C ARG B 358 -8.06 31.32 0.51
N ALA B 359 -8.90 32.31 0.22
CA ALA B 359 -9.01 33.49 1.05
C ALA B 359 -10.42 33.59 1.61
N LYS B 360 -10.53 34.26 2.77
CA LYS B 360 -11.83 34.40 3.41
C LYS B 360 -11.86 35.73 4.14
N ASN B 361 -13.08 36.21 4.39
CA ASN B 361 -13.28 37.50 5.02
C ASN B 361 -13.11 37.38 6.54
N LYS B 362 -13.41 38.47 7.25
CA LYS B 362 -13.30 38.47 8.71
C LYS B 362 -14.38 37.58 9.33
N ARG B 363 -15.54 37.49 8.69
CA ARG B 363 -16.64 36.72 9.23
C ARG B 363 -16.57 35.25 8.87
N LYS B 364 -15.61 34.85 8.03
CA LYS B 364 -15.38 33.46 7.60
C LYS B 364 -16.61 32.86 6.92
N THR B 365 -17.16 33.59 5.96
CA THR B 365 -18.37 33.16 5.27
C THR B 365 -18.17 32.94 3.79
N LYS B 366 -17.65 33.93 3.06
CA LYS B 366 -17.32 33.77 1.66
C LYS B 366 -15.83 33.57 1.50
N GLU B 367 -15.45 32.54 0.76
CA GLU B 367 -14.08 32.03 0.69
C GLU B 367 -13.71 31.82 -0.77
N ILE B 368 -12.98 32.78 -1.34
CA ILE B 368 -12.59 32.69 -2.74
C ILE B 368 -11.39 31.75 -2.90
N VAL B 369 -11.21 31.25 -4.11
CA VAL B 369 -10.12 30.32 -4.43
C VAL B 369 -9.19 31.02 -5.41
N ILE B 370 -7.91 31.06 -5.07
CA ILE B 370 -6.87 31.60 -5.94
C ILE B 370 -5.98 30.44 -6.38
N PRO B 371 -5.90 30.15 -7.68
CA PRO B 371 -5.08 29.04 -8.15
C PRO B 371 -3.62 29.44 -8.25
N ALA B 372 -2.83 28.59 -8.89
CA ALA B 372 -1.41 28.83 -9.05
C ALA B 372 -1.11 29.82 -10.16
N LYS B 373 -2.08 30.17 -11.00
CA LYS B 373 -1.83 31.14 -12.07
C LYS B 373 -1.73 32.55 -11.49
N LYS B 374 -2.78 32.99 -10.80
CA LYS B 374 -2.90 34.38 -10.36
C LYS B 374 -2.27 34.63 -9.01
N MET B 375 -1.29 33.79 -8.63
CA MET B 375 -0.65 33.94 -7.33
C MET B 375 0.30 35.13 -7.31
N LYS B 376 0.84 35.49 -8.48
CA LYS B 376 1.69 36.67 -8.57
C LYS B 376 0.88 37.95 -8.40
N GLU B 377 -0.32 37.99 -8.97
CA GLU B 377 -1.13 39.21 -8.90
C GLU B 377 -1.73 39.43 -7.51
N ARG B 378 -2.20 38.36 -6.86
CA ARG B 378 -2.84 38.45 -5.56
C ARG B 378 -1.87 38.15 -4.44
N LYS B 379 -0.63 38.64 -4.57
CA LYS B 379 0.43 38.35 -3.62
C LYS B 379 0.16 38.94 -2.24
N GLU B 380 -0.62 40.02 -2.16
CA GLU B 380 -0.84 40.73 -0.91
C GLU B 380 -1.95 40.14 -0.05
N LEU B 381 -2.29 38.87 -0.27
CA LEU B 381 -3.36 38.22 0.49
C LEU B 381 -2.85 36.95 1.18
N MET B 382 -1.58 36.93 1.53
CA MET B 382 -0.89 35.75 2.01
C MET B 382 -0.46 35.94 3.46
N ASN B 383 0.11 34.90 4.03
CA ASN B 383 0.52 34.93 5.44
C ASN B 383 1.96 35.42 5.56
N ALA B 384 2.53 35.30 6.75
CA ALA B 384 3.96 35.56 6.90
C ALA B 384 4.78 34.45 6.24
N GLU B 385 4.38 33.20 6.46
CA GLU B 385 5.14 32.07 5.93
C GLU B 385 4.99 31.95 4.42
N TRP B 386 3.80 32.25 3.90
CA TRP B 386 3.57 32.15 2.46
C TRP B 386 4.31 33.25 1.71
N ARG B 387 4.42 34.45 2.30
CA ARG B 387 5.21 35.49 1.66
C ARG B 387 6.70 35.28 1.82
N ASP B 388 7.13 34.72 2.96
CA ASP B 388 8.56 34.43 3.14
C ASP B 388 9.02 33.33 2.20
N LEU B 389 8.20 32.29 2.03
CA LEU B 389 8.54 31.27 1.06
C LEU B 389 8.36 31.74 -0.38
N PHE B 390 7.50 32.73 -0.61
CA PHE B 390 7.21 33.12 -1.98
C PHE B 390 8.16 34.18 -2.51
N GLU B 391 8.76 35.00 -1.65
CA GLU B 391 9.70 35.99 -2.14
C GLU B 391 11.07 35.41 -2.46
N THR B 392 11.39 34.22 -1.98
CA THR B 392 12.65 33.57 -2.30
C THR B 392 12.52 32.57 -3.45
N ILE B 393 11.36 32.53 -4.10
CA ILE B 393 11.11 31.59 -5.18
C ILE B 393 10.63 32.42 -6.37
N GLU B 394 10.44 33.72 -6.12
CA GLU B 394 9.89 34.62 -7.15
C GLU B 394 10.71 34.78 -8.43
N PRO B 395 12.05 34.95 -8.43
CA PRO B 395 12.75 35.03 -9.72
C PRO B 395 12.92 33.72 -10.46
N TYR B 396 12.21 32.66 -10.08
CA TYR B 396 12.30 31.37 -10.75
C TYR B 396 10.95 30.83 -11.17
N MET B 397 9.88 31.61 -11.01
CA MET B 397 8.53 31.17 -11.32
C MET B 397 8.15 31.50 -12.75
N ASP B 398 7.51 30.54 -13.41
CA ASP B 398 6.86 30.75 -14.70
C ASP B 398 5.41 31.14 -14.40
N GLY B 399 4.51 30.97 -15.38
CA GLY B 399 3.11 31.28 -15.13
C GLY B 399 2.47 30.32 -14.14
N GLU B 400 2.58 29.01 -14.40
CA GLU B 400 1.99 28.01 -13.53
C GLU B 400 3.01 27.20 -12.76
N CYS B 401 4.23 27.07 -13.27
CA CYS B 401 5.18 26.10 -12.77
C CYS B 401 6.33 26.84 -12.09
N CYS B 402 7.34 26.08 -11.71
CA CYS B 402 8.57 26.64 -11.19
C CYS B 402 9.74 26.00 -11.91
N PHE B 403 10.88 26.67 -11.85
CA PHE B 403 12.10 26.19 -12.47
C PHE B 403 12.96 25.61 -11.36
N LEU B 404 13.16 24.30 -11.37
CA LEU B 404 14.13 23.67 -10.50
C LEU B 404 15.19 23.01 -11.35
N GLY B 405 16.44 23.13 -10.93
CA GLY B 405 17.54 22.58 -11.72
C GLY B 405 18.52 21.72 -10.96
N GLY B 406 18.24 21.43 -9.70
CA GLY B 406 19.19 20.65 -8.92
C GLY B 406 18.55 19.63 -8.01
N GLY B 407 17.24 19.52 -8.07
CA GLY B 407 16.56 18.60 -7.20
C GLY B 407 16.51 17.21 -7.77
N MET B 408 16.37 16.23 -6.88
CA MET B 408 16.21 14.83 -7.25
C MET B 408 15.05 14.30 -6.41
N LEU B 409 13.84 14.48 -6.92
CA LEU B 409 12.64 14.21 -6.14
C LEU B 409 12.36 12.71 -6.08
N MET B 410 11.28 12.35 -5.40
CA MET B 410 10.91 10.95 -5.28
C MET B 410 10.28 10.46 -6.57
N GLY B 411 10.54 9.20 -6.91
CA GLY B 411 10.01 8.62 -8.13
C GLY B 411 10.94 8.81 -9.32
N MET B 412 12.23 8.62 -9.07
CA MET B 412 13.29 8.93 -10.03
C MET B 412 14.40 7.91 -9.82
N PHE B 413 15.62 8.29 -10.22
CA PHE B 413 16.84 7.51 -10.06
C PHE B 413 17.04 7.08 -8.62
N ASN B 414 16.81 5.80 -8.35
CA ASN B 414 16.94 5.26 -7.00
C ASN B 414 18.15 4.37 -6.85
N MET B 415 18.45 3.57 -7.87
CA MET B 415 19.60 2.68 -7.83
C MET B 415 20.87 3.33 -8.33
N LEU B 416 20.90 4.65 -8.47
CA LEU B 416 22.11 5.35 -8.87
C LEU B 416 22.77 6.07 -7.71
N SER B 417 22.00 6.56 -6.75
CA SER B 417 22.57 7.22 -5.58
C SER B 417 23.20 6.21 -4.63
N THR B 418 22.71 4.98 -4.64
CA THR B 418 23.30 3.91 -3.85
C THR B 418 24.71 3.60 -4.32
N VAL B 419 24.98 3.82 -5.62
CA VAL B 419 26.34 3.72 -6.14
C VAL B 419 27.24 4.79 -5.52
N PHE B 420 26.71 6.01 -5.31
CA PHE B 420 27.46 7.02 -4.56
C PHE B 420 27.72 6.56 -3.13
N GLY B 421 26.76 5.83 -2.55
CA GLY B 421 26.98 5.29 -1.23
C GLY B 421 28.11 4.28 -1.18
N VAL B 422 28.19 3.42 -2.19
CA VAL B 422 29.29 2.46 -2.27
C VAL B 422 30.60 3.19 -2.55
N MET B 423 30.55 4.30 -3.28
CA MET B 423 31.76 5.09 -3.54
C MET B 423 32.28 5.78 -2.28
N THR B 424 31.39 6.27 -1.42
CA THR B 424 31.86 6.82 -0.16
C THR B 424 32.35 5.74 0.77
N LEU B 425 31.75 4.56 0.69
CA LEU B 425 32.16 3.45 1.54
C LEU B 425 33.35 2.66 0.99
N ASN B 426 33.95 3.09 -0.11
CA ASN B 426 35.17 2.49 -0.63
C ASN B 426 36.27 3.52 -0.79
N TYR B 427 36.41 4.40 0.19
CA TYR B 427 37.45 5.42 0.20
C TYR B 427 38.71 4.86 0.82
N ARG B 428 39.86 5.22 0.25
CA ARG B 428 41.16 4.78 0.73
C ARG B 428 42.03 6.01 0.97
N GLU B 429 42.44 6.21 2.22
CA GLU B 429 43.15 7.41 2.61
C GLU B 429 44.65 7.35 2.38
N GLU B 430 45.21 6.15 2.24
CA GLU B 430 46.66 6.01 2.13
C GLU B 430 47.03 5.14 0.94
N ARG B 435 49.25 2.70 12.08
CA ARG B 435 47.92 3.22 11.83
C ARG B 435 46.93 2.07 11.64
N ASN B 436 46.62 1.81 10.37
CA ASN B 436 45.72 0.73 9.92
C ASN B 436 44.35 0.85 10.57
N CYS B 437 43.69 1.98 10.31
CA CYS B 437 42.35 2.23 10.80
C CYS B 437 41.46 2.58 9.62
N TYR B 438 40.34 1.88 9.50
CA TYR B 438 39.51 2.07 8.30
C TYR B 438 38.08 1.72 8.62
N TRP B 439 37.22 1.80 7.60
CA TRP B 439 35.79 1.59 7.81
C TRP B 439 35.22 0.84 6.61
N THR B 440 34.05 0.25 6.83
CA THR B 440 33.27 -0.38 5.77
C THR B 440 31.79 -0.26 6.15
N GLY B 441 30.92 -0.98 5.45
CA GLY B 441 29.52 -0.95 5.85
C GLY B 441 28.53 -1.40 4.81
N LEU B 442 27.35 -0.79 4.79
CA LEU B 442 26.30 -1.20 3.87
C LEU B 442 25.36 -0.02 3.64
N GLN B 443 24.85 0.08 2.41
CA GLN B 443 24.12 1.24 1.93
C GLN B 443 22.76 0.81 1.40
N SER B 444 21.79 1.70 1.55
CA SER B 444 20.46 1.55 0.98
C SER B 444 20.13 2.92 0.37
N SER B 445 18.84 3.17 0.11
CA SER B 445 18.42 4.43 -0.51
C SER B 445 18.83 5.64 0.32
N ASP B 446 18.49 5.64 1.61
CA ASP B 446 19.04 6.65 2.50
C ASP B 446 19.34 6.10 3.89
N ASP B 447 19.65 4.81 4.00
CA ASP B 447 19.93 4.16 5.27
C ASP B 447 21.26 3.42 5.13
N PHE B 448 22.19 3.68 6.04
CA PHE B 448 23.49 3.01 6.01
C PHE B 448 23.83 2.46 7.38
N VAL B 449 24.69 1.44 7.40
CA VAL B 449 25.32 0.95 8.63
C VAL B 449 26.82 0.99 8.40
N LEU B 450 27.53 1.70 9.26
CA LEU B 450 28.97 1.88 9.08
C LEU B 450 29.73 1.17 10.19
N PHE B 451 30.74 0.40 9.82
CA PHE B 451 31.61 -0.30 10.77
C PHE B 451 32.97 0.37 10.76
N CYS B 452 33.46 0.74 11.93
CA CYS B 452 34.76 1.38 12.05
C CYS B 452 35.72 0.49 12.82
N ILE B 453 36.98 0.46 12.38
CA ILE B 453 38.04 -0.29 13.02
C ILE B 453 39.18 0.67 13.31
N SER B 454 39.54 0.80 14.58
CA SER B 454 40.63 1.69 14.99
C SER B 454 41.22 1.19 16.30
N ARG B 455 42.02 2.03 16.95
CA ARG B 455 42.71 1.65 18.18
C ARG B 455 42.27 2.46 19.39
N THR B 456 42.16 3.78 19.27
CA THR B 456 41.75 4.63 20.38
C THR B 456 40.59 5.51 19.95
N TRP B 457 39.94 6.09 20.94
CA TRP B 457 38.74 6.90 20.77
C TRP B 457 38.96 8.30 20.16
N PRO B 458 40.06 9.03 20.44
CA PRO B 458 40.31 10.22 19.60
C PRO B 458 40.65 9.87 18.16
N GLU B 459 41.24 8.69 17.91
CA GLU B 459 41.38 8.22 16.54
C GLU B 459 40.02 7.89 15.94
N MET B 460 39.08 7.42 16.77
CA MET B 460 37.71 7.25 16.31
C MET B 460 37.09 8.60 15.95
N GLU B 461 37.43 9.65 16.69
CA GLU B 461 37.00 11.00 16.29
C GLU B 461 37.61 11.38 14.94
N MET B 462 38.87 10.98 14.72
CA MET B 462 39.53 11.29 13.46
C MET B 462 38.87 10.57 12.29
N THR B 463 38.63 9.27 12.42
CA THR B 463 38.11 8.51 11.29
C THR B 463 36.65 8.82 11.03
N ILE B 464 35.84 8.98 12.08
CA ILE B 464 34.43 9.29 11.88
C ILE B 464 34.28 10.70 11.31
N LEU B 465 35.12 11.64 11.77
CA LEU B 465 35.10 12.95 11.13
C LEU B 465 35.67 12.93 9.73
N LYS B 466 36.50 11.94 9.38
CA LYS B 466 36.87 11.78 7.97
C LYS B 466 35.70 11.26 7.15
N PHE B 467 34.86 10.39 7.74
CA PHE B 467 33.72 9.87 6.99
C PHE B 467 32.67 10.95 6.77
N ILE B 468 32.43 11.78 7.78
CA ILE B 468 31.52 12.91 7.60
C ILE B 468 32.16 13.96 6.69
N ALA B 469 33.49 13.97 6.62
CA ALA B 469 34.18 14.86 5.69
C ALA B 469 33.97 14.42 4.25
N VAL B 470 34.17 13.13 3.95
CA VAL B 470 34.03 12.66 2.58
C VAL B 470 32.57 12.67 2.13
N CYS B 471 31.65 12.34 3.04
CA CYS B 471 30.23 12.46 2.70
C CYS B 471 29.82 13.91 2.52
N LYS B 472 30.40 14.81 3.31
CA LYS B 472 30.03 16.21 3.22
C LYS B 472 30.61 16.86 1.96
N LEU B 473 31.79 16.41 1.53
CA LEU B 473 32.34 16.89 0.27
C LEU B 473 31.56 16.38 -0.92
N MET B 474 31.22 15.09 -0.92
CA MET B 474 30.65 14.51 -2.12
C MET B 474 29.18 14.90 -2.29
N GLY B 475 28.51 15.28 -1.22
CA GLY B 475 27.15 15.79 -1.35
C GLY B 475 26.14 14.97 -0.60
N ILE B 476 26.59 14.26 0.42
CA ILE B 476 25.73 13.38 1.23
C ILE B 476 25.75 13.88 2.66
N ASN B 477 24.60 14.31 3.16
CA ASN B 477 24.50 14.89 4.49
C ASN B 477 24.01 13.83 5.47
N MET B 478 24.88 13.43 6.39
CA MET B 478 24.46 12.59 7.49
C MET B 478 23.77 13.43 8.53
N SER B 479 22.64 12.94 9.02
CA SER B 479 21.93 13.64 10.10
C SER B 479 22.54 13.24 11.43
N LEU B 480 22.78 14.23 12.28
CA LEU B 480 23.43 14.00 13.56
C LEU B 480 22.46 13.57 14.65
N GLU B 481 21.17 13.81 14.47
CA GLU B 481 20.18 13.52 15.50
C GLU B 481 19.74 12.06 15.49
N LYS B 482 19.76 11.41 14.34
CA LYS B 482 19.24 10.06 14.18
C LYS B 482 20.38 9.08 13.94
N SER B 483 21.46 9.24 14.69
CA SER B 483 22.66 8.44 14.48
C SER B 483 23.22 8.04 15.83
N TYR B 484 23.75 6.82 15.90
CA TYR B 484 24.33 6.31 17.12
C TYR B 484 25.28 5.19 16.77
N GLY B 485 25.86 4.57 17.79
CA GLY B 485 26.73 3.43 17.55
C GLY B 485 27.07 2.72 18.84
N CYS B 486 27.51 1.47 18.70
CA CYS B 486 27.95 0.67 19.83
C CYS B 486 29.17 -0.13 19.38
N LEU B 487 29.71 -0.95 20.27
CA LEU B 487 30.84 -1.76 19.80
C LEU B 487 30.36 -2.97 18.99
N PRO B 488 29.52 -3.91 19.51
CA PRO B 488 29.20 -5.07 18.67
C PRO B 488 28.03 -4.75 17.76
N GLU B 489 27.46 -5.79 17.15
CA GLU B 489 26.25 -5.66 16.33
C GLU B 489 25.05 -5.34 17.21
N LEU B 490 24.62 -4.08 17.18
CA LEU B 490 23.35 -3.66 17.77
C LEU B 490 22.75 -2.53 16.91
N PHE B 491 22.70 -2.75 15.60
CA PHE B 491 22.41 -1.69 14.66
C PHE B 491 21.01 -1.82 14.06
N GLU B 492 20.71 -0.95 13.09
CA GLU B 492 19.39 -0.79 12.49
C GLU B 492 19.53 -0.51 11.00
N PHE B 493 18.82 -1.25 10.17
CA PHE B 493 18.96 -1.10 8.72
C PHE B 493 17.66 -1.51 8.05
N THR B 494 16.96 -0.54 7.47
CA THR B 494 15.62 -0.69 6.87
C THR B 494 14.66 -1.38 7.82
N SER B 495 14.64 -0.88 9.07
CA SER B 495 13.73 -1.30 10.13
C SER B 495 13.86 -2.78 10.50
N MET B 496 15.06 -3.34 10.41
CA MET B 496 15.33 -4.67 10.93
C MET B 496 16.41 -4.54 11.99
N PHE B 497 16.02 -4.65 13.26
CA PHE B 497 16.94 -4.34 14.35
C PHE B 497 17.77 -5.58 14.64
N PHE B 498 19.03 -5.58 14.24
CA PHE B 498 19.88 -6.75 14.44
C PHE B 498 20.53 -6.64 15.81
N SER B 499 20.24 -7.59 16.68
CA SER B 499 20.85 -7.63 18.00
C SER B 499 22.13 -8.45 17.94
N GLY B 500 22.62 -8.88 19.10
CA GLY B 500 23.89 -9.59 19.15
C GLY B 500 23.86 -10.95 18.49
N ASP B 501 22.72 -11.60 18.48
CA ASP B 501 22.64 -12.87 17.77
C ASP B 501 21.42 -12.96 16.86
N PHE B 502 20.30 -12.39 17.27
CA PHE B 502 19.01 -12.66 16.64
C PHE B 502 18.61 -11.51 15.73
N VAL B 503 17.51 -11.72 15.00
CA VAL B 503 17.04 -10.81 13.96
C VAL B 503 15.55 -10.58 14.16
N SER B 504 15.15 -9.32 14.28
CA SER B 504 13.74 -8.97 14.28
C SER B 504 13.25 -8.81 12.85
N ASN B 505 11.98 -9.14 12.63
CA ASN B 505 11.40 -9.16 11.29
C ASN B 505 10.64 -7.88 10.98
N ILE B 506 10.32 -7.70 9.71
CA ILE B 506 9.73 -6.46 9.23
C ILE B 506 8.27 -6.43 9.65
N ALA B 507 7.86 -5.35 10.30
CA ALA B 507 6.48 -5.20 10.75
C ALA B 507 5.60 -4.93 9.55
N LEU B 508 4.75 -5.90 9.24
CA LEU B 508 3.95 -5.91 8.03
C LEU B 508 2.72 -5.01 8.16
N GLU B 509 2.19 -4.60 7.02
CA GLU B 509 0.88 -4.00 6.97
C GLU B 509 -0.18 -5.07 7.17
N LEU B 510 -1.08 -4.82 8.11
CA LEU B 510 -2.31 -5.60 8.26
C LEU B 510 -3.31 -5.52 7.10
N PRO B 511 -3.63 -4.35 6.50
CA PRO B 511 -4.64 -4.35 5.43
C PRO B 511 -4.25 -5.05 4.15
N ALA B 512 -3.02 -5.55 4.02
CA ALA B 512 -2.71 -6.43 2.91
C ALA B 512 -3.42 -7.78 3.00
N PHE B 513 -4.03 -8.10 4.15
CA PHE B 513 -4.80 -9.34 4.24
C PHE B 513 -6.09 -9.27 3.43
N THR B 514 -6.75 -8.10 3.38
CA THR B 514 -8.02 -7.94 2.67
C THR B 514 -7.97 -6.73 1.73
N THR B 515 -7.46 -6.93 0.52
CA THR B 515 -7.62 -5.94 -0.55
C THR B 515 -7.98 -6.57 -1.89
N ALA B 516 -8.64 -7.73 -1.89
CA ALA B 516 -9.03 -8.32 -3.17
C ALA B 516 -10.36 -7.74 -3.65
N GLY B 517 -11.45 -8.05 -2.93
CA GLY B 517 -12.78 -7.49 -3.14
C GLY B 517 -13.39 -7.53 -4.52
N MET B 518 -13.40 -8.70 -5.17
CA MET B 518 -13.96 -8.82 -6.51
C MET B 518 -14.94 -9.96 -6.69
N ASN B 519 -14.98 -10.95 -5.81
CA ASN B 519 -15.67 -12.18 -6.08
C ASN B 519 -15.90 -12.91 -4.76
N GLU B 520 -16.90 -13.77 -4.74
CA GLU B 520 -17.07 -14.71 -3.63
C GLU B 520 -16.13 -15.90 -3.74
N GLY B 521 -15.33 -15.98 -4.81
CA GLY B 521 -14.43 -17.09 -5.01
C GLY B 521 -12.97 -16.70 -5.03
N THR B 522 -12.67 -15.43 -5.34
CA THR B 522 -11.30 -14.94 -5.37
C THR B 522 -11.00 -14.00 -4.22
N ASP B 523 -11.58 -14.28 -3.04
CA ASP B 523 -11.23 -13.56 -1.84
C ASP B 523 -10.57 -14.44 -0.80
N PHE B 524 -11.19 -15.58 -0.46
CA PHE B 524 -10.64 -16.40 0.62
C PHE B 524 -9.38 -17.14 0.16
N THR B 525 -9.34 -17.56 -1.09
CA THR B 525 -8.11 -18.15 -1.62
C THR B 525 -7.03 -17.11 -1.79
N ALA B 526 -7.39 -15.86 -2.12
CA ALA B 526 -6.40 -14.79 -2.16
C ALA B 526 -5.86 -14.49 -0.77
N ALA B 527 -6.72 -14.59 0.25
CA ALA B 527 -6.26 -14.38 1.61
C ALA B 527 -5.34 -15.51 2.06
N MET B 528 -5.62 -16.75 1.63
CA MET B 528 -4.66 -17.82 1.90
C MET B 528 -3.36 -17.62 1.14
N SER B 529 -3.41 -16.99 -0.04
CA SER B 529 -2.17 -16.72 -0.75
C SER B 529 -1.33 -15.66 -0.03
N VAL B 530 -1.98 -14.62 0.51
CA VAL B 530 -1.24 -13.58 1.21
C VAL B 530 -0.71 -14.11 2.55
N ILE B 531 -1.45 -14.99 3.21
CA ILE B 531 -0.92 -15.62 4.43
C ILE B 531 0.24 -16.55 4.11
N ARG B 532 0.22 -17.20 2.94
CA ARG B 532 1.35 -18.04 2.55
C ARG B 532 2.59 -17.20 2.28
N THR B 533 2.45 -16.10 1.52
CA THR B 533 3.61 -15.30 1.16
C THR B 533 4.15 -14.50 2.34
N ASN B 534 3.29 -14.09 3.27
CA ASN B 534 3.80 -13.49 4.50
C ASN B 534 4.34 -14.54 5.46
N MET B 535 3.96 -15.80 5.31
CA MET B 535 4.56 -16.81 6.19
C MET B 535 5.95 -17.18 5.71
N ILE B 536 6.14 -17.23 4.39
CA ILE B 536 7.45 -17.61 3.87
C ILE B 536 8.44 -16.47 3.99
N ASN B 537 8.06 -15.26 3.57
CA ASN B 537 9.00 -14.15 3.53
C ASN B 537 9.28 -13.61 4.94
N ASN B 538 8.26 -13.08 5.61
CA ASN B 538 8.42 -12.57 6.96
C ASN B 538 8.34 -13.74 7.94
N GLY B 539 8.36 -13.46 9.23
CA GLY B 539 8.41 -14.53 10.22
C GLY B 539 7.12 -15.31 10.35
N LEU B 540 6.12 -14.67 10.97
CA LEU B 540 4.73 -15.10 11.02
C LEU B 540 4.58 -16.54 11.54
N SER B 541 4.90 -16.69 12.82
CA SER B 541 4.77 -17.89 13.63
C SER B 541 3.36 -18.48 13.52
N PRO B 542 3.15 -19.81 13.66
CA PRO B 542 1.98 -20.44 13.04
C PRO B 542 0.63 -20.07 13.63
N GLY B 543 0.53 -19.90 14.94
CA GLY B 543 -0.75 -19.56 15.54
C GLY B 543 -1.24 -18.18 15.15
N THR B 544 -0.32 -17.28 14.82
CA THR B 544 -0.69 -16.02 14.21
C THR B 544 -1.31 -16.23 12.83
N ALA B 545 -0.82 -17.21 12.09
CA ALA B 545 -1.36 -17.47 10.76
C ALA B 545 -2.73 -18.13 10.82
N LEU B 546 -2.93 -19.03 11.79
CA LEU B 546 -4.26 -19.59 12.01
C LEU B 546 -5.23 -18.53 12.49
N MET B 547 -4.74 -17.59 13.32
CA MET B 547 -5.59 -16.50 13.79
C MET B 547 -5.96 -15.56 12.67
N ALA B 548 -5.01 -15.22 11.80
CA ALA B 548 -5.30 -14.32 10.70
C ALA B 548 -6.15 -14.97 9.64
N LEU B 549 -5.99 -16.28 9.46
CA LEU B 549 -6.86 -17.05 8.58
C LEU B 549 -8.30 -17.04 9.09
N ARG B 550 -8.47 -17.20 10.41
CA ARG B 550 -9.82 -17.29 10.95
C ARG B 550 -10.50 -15.93 10.99
N ILE B 551 -9.72 -14.87 11.22
CA ILE B 551 -10.27 -13.52 11.19
C ILE B 551 -10.63 -13.10 9.77
N CYS B 552 -9.79 -13.44 8.78
CA CYS B 552 -10.14 -13.13 7.40
C CYS B 552 -11.30 -13.98 6.90
N LEU B 553 -11.45 -15.19 7.45
CA LEU B 553 -12.68 -15.96 7.24
C LEU B 553 -13.90 -15.21 7.75
N GLN B 554 -13.80 -14.64 8.95
CA GLN B 554 -14.96 -13.95 9.53
C GLN B 554 -15.29 -12.67 8.77
N GLU B 555 -14.28 -11.96 8.28
CA GLU B 555 -14.55 -10.76 7.49
C GLU B 555 -15.12 -11.11 6.13
N PHE B 556 -14.74 -12.27 5.57
CA PHE B 556 -15.36 -12.73 4.34
C PHE B 556 -16.83 -13.05 4.55
N ARG B 557 -17.15 -13.78 5.62
CA ARG B 557 -18.53 -14.15 5.90
C ARG B 557 -19.38 -12.92 6.20
N ALA B 558 -18.86 -12.00 7.01
CA ALA B 558 -19.63 -10.81 7.33
C ALA B 558 -19.72 -9.84 6.17
N THR B 559 -18.79 -9.92 5.22
CA THR B 559 -18.90 -9.06 4.05
C THR B 559 -19.93 -9.59 3.06
N TYR B 560 -19.91 -10.88 2.79
CA TYR B 560 -20.80 -11.46 1.77
C TYR B 560 -22.04 -12.12 2.37
N ARG B 561 -22.31 -11.91 3.66
CA ARG B 561 -23.59 -12.24 4.30
C ARG B 561 -23.90 -13.73 4.31
N VAL B 562 -22.88 -14.58 4.27
CA VAL B 562 -23.09 -16.02 4.22
C VAL B 562 -22.54 -16.64 5.50
N HIS B 563 -23.40 -17.28 6.26
CA HIS B 563 -23.09 -17.80 7.58
C HIS B 563 -23.34 -19.30 7.62
N PRO B 564 -22.76 -20.03 8.59
CA PRO B 564 -22.96 -21.48 8.62
C PRO B 564 -24.39 -21.89 8.88
N TYR B 565 -24.68 -23.14 8.49
CA TYR B 565 -26.04 -23.66 8.55
C TYR B 565 -26.50 -23.90 9.98
N ASP B 566 -25.59 -24.28 10.88
CA ASP B 566 -25.94 -24.44 12.28
C ASP B 566 -25.99 -23.13 13.05
N SER B 567 -25.63 -22.02 12.44
CA SER B 567 -25.78 -20.73 13.08
C SER B 567 -27.24 -20.31 13.10
N GLY B 568 -27.53 -19.25 13.84
CA GLY B 568 -28.90 -18.81 13.97
C GLY B 568 -29.23 -17.59 13.13
N VAL B 569 -28.43 -17.34 12.09
CA VAL B 569 -28.62 -16.17 11.25
C VAL B 569 -29.80 -16.41 10.32
N LYS B 570 -30.72 -15.45 10.25
CA LYS B 570 -31.88 -15.53 9.37
C LYS B 570 -31.97 -14.23 8.57
N ASN B 571 -31.29 -14.17 7.44
CA ASN B 571 -31.38 -13.05 6.52
C ASN B 571 -31.92 -13.55 5.18
N HIS B 572 -31.80 -12.73 4.14
CA HIS B 572 -32.36 -13.11 2.85
C HIS B 572 -31.56 -14.20 2.14
N ARG B 573 -30.34 -14.53 2.59
CA ARG B 573 -29.60 -15.62 1.98
C ARG B 573 -29.50 -16.86 2.85
N MET B 574 -29.82 -16.78 4.14
CA MET B 574 -29.84 -17.96 4.97
C MET B 574 -31.21 -18.60 5.08
N LYS B 575 -32.26 -17.95 4.56
CA LYS B 575 -33.57 -18.58 4.55
C LYS B 575 -33.62 -19.68 3.51
N ILE B 576 -32.97 -19.48 2.36
CA ILE B 576 -32.90 -20.49 1.32
C ILE B 576 -32.03 -21.65 1.78
N ILE B 577 -30.88 -21.34 2.39
CA ILE B 577 -29.95 -22.38 2.83
C ILE B 577 -30.54 -23.15 4.00
N ARG B 578 -31.27 -22.46 4.87
CA ARG B 578 -31.94 -23.17 5.97
C ARG B 578 -33.12 -23.99 5.46
N LYS B 579 -33.76 -23.56 4.38
CA LYS B 579 -34.88 -24.34 3.84
C LYS B 579 -34.38 -25.55 3.06
N PHE B 580 -33.31 -25.41 2.29
CA PHE B 580 -32.91 -26.43 1.33
C PHE B 580 -31.72 -27.25 1.82
N ILE B 581 -31.49 -27.31 3.13
CA ILE B 581 -30.38 -28.08 3.66
C ILE B 581 -30.71 -29.57 3.72
N GLU B 582 -32.00 -29.93 3.63
CA GLU B 582 -32.38 -31.33 3.69
C GLU B 582 -31.99 -32.10 2.44
N THR B 583 -31.82 -31.41 1.31
CA THR B 583 -31.51 -32.07 0.05
C THR B 583 -30.06 -32.53 -0.02
N ILE B 584 -29.16 -31.84 0.66
CA ILE B 584 -27.75 -32.20 0.65
C ILE B 584 -27.52 -33.39 1.57
N GLU B 585 -26.89 -34.43 1.03
CA GLU B 585 -26.63 -35.62 1.82
C GLU B 585 -25.46 -35.41 2.78
N ASN B 586 -24.27 -35.18 2.25
CA ASN B 586 -23.08 -35.03 3.06
C ASN B 586 -22.89 -33.54 3.34
N LYS B 587 -23.07 -33.15 4.60
CA LYS B 587 -23.25 -31.74 4.94
C LYS B 587 -21.95 -30.96 5.01
N ASP B 588 -20.82 -31.61 5.29
CA ASP B 588 -19.54 -30.92 5.41
C ASP B 588 -18.81 -30.80 4.09
N GLY B 589 -19.54 -30.72 2.98
CA GLY B 589 -18.96 -30.54 1.67
C GLY B 589 -19.43 -29.27 0.98
N LEU B 590 -20.25 -28.49 1.67
CA LEU B 590 -20.75 -27.24 1.11
C LEU B 590 -19.63 -26.21 1.04
N LEU B 591 -19.82 -25.22 0.17
CA LEU B 591 -18.83 -24.16 0.05
C LEU B 591 -18.99 -23.15 1.17
N ILE B 592 -17.89 -22.42 1.43
CA ILE B 592 -17.90 -21.35 2.41
C ILE B 592 -18.74 -20.18 1.91
N SER B 593 -18.78 -19.98 0.60
CA SER B 593 -19.70 -19.01 0.02
C SER B 593 -21.15 -19.48 0.04
N ASP B 594 -21.43 -20.73 0.41
CA ASP B 594 -22.80 -21.25 0.43
C ASP B 594 -23.18 -21.85 1.78
N GLY B 595 -22.47 -21.50 2.83
CA GLY B 595 -22.89 -21.91 4.16
C GLY B 595 -22.24 -23.18 4.65
N GLY B 596 -20.97 -23.37 4.31
CA GLY B 596 -20.20 -24.48 4.82
C GLY B 596 -19.23 -24.01 5.89
N LYS B 597 -18.66 -24.98 6.58
CA LYS B 597 -17.70 -24.67 7.63
C LYS B 597 -16.31 -24.54 7.03
N LEU B 598 -15.29 -24.39 7.86
CA LEU B 598 -13.93 -24.17 7.40
C LEU B 598 -13.18 -25.48 7.37
N MET B 599 -12.53 -25.77 6.24
CA MET B 599 -11.74 -26.99 6.11
C MET B 599 -10.28 -26.74 5.79
N ASN B 600 -9.91 -25.55 5.32
CA ASN B 600 -8.50 -25.25 5.13
C ASN B 600 -7.82 -25.07 6.48
N ASN B 601 -6.53 -25.36 6.51
CA ASN B 601 -5.76 -25.30 7.74
C ASN B 601 -4.45 -24.60 7.41
N ILE B 602 -3.47 -24.66 8.32
CA ILE B 602 -2.15 -24.12 8.02
C ILE B 602 -1.45 -24.98 6.97
N SER B 603 -1.56 -26.31 7.10
CA SER B 603 -0.98 -27.22 6.13
C SER B 603 -1.83 -27.41 4.88
N SER B 604 -2.77 -26.51 4.63
CA SER B 604 -3.59 -26.56 3.43
C SER B 604 -3.78 -25.18 2.83
N LEU B 605 -2.79 -24.30 2.99
CA LEU B 605 -2.93 -22.95 2.48
C LEU B 605 -2.66 -22.83 1.00
N HIS B 606 -2.06 -23.86 0.39
CA HIS B 606 -1.70 -23.83 -1.02
C HIS B 606 -2.74 -24.50 -1.91
N ILE B 607 -3.80 -25.04 -1.34
CA ILE B 607 -4.89 -25.67 -2.08
C ILE B 607 -6.14 -24.82 -1.87
N PRO B 608 -6.86 -24.46 -2.93
CA PRO B 608 -8.08 -23.67 -2.76
C PRO B 608 -9.21 -24.45 -2.11
N GLU B 609 -10.29 -23.74 -1.82
CA GLU B 609 -11.40 -24.33 -1.08
C GLU B 609 -12.18 -25.35 -1.91
N GLU B 610 -12.44 -25.02 -3.18
CA GLU B 610 -13.26 -25.88 -4.03
C GLU B 610 -12.55 -27.19 -4.31
N ILE B 611 -11.27 -27.10 -4.66
CA ILE B 611 -10.48 -28.26 -5.03
C ILE B 611 -10.23 -29.15 -3.81
N LEU B 612 -10.25 -28.57 -2.62
CA LEU B 612 -10.21 -29.41 -1.44
C LEU B 612 -11.56 -30.09 -1.19
N LYS B 613 -12.66 -29.45 -1.59
CA LYS B 613 -13.98 -29.97 -1.24
C LYS B 613 -14.62 -30.87 -2.29
N GLU B 614 -14.08 -30.98 -3.50
CA GLU B 614 -14.81 -31.67 -4.57
C GLU B 614 -14.80 -33.19 -4.46
N ASP B 615 -14.12 -33.77 -3.46
CA ASP B 615 -14.19 -35.20 -3.26
C ASP B 615 -15.33 -35.61 -2.36
N LEU B 616 -16.11 -34.65 -1.85
CA LEU B 616 -17.17 -34.95 -0.91
C LEU B 616 -18.51 -34.30 -1.25
N MET B 617 -18.61 -33.57 -2.35
CA MET B 617 -19.86 -32.91 -2.68
C MET B 617 -20.90 -33.90 -3.19
N ASP B 618 -22.16 -33.55 -3.01
CA ASP B 618 -23.23 -34.32 -3.63
C ASP B 618 -23.25 -34.03 -5.14
N PRO B 619 -23.54 -35.05 -5.96
CA PRO B 619 -23.41 -34.87 -7.41
C PRO B 619 -24.43 -33.94 -8.02
N SER B 620 -25.61 -33.82 -7.41
CA SER B 620 -26.54 -32.78 -7.83
C SER B 620 -26.00 -31.39 -7.46
N TYR B 621 -25.37 -31.29 -6.30
CA TYR B 621 -24.79 -30.02 -5.89
C TYR B 621 -23.55 -29.69 -6.70
N ARG B 622 -22.67 -30.67 -6.93
CA ARG B 622 -21.45 -30.40 -7.68
C ARG B 622 -21.75 -30.14 -9.15
N ASN B 623 -22.67 -30.91 -9.74
CA ASN B 623 -23.06 -30.66 -11.12
C ASN B 623 -23.94 -29.43 -11.24
N ARG B 624 -24.49 -28.93 -10.14
CA ARG B 624 -25.32 -27.73 -10.17
C ARG B 624 -24.48 -26.46 -10.00
N VAL B 625 -23.45 -26.51 -9.16
CA VAL B 625 -22.59 -25.34 -8.93
C VAL B 625 -21.74 -25.04 -10.14
N PHE B 626 -21.11 -26.08 -10.69
CA PHE B 626 -20.08 -25.93 -11.71
C PHE B 626 -20.63 -25.92 -13.12
N ASN B 627 -21.90 -25.60 -13.29
CA ASN B 627 -22.50 -25.56 -14.62
C ASN B 627 -22.03 -24.30 -15.34
N PRO B 628 -21.38 -24.41 -16.50
CA PRO B 628 -21.00 -23.21 -17.25
C PRO B 628 -22.17 -22.49 -17.90
N ARG B 629 -23.34 -23.12 -17.98
CA ARG B 629 -24.55 -22.42 -18.41
C ARG B 629 -25.21 -21.82 -17.18
N ASN B 630 -24.70 -20.67 -16.76
CA ASN B 630 -25.22 -19.94 -15.62
C ASN B 630 -25.50 -18.50 -15.99
N PRO B 631 -26.48 -17.86 -15.34
CA PRO B 631 -26.81 -16.47 -15.72
C PRO B 631 -25.82 -15.42 -15.23
N PHE B 632 -24.78 -15.79 -14.50
CA PHE B 632 -23.87 -14.82 -13.91
C PHE B 632 -22.51 -14.78 -14.59
N THR B 633 -21.84 -15.92 -14.72
CA THR B 633 -20.49 -15.95 -15.27
C THR B 633 -20.47 -15.82 -16.78
N GLN B 634 -21.51 -16.27 -17.46
CA GLN B 634 -21.61 -16.08 -18.90
C GLN B 634 -22.13 -14.68 -19.21
N PHE B 635 -21.92 -14.26 -20.45
CA PHE B 635 -22.34 -12.94 -20.90
C PHE B 635 -22.52 -12.92 -22.41
N ALA B 655 -5.39 -17.49 -8.84
CA ALA B 655 -6.10 -18.18 -9.92
C ALA B 655 -6.87 -19.38 -9.36
N VAL B 656 -8.20 -19.28 -9.35
CA VAL B 656 -9.07 -20.35 -8.87
C VAL B 656 -10.20 -20.56 -9.88
N VAL B 657 -11.09 -21.48 -9.54
CA VAL B 657 -12.16 -21.91 -10.43
C VAL B 657 -13.24 -20.84 -10.45
N SER B 658 -13.75 -20.53 -11.64
CA SER B 658 -14.81 -19.54 -11.80
C SER B 658 -16.16 -20.25 -11.74
N THR B 659 -16.83 -20.18 -10.59
CA THR B 659 -18.23 -20.60 -10.50
C THR B 659 -19.13 -19.63 -9.73
N HIS B 660 -18.57 -18.74 -8.92
CA HIS B 660 -19.32 -17.63 -8.31
C HIS B 660 -18.96 -16.30 -8.94
N SER B 661 -18.16 -16.29 -9.99
CA SER B 661 -17.53 -15.06 -10.48
C SER B 661 -18.56 -14.19 -11.18
N PHE B 662 -19.07 -13.19 -10.46
CA PHE B 662 -20.02 -12.23 -11.01
C PHE B 662 -19.35 -10.87 -11.12
N ARG B 663 -20.02 -9.96 -11.83
CA ARG B 663 -19.54 -8.61 -12.02
C ARG B 663 -20.54 -7.66 -11.39
N THR B 664 -20.06 -6.75 -10.56
CA THR B 664 -20.95 -5.77 -9.96
C THR B 664 -21.39 -4.74 -10.99
N ARG B 665 -22.44 -3.99 -10.64
CA ARG B 665 -22.91 -2.96 -11.55
C ARG B 665 -21.97 -1.76 -11.49
N SER B 666 -22.05 -0.93 -12.52
CA SER B 666 -21.23 0.26 -12.62
C SER B 666 -21.87 1.41 -11.84
N ASN B 667 -21.25 2.59 -11.89
CA ASN B 667 -21.79 3.75 -11.19
C ASN B 667 -22.80 4.49 -12.07
N ARG B 668 -23.26 5.64 -11.57
CA ARG B 668 -24.24 6.46 -12.25
C ARG B 668 -23.74 7.84 -12.61
N THR B 669 -22.69 8.33 -11.93
CA THR B 669 -22.06 9.61 -12.23
C THR B 669 -20.93 9.47 -13.23
N LEU B 670 -20.81 8.32 -13.90
CA LEU B 670 -19.81 8.11 -14.93
C LEU B 670 -20.30 8.52 -16.32
N LEU B 671 -21.61 8.73 -16.50
CA LEU B 671 -22.19 9.06 -17.79
C LEU B 671 -22.93 10.39 -17.76
N ASN B 672 -22.69 11.21 -16.73
CA ASN B 672 -23.41 12.47 -16.55
C ASN B 672 -22.52 13.70 -16.58
N THR B 673 -21.20 13.53 -16.58
CA THR B 673 -20.28 14.64 -16.69
C THR B 673 -19.94 14.85 -18.18
N ASP B 674 -18.91 15.66 -18.45
CA ASP B 674 -18.48 15.93 -19.81
C ASP B 674 -17.55 14.86 -20.37
N MET B 675 -17.24 13.82 -19.58
CA MET B 675 -16.28 12.80 -19.96
C MET B 675 -16.97 11.49 -20.34
N ARG B 676 -18.18 11.59 -20.87
CA ARG B 676 -18.92 10.43 -21.35
C ARG B 676 -18.27 9.85 -22.61
N ALA B 677 -17.83 10.74 -23.51
CA ALA B 677 -17.17 10.32 -24.75
C ALA B 677 -15.86 9.61 -24.51
N MET B 678 -15.25 9.76 -23.33
CA MET B 678 -14.11 8.94 -22.97
C MET B 678 -14.53 7.49 -22.77
N ALA B 679 -15.69 7.26 -22.17
CA ALA B 679 -16.24 5.90 -22.11
C ALA B 679 -16.67 5.42 -23.49
N LEU B 680 -17.09 6.34 -24.38
CA LEU B 680 -17.27 5.97 -25.78
C LEU B 680 -15.96 5.52 -26.42
N GLU B 681 -14.85 6.17 -26.07
CA GLU B 681 -13.54 5.82 -26.64
C GLU B 681 -13.07 4.47 -26.15
N GLU B 682 -13.23 4.17 -24.86
CA GLU B 682 -12.86 2.84 -24.42
C GLU B 682 -13.83 1.79 -24.91
N LYS B 683 -15.07 2.17 -25.24
CA LYS B 683 -15.97 1.21 -25.88
C LYS B 683 -15.47 0.87 -27.28
N ARG B 684 -15.00 1.87 -28.02
CA ARG B 684 -14.42 1.61 -29.35
C ARG B 684 -13.16 0.77 -29.26
N TYR B 685 -12.32 1.03 -28.25
CA TYR B 685 -11.11 0.24 -28.08
C TYR B 685 -11.42 -1.20 -27.69
N GLN B 686 -12.44 -1.42 -26.86
CA GLN B 686 -12.81 -2.79 -26.54
C GLN B 686 -13.46 -3.50 -27.72
N VAL B 687 -14.15 -2.75 -28.59
CA VAL B 687 -14.74 -3.36 -29.79
C VAL B 687 -13.64 -3.80 -30.76
N VAL B 688 -12.65 -2.93 -31.01
CA VAL B 688 -11.57 -3.27 -31.92
C VAL B 688 -10.71 -4.40 -31.35
N CYS B 689 -10.46 -4.38 -30.04
CA CYS B 689 -9.71 -5.46 -29.42
C CYS B 689 -10.49 -6.78 -29.41
N ASN B 690 -11.82 -6.72 -29.35
CA ASN B 690 -12.59 -7.95 -29.51
C ASN B 690 -12.55 -8.47 -30.94
N MET B 691 -12.47 -7.57 -31.92
CA MET B 691 -12.36 -8.02 -33.31
C MET B 691 -11.00 -8.66 -33.59
N TYR B 692 -9.93 -8.00 -33.14
CA TYR B 692 -8.59 -8.54 -33.34
C TYR B 692 -8.34 -9.78 -32.49
N ARG B 693 -9.03 -9.90 -31.36
CA ARG B 693 -9.03 -11.17 -30.65
C ARG B 693 -9.80 -12.23 -31.43
N SER B 694 -10.84 -11.83 -32.16
CA SER B 694 -11.59 -12.79 -32.95
C SER B 694 -10.84 -13.23 -34.20
N VAL B 695 -9.89 -12.44 -34.68
CA VAL B 695 -9.13 -12.84 -35.87
C VAL B 695 -8.02 -13.80 -35.46
N PHE B 696 -7.11 -13.36 -34.60
CA PHE B 696 -6.02 -14.21 -34.14
C PHE B 696 -6.50 -14.99 -32.93
N GLU B 697 -6.61 -16.31 -33.09
CA GLU B 697 -7.20 -17.17 -32.07
C GLU B 697 -6.29 -17.33 -30.86
N SER B 698 -4.99 -17.06 -30.99
CA SER B 698 -4.05 -17.11 -29.88
C SER B 698 -3.29 -15.80 -29.87
N ALA B 699 -3.82 -14.81 -29.15
CA ALA B 699 -3.22 -13.48 -29.07
C ALA B 699 -2.91 -13.02 -27.65
N ASP B 700 -3.59 -13.56 -26.64
CA ASP B 700 -3.30 -13.19 -25.26
C ASP B 700 -2.11 -13.92 -24.68
N VAL B 701 -1.56 -14.89 -25.39
CA VAL B 701 -0.47 -15.70 -24.88
C VAL B 701 0.85 -15.00 -25.20
N ASN B 702 1.07 -14.77 -26.50
CA ASN B 702 2.29 -14.13 -26.97
C ASN B 702 2.01 -12.66 -27.26
N THR B 703 3.04 -11.84 -27.11
CA THR B 703 2.92 -10.43 -27.38
C THR B 703 2.81 -10.19 -28.88
N PRO B 704 1.74 -9.58 -29.36
CA PRO B 704 1.55 -9.40 -30.81
C PRO B 704 2.43 -8.30 -31.40
N ILE B 705 3.69 -8.63 -31.68
CA ILE B 705 4.61 -7.66 -32.23
C ILE B 705 4.34 -7.47 -33.72
N GLY B 706 4.84 -6.37 -34.26
CA GLY B 706 4.66 -6.06 -35.66
C GLY B 706 4.46 -4.57 -35.87
N SER B 707 4.72 -4.13 -37.11
CA SER B 707 4.67 -2.70 -37.39
C SER B 707 3.99 -2.35 -38.72
N MET B 708 3.06 -3.17 -39.21
CA MET B 708 2.43 -2.88 -40.49
C MET B 708 1.13 -2.09 -40.37
N SER B 709 0.09 -2.70 -39.78
CA SER B 709 -1.21 -2.13 -39.43
C SER B 709 -1.99 -3.27 -38.81
N MET B 710 -3.11 -2.94 -38.18
CA MET B 710 -3.92 -4.02 -37.63
C MET B 710 -4.89 -4.59 -38.64
N GLY B 711 -5.60 -3.73 -39.36
CA GLY B 711 -6.58 -4.22 -40.32
C GLY B 711 -5.97 -4.88 -41.54
N GLU B 712 -4.73 -4.52 -41.87
CA GLU B 712 -4.05 -5.18 -42.98
C GLU B 712 -3.66 -6.60 -42.62
N ALA B 713 -3.26 -6.83 -41.37
CA ALA B 713 -3.03 -8.20 -40.91
C ALA B 713 -4.33 -8.98 -40.79
N ILE B 714 -5.44 -8.27 -40.53
CA ILE B 714 -6.75 -8.90 -40.56
C ILE B 714 -7.09 -9.38 -41.97
N GLU B 715 -6.95 -8.49 -42.96
CA GLU B 715 -7.37 -8.82 -44.32
C GLU B 715 -6.45 -9.88 -44.95
N ALA B 716 -5.14 -9.74 -44.75
CA ALA B 716 -4.22 -10.76 -45.25
C ALA B 716 -4.35 -12.07 -44.49
N LYS B 717 -4.76 -12.02 -43.22
CA LYS B 717 -4.98 -13.26 -42.49
C LYS B 717 -6.24 -13.98 -42.94
N ILE B 718 -7.32 -13.24 -43.17
CA ILE B 718 -8.57 -13.86 -43.64
C ILE B 718 -8.40 -14.39 -45.05
N LEU B 719 -7.60 -13.72 -45.89
CA LEU B 719 -7.32 -14.29 -47.20
C LEU B 719 -6.41 -15.51 -47.11
N ASP B 720 -5.50 -15.55 -46.13
CA ASP B 720 -4.60 -16.68 -46.03
C ASP B 720 -5.31 -17.92 -45.48
N ARG B 721 -6.10 -17.75 -44.41
CA ARG B 721 -6.91 -18.88 -43.94
C ARG B 721 -8.06 -19.19 -44.87
N ALA B 722 -8.46 -18.24 -45.71
CA ALA B 722 -9.47 -18.53 -46.72
C ALA B 722 -8.89 -19.36 -47.85
N ARG B 723 -7.60 -19.19 -48.13
CA ARG B 723 -6.93 -20.03 -49.11
C ARG B 723 -6.62 -21.41 -48.53
N THR B 724 -6.12 -21.45 -47.29
CA THR B 724 -5.77 -22.72 -46.66
C THR B 724 -7.00 -23.55 -46.37
N GLN B 725 -8.02 -22.96 -45.76
CA GLN B 725 -9.30 -23.64 -45.58
C GLN B 725 -10.12 -23.71 -46.86
N PHE B 726 -9.70 -23.01 -47.92
CA PHE B 726 -10.30 -23.19 -49.23
C PHE B 726 -9.88 -24.52 -49.83
N GLU B 727 -8.57 -24.72 -50.02
CA GLU B 727 -8.10 -25.88 -50.78
C GLU B 727 -8.20 -27.20 -50.03
N ASN B 728 -8.55 -27.18 -48.75
CA ASN B 728 -8.69 -28.40 -47.93
C ASN B 728 -9.96 -28.33 -47.10
N GLY B 729 -11.10 -28.06 -47.74
CA GLY B 729 -12.19 -27.47 -47.01
C GLY B 729 -13.35 -27.03 -47.88
N ILE B 730 -13.58 -25.71 -47.86
CA ILE B 730 -14.71 -24.98 -48.35
C ILE B 730 -15.21 -25.50 -49.62
N ILE B 731 -14.65 -24.91 -50.65
CA ILE B 731 -14.99 -25.15 -52.01
C ILE B 731 -16.45 -24.78 -52.22
N GLY B 732 -16.66 -23.52 -52.57
CA GLY B 732 -17.96 -23.03 -52.98
C GLY B 732 -17.82 -21.62 -53.54
N GLY B 733 -18.44 -21.35 -54.67
CA GLY B 733 -18.27 -20.07 -55.31
C GLY B 733 -18.97 -18.89 -54.66
N GLU B 734 -20.16 -19.15 -54.11
CA GLU B 734 -20.91 -18.08 -53.45
C GLU B 734 -20.28 -17.70 -52.12
N GLU B 735 -19.71 -18.67 -51.41
CA GLU B 735 -19.10 -18.39 -50.11
C GLU B 735 -17.77 -17.67 -50.27
N TYR B 736 -16.88 -18.20 -51.12
CA TYR B 736 -15.58 -17.56 -51.32
C TYR B 736 -15.73 -16.23 -52.05
N SER B 737 -16.63 -16.16 -53.04
CA SER B 737 -16.83 -14.91 -53.75
C SER B 737 -17.54 -13.89 -52.87
N GLU B 738 -18.35 -14.34 -51.91
CA GLU B 738 -19.03 -13.40 -51.03
C GLU B 738 -18.09 -12.88 -49.96
N ILE B 739 -17.24 -13.74 -49.40
CA ILE B 739 -16.23 -13.31 -48.43
C ILE B 739 -15.22 -12.38 -49.10
N LYS B 740 -14.83 -12.71 -50.34
CA LYS B 740 -13.97 -11.83 -51.13
C LYS B 740 -14.64 -10.49 -51.40
N ARG B 741 -15.96 -10.51 -51.65
CA ARG B 741 -16.68 -9.26 -51.89
C ARG B 741 -16.74 -8.40 -50.63
N LEU B 742 -16.91 -9.03 -49.46
CA LEU B 742 -16.96 -8.28 -48.22
C LEU B 742 -15.59 -7.73 -47.84
N ILE B 743 -14.51 -8.45 -48.17
CA ILE B 743 -13.18 -7.93 -47.89
C ILE B 743 -12.85 -6.77 -48.82
N GLU B 744 -13.22 -6.88 -50.11
CA GLU B 744 -12.92 -5.80 -51.05
C GLU B 744 -13.76 -4.57 -50.78
N ASP B 745 -15.05 -4.74 -50.47
CA ASP B 745 -15.89 -3.60 -50.17
C ASP B 745 -15.53 -2.97 -48.83
N ALA B 746 -15.11 -3.78 -47.86
CA ALA B 746 -14.65 -3.22 -46.60
C ALA B 746 -13.32 -2.49 -46.77
N LYS B 747 -12.50 -2.94 -47.72
CA LYS B 747 -11.22 -2.27 -47.97
C LYS B 747 -11.43 -0.95 -48.70
N ARG B 748 -12.37 -0.92 -49.65
CA ARG B 748 -12.69 0.35 -50.31
C ARG B 748 -13.42 1.30 -49.38
N GLN B 749 -14.15 0.78 -48.40
CA GLN B 749 -14.83 1.64 -47.44
C GLN B 749 -13.84 2.18 -46.42
N ARG B 750 -12.83 1.39 -46.05
CA ARG B 750 -11.85 1.85 -45.07
C ARG B 750 -10.86 2.83 -45.69
N LEU B 751 -10.43 2.56 -46.92
CA LEU B 751 -9.43 3.40 -47.57
C LEU B 751 -9.98 4.77 -47.90
N SER B 752 -11.26 4.86 -48.24
CA SER B 752 -11.90 6.14 -48.52
C SER B 752 -12.29 6.85 -47.22
N SER C 2 -17.52 -22.12 -42.01
CA SER C 2 -18.43 -21.01 -42.20
C SER C 2 -18.11 -19.88 -41.22
N LEU C 3 -16.99 -20.00 -40.51
CA LEU C 3 -16.59 -18.94 -39.59
C LEU C 3 -16.07 -17.72 -40.32
N LEU C 4 -15.51 -17.91 -41.51
CA LEU C 4 -14.94 -16.79 -42.25
C LEU C 4 -16.02 -15.86 -42.78
N LEU C 5 -17.22 -16.39 -43.03
CA LEU C 5 -18.34 -15.53 -43.40
C LEU C 5 -18.81 -14.72 -42.20
N THR C 6 -18.76 -15.31 -41.01
CA THR C 6 -19.15 -14.60 -39.79
C THR C 6 -18.17 -13.48 -39.47
N LEU C 7 -16.87 -13.78 -39.52
CA LEU C 7 -15.85 -12.77 -39.27
C LEU C 7 -15.83 -11.71 -40.37
N ALA C 8 -16.17 -12.10 -41.60
CA ALA C 8 -16.28 -11.12 -42.68
C ALA C 8 -17.49 -10.22 -42.49
N LYS C 9 -18.58 -10.75 -41.94
CA LYS C 9 -19.74 -9.91 -41.66
C LYS C 9 -19.48 -8.94 -40.51
N GLU C 10 -18.73 -9.39 -39.49
CA GLU C 10 -18.42 -8.49 -38.38
C GLU C 10 -17.41 -7.43 -38.82
N TYR C 11 -16.39 -7.83 -39.56
CA TYR C 11 -15.38 -6.89 -40.04
C TYR C 11 -15.97 -5.91 -41.03
N ALA C 12 -16.89 -6.36 -41.88
CA ALA C 12 -17.57 -5.45 -42.78
C ALA C 12 -18.58 -4.59 -42.05
N ASN C 13 -19.05 -5.03 -40.90
CA ASN C 13 -19.96 -4.20 -40.11
C ASN C 13 -19.21 -3.09 -39.40
N LEU C 14 -17.99 -3.37 -38.92
CA LEU C 14 -17.29 -2.37 -38.12
C LEU C 14 -16.63 -1.30 -38.97
N THR C 15 -16.40 -1.54 -40.26
CA THR C 15 -15.91 -0.49 -41.12
C THR C 15 -17.01 0.45 -41.60
N LYS C 16 -18.27 0.15 -41.28
CA LYS C 16 -19.36 1.05 -41.59
C LYS C 16 -19.31 2.31 -40.73
N ASP C 17 -18.73 2.21 -39.54
CA ASP C 17 -18.52 3.36 -38.67
C ASP C 17 -17.49 4.30 -39.31
N LYS C 18 -17.74 5.60 -39.14
CA LYS C 18 -16.92 6.61 -39.78
C LYS C 18 -15.65 6.87 -38.99
N LYS C 19 -15.78 7.23 -37.72
CA LYS C 19 -14.64 7.59 -36.90
C LYS C 19 -13.84 6.40 -36.43
N SER C 20 -14.35 5.17 -36.59
CA SER C 20 -13.58 4.00 -36.20
C SER C 20 -12.55 3.61 -37.24
N CYS C 21 -12.67 4.11 -38.47
CA CYS C 21 -11.68 3.83 -39.50
C CYS C 21 -10.36 4.55 -39.26
N LYS C 22 -10.38 5.64 -38.49
CA LYS C 22 -9.16 6.30 -38.08
C LYS C 22 -8.51 5.63 -36.88
N LEU C 23 -9.13 4.58 -36.33
CA LEU C 23 -8.58 3.87 -35.18
C LEU C 23 -7.68 2.74 -35.64
N LEU C 24 -8.25 1.76 -36.34
CA LEU C 24 -7.42 0.74 -36.96
C LEU C 24 -6.86 1.29 -38.27
N SER C 25 -5.82 0.61 -38.77
CA SER C 25 -4.98 1.06 -39.89
C SER C 25 -4.37 2.44 -39.66
N GLN C 26 -4.21 2.83 -38.39
CA GLN C 26 -3.48 4.03 -37.99
C GLN C 26 -2.57 3.68 -36.84
N GLY C 27 -2.92 2.64 -36.09
CA GLY C 27 -2.07 2.10 -35.06
C GLY C 27 -1.21 0.98 -35.57
N THR C 28 -0.55 0.30 -34.65
CA THR C 28 0.36 -0.79 -35.00
C THR C 28 -0.15 -2.10 -34.44
N VAL C 29 0.54 -3.17 -34.84
CA VAL C 29 0.22 -4.51 -34.34
C VAL C 29 0.58 -4.64 -32.87
N SER C 30 1.68 -4.00 -32.47
CA SER C 30 2.07 -3.97 -31.05
C SER C 30 1.11 -3.14 -30.21
N SER C 31 0.49 -2.12 -30.81
CA SER C 31 -0.35 -1.17 -30.08
C SER C 31 -1.60 -1.82 -29.49
N TYR C 32 -1.92 -3.05 -29.90
CA TYR C 32 -2.94 -3.86 -29.25
C TYR C 32 -2.78 -3.89 -27.74
N THR C 33 -1.54 -4.00 -27.25
CA THR C 33 -1.31 -3.98 -25.80
C THR C 33 -1.75 -2.65 -25.20
N THR C 34 -1.36 -1.53 -25.80
CA THR C 34 -1.85 -0.25 -25.32
C THR C 34 -3.21 0.11 -25.91
N PHE C 35 -3.83 -0.81 -26.67
CA PHE C 35 -5.26 -0.73 -26.89
C PHE C 35 -6.03 -1.58 -25.92
N LYS C 36 -5.37 -2.51 -25.22
CA LYS C 36 -6.09 -3.33 -24.27
C LYS C 36 -6.40 -2.55 -22.99
N LYS C 37 -5.51 -1.66 -22.59
CA LYS C 37 -5.61 -0.93 -21.33
C LYS C 37 -6.00 0.50 -21.62
N TRP C 38 -7.20 0.90 -21.22
CA TRP C 38 -7.64 2.29 -21.21
C TRP C 38 -8.34 2.57 -19.89
N THR C 39 -7.78 1.99 -18.82
CA THR C 39 -8.44 2.00 -17.52
C THR C 39 -8.33 3.40 -16.92
N THR C 40 -9.29 4.26 -17.26
CA THR C 40 -9.20 5.67 -16.88
C THR C 40 -9.52 5.92 -15.41
N SER C 41 -10.08 4.95 -14.70
CA SER C 41 -10.15 5.04 -13.25
C SER C 41 -8.75 4.92 -12.67
N ARG C 42 -8.53 5.53 -11.50
CA ARG C 42 -7.18 5.69 -10.99
C ARG C 42 -6.58 4.38 -10.48
N LYS C 43 -7.10 3.87 -9.37
CA LYS C 43 -6.49 2.70 -8.74
C LYS C 43 -7.48 1.68 -8.24
N GLU C 44 -8.77 2.02 -8.11
CA GLU C 44 -9.74 1.28 -7.29
C GLU C 44 -9.16 0.99 -5.90
N LYS C 45 -8.83 2.08 -5.20
CA LYS C 45 -7.93 2.02 -4.05
C LYS C 45 -8.56 1.37 -2.83
N ASN C 46 -9.87 1.18 -2.79
CA ASN C 46 -10.55 0.51 -1.68
C ASN C 46 -11.51 -0.51 -2.26
N PRO C 47 -11.01 -1.69 -2.67
CA PRO C 47 -11.90 -2.68 -3.28
C PRO C 47 -12.81 -3.37 -2.28
N SER C 48 -12.32 -3.70 -1.09
CA SER C 48 -13.17 -4.37 -0.11
C SER C 48 -14.19 -3.42 0.49
N LEU C 49 -13.88 -2.12 0.53
CA LEU C 49 -14.84 -1.14 1.03
C LEU C 49 -16.00 -0.98 0.08
N ARG C 50 -15.69 -0.82 -1.22
CA ARG C 50 -16.73 -0.74 -2.23
C ARG C 50 -17.45 -2.07 -2.42
N MET C 51 -16.82 -3.18 -2.07
CA MET C 51 -17.51 -4.46 -2.17
C MET C 51 -18.47 -4.65 -1.00
N ARG C 52 -18.10 -4.15 0.19
CA ARG C 52 -19.06 -4.19 1.29
C ARG C 52 -20.21 -3.22 1.06
N TRP C 53 -19.94 -2.05 0.46
CA TRP C 53 -21.04 -1.18 0.04
C TRP C 53 -21.86 -1.76 -1.10
N ALA C 54 -21.26 -2.63 -1.91
CA ALA C 54 -22.01 -3.25 -3.00
C ALA C 54 -22.94 -4.32 -2.47
N MET C 55 -22.44 -5.20 -1.60
CA MET C 55 -23.25 -6.29 -1.09
C MET C 55 -24.30 -5.85 -0.09
N GLY C 56 -24.28 -4.59 0.36
CA GLY C 56 -25.29 -4.11 1.29
C GLY C 56 -26.57 -3.64 0.64
N SER C 57 -26.59 -3.49 -0.67
CA SER C 57 -27.78 -3.01 -1.37
C SER C 57 -28.75 -4.17 -1.59
N LYS C 58 -29.77 -3.93 -2.41
CA LYS C 58 -30.75 -4.96 -2.71
C LYS C 58 -30.47 -5.68 -4.03
N PHE C 59 -29.96 -4.96 -5.04
CA PHE C 59 -29.61 -5.56 -6.33
C PHE C 59 -28.23 -5.08 -6.76
N PRO C 60 -27.17 -5.79 -6.39
CA PRO C 60 -25.82 -5.39 -6.82
C PRO C 60 -25.31 -6.03 -8.11
N ILE C 61 -25.90 -7.12 -8.58
CA ILE C 61 -25.25 -8.00 -9.55
C ILE C 61 -25.82 -7.77 -10.94
N MET C 62 -24.94 -7.74 -11.95
CA MET C 62 -25.38 -7.77 -13.34
C MET C 62 -25.41 -9.23 -13.80
N ALA C 63 -26.58 -9.67 -14.28
CA ALA C 63 -26.80 -11.06 -14.62
C ALA C 63 -27.56 -11.19 -15.94
N ASN C 64 -27.37 -12.34 -16.59
CA ASN C 64 -28.02 -12.59 -17.88
C ASN C 64 -29.51 -12.82 -17.69
N ARG C 65 -30.28 -12.46 -18.71
CA ARG C 65 -31.73 -12.47 -18.62
C ARG C 65 -32.35 -13.78 -19.11
N GLU C 66 -31.96 -14.24 -20.30
CA GLU C 66 -32.69 -15.33 -20.95
C GLU C 66 -32.51 -16.67 -20.23
N ILE C 67 -31.39 -16.87 -19.54
CA ILE C 67 -31.19 -18.10 -18.81
C ILE C 67 -31.99 -18.08 -17.52
N LEU C 68 -32.04 -16.92 -16.87
CA LEU C 68 -32.75 -16.82 -15.61
C LEU C 68 -34.26 -16.80 -15.82
N GLU C 69 -34.73 -16.33 -16.98
CA GLU C 69 -36.14 -16.54 -17.31
C GLU C 69 -36.38 -17.89 -17.94
N GLU C 70 -35.32 -18.63 -18.29
CA GLU C 70 -35.50 -20.02 -18.68
C GLU C 70 -35.72 -20.92 -17.47
N ALA C 71 -34.98 -20.69 -16.38
CA ALA C 71 -35.06 -21.62 -15.27
C ALA C 71 -35.40 -21.03 -13.91
N GLY C 72 -35.11 -19.75 -13.67
CA GLY C 72 -35.34 -19.17 -12.35
C GLY C 72 -36.79 -18.81 -12.10
N ILE C 73 -37.02 -18.26 -10.91
CA ILE C 73 -38.34 -17.87 -10.43
C ILE C 73 -38.27 -16.38 -10.07
N PRO C 74 -39.33 -15.59 -10.33
CA PRO C 74 -39.29 -14.17 -9.99
C PRO C 74 -39.08 -13.85 -8.51
N GLU C 75 -39.79 -14.52 -7.61
CA GLU C 75 -39.59 -14.30 -6.17
C GLU C 75 -39.67 -15.62 -5.44
N GLN C 76 -38.94 -15.71 -4.34
CA GLN C 76 -38.97 -16.92 -3.52
C GLN C 76 -40.19 -16.90 -2.60
N TRP C 77 -40.23 -17.83 -1.66
CA TRP C 77 -41.46 -18.13 -0.92
C TRP C 77 -41.84 -17.07 0.09
N GLU C 78 -40.95 -16.14 0.43
CA GLU C 78 -41.34 -15.03 1.29
C GLU C 78 -40.52 -13.81 0.92
N GLY C 79 -41.06 -13.00 -0.01
CA GLY C 79 -40.57 -11.66 -0.31
C GLY C 79 -39.13 -11.47 -0.76
N ILE C 80 -38.40 -12.56 -0.98
CA ILE C 80 -36.97 -12.46 -1.32
C ILE C 80 -36.89 -12.14 -2.80
N ASP C 81 -36.49 -10.92 -3.13
CA ASP C 81 -36.49 -10.46 -4.51
C ASP C 81 -35.25 -10.94 -5.25
N LEU C 82 -35.44 -11.29 -6.52
CA LEU C 82 -34.41 -11.90 -7.34
C LEU C 82 -34.26 -11.24 -8.69
N TRP C 83 -34.99 -10.16 -8.96
CA TRP C 83 -35.20 -9.68 -10.31
C TRP C 83 -35.39 -8.18 -10.32
N SER C 84 -35.10 -7.58 -11.47
CA SER C 84 -35.49 -6.21 -11.76
C SER C 84 -35.93 -6.14 -13.22
N LYS C 85 -36.41 -4.95 -13.61
CA LYS C 85 -36.78 -4.67 -14.99
C LYS C 85 -36.08 -3.42 -15.50
N LYS C 86 -34.97 -3.04 -14.90
CA LYS C 86 -34.24 -1.84 -15.22
C LYS C 86 -32.99 -2.16 -16.03
N ASP C 87 -32.62 -1.23 -16.91
CA ASP C 87 -31.44 -1.39 -17.74
C ASP C 87 -30.33 -0.48 -17.25
N LEU C 92 -28.28 -3.05 -23.96
CA LEU C 92 -28.16 -4.50 -23.83
C LEU C 92 -29.19 -5.02 -22.83
N GLY C 93 -29.63 -6.26 -23.04
CA GLY C 93 -30.60 -6.87 -22.15
C GLY C 93 -29.99 -7.62 -21.00
N MET C 94 -29.44 -6.90 -20.03
CA MET C 94 -28.81 -7.50 -18.87
C MET C 94 -29.46 -6.95 -17.61
N VAL C 95 -29.80 -7.84 -16.69
CA VAL C 95 -30.74 -7.56 -15.61
C VAL C 95 -30.01 -7.67 -14.28
N LEU C 96 -30.17 -6.65 -13.43
CA LEU C 96 -29.64 -6.68 -12.08
C LEU C 96 -30.38 -7.70 -11.22
N ALA C 97 -29.69 -8.22 -10.22
CA ALA C 97 -30.25 -9.22 -9.32
C ALA C 97 -29.42 -9.25 -8.05
N SER C 98 -29.87 -10.10 -7.13
CA SER C 98 -29.46 -10.36 -5.75
C SER C 98 -28.65 -11.65 -5.65
N PRO C 99 -27.72 -11.75 -4.70
CA PRO C 99 -27.00 -13.01 -4.48
C PRO C 99 -27.86 -14.14 -3.92
N ALA C 100 -29.10 -13.86 -3.51
CA ALA C 100 -30.04 -14.93 -3.24
C ALA C 100 -30.35 -15.74 -4.49
N ALA C 101 -30.22 -15.14 -5.68
CA ALA C 101 -30.30 -15.91 -6.91
C ALA C 101 -29.08 -16.79 -7.11
N ILE C 102 -27.93 -16.38 -6.57
CA ILE C 102 -26.74 -17.21 -6.65
C ILE C 102 -26.90 -18.45 -5.79
N THR C 103 -27.34 -18.26 -4.54
CA THR C 103 -27.53 -19.45 -3.71
C THR C 103 -28.75 -20.25 -4.12
N TYR C 104 -29.76 -19.60 -4.72
CA TYR C 104 -30.92 -20.35 -5.20
C TYR C 104 -30.59 -21.15 -6.46
N TRP C 105 -29.74 -20.60 -7.32
CA TRP C 105 -29.19 -21.37 -8.42
C TRP C 105 -28.34 -22.52 -7.91
N ASN C 106 -27.66 -22.31 -6.78
CA ASN C 106 -26.84 -23.36 -6.21
C ASN C 106 -27.64 -24.43 -5.49
N PHE C 107 -28.91 -24.19 -5.16
CA PHE C 107 -29.68 -25.20 -4.45
C PHE C 107 -30.91 -25.74 -5.18
N CYS C 108 -31.47 -25.02 -6.15
CA CYS C 108 -32.63 -25.51 -6.88
C CYS C 108 -32.48 -25.19 -8.37
N GLY C 109 -31.34 -25.55 -8.94
CA GLY C 109 -31.06 -25.25 -10.32
C GLY C 109 -30.69 -26.47 -11.13
N PRO C 110 -30.61 -26.32 -12.46
CA PRO C 110 -30.30 -27.46 -13.32
C PRO C 110 -28.85 -27.88 -13.22
N GLY C 111 -28.60 -29.12 -13.60
CA GLY C 111 -27.28 -29.71 -13.44
C GLY C 111 -26.81 -30.42 -14.69
N VAL C 112 -25.56 -30.14 -15.06
CA VAL C 112 -24.92 -30.76 -16.22
C VAL C 112 -23.67 -31.47 -15.73
N ASP C 113 -23.52 -32.73 -16.13
CA ASP C 113 -22.36 -33.52 -15.70
C ASP C 113 -21.12 -33.00 -16.40
N ASN C 114 -20.22 -32.39 -15.62
CA ASN C 114 -18.98 -31.83 -16.15
C ASN C 114 -17.80 -32.13 -15.25
N SER C 115 -17.82 -33.29 -14.59
CA SER C 115 -16.76 -33.62 -13.64
C SER C 115 -15.47 -33.98 -14.33
N SER C 116 -15.55 -34.56 -15.53
CA SER C 116 -14.33 -34.98 -16.22
C SER C 116 -13.56 -33.78 -16.75
N VAL C 117 -14.28 -32.75 -17.21
CA VAL C 117 -13.62 -31.56 -17.75
C VAL C 117 -12.90 -30.80 -16.65
N ILE C 118 -13.56 -30.63 -15.50
CA ILE C 118 -12.96 -29.92 -14.39
C ILE C 118 -11.83 -30.74 -13.76
N LYS C 119 -12.00 -32.06 -13.71
CA LYS C 119 -10.91 -32.92 -13.26
C LYS C 119 -9.87 -33.18 -14.35
N ASP C 120 -9.96 -32.51 -15.51
CA ASP C 120 -8.90 -32.51 -16.49
C ASP C 120 -8.25 -31.15 -16.72
N VAL C 121 -8.92 -30.04 -16.39
CA VAL C 121 -8.27 -28.74 -16.53
C VAL C 121 -7.29 -28.51 -15.38
N TYR C 122 -7.68 -28.91 -14.17
CA TYR C 122 -6.96 -28.55 -12.95
C TYR C 122 -6.09 -29.70 -12.45
N LYS C 123 -5.38 -30.39 -13.36
CA LYS C 123 -4.58 -31.55 -13.00
C LYS C 123 -3.45 -31.20 -12.04
N ALA C 124 -2.94 -29.97 -12.10
CA ALA C 124 -1.86 -29.57 -11.20
C ALA C 124 -2.32 -29.49 -9.76
N LYS C 125 -3.51 -28.92 -9.54
CA LYS C 125 -3.95 -28.67 -8.18
C LYS C 125 -4.51 -29.94 -7.54
N PHE C 126 -5.16 -30.80 -8.32
CA PHE C 126 -5.52 -32.11 -7.82
C PHE C 126 -4.29 -32.99 -7.62
N MET C 127 -3.23 -32.75 -8.39
CA MET C 127 -1.99 -33.45 -8.12
C MET C 127 -1.37 -32.96 -6.81
N LYS C 128 -1.54 -31.68 -6.50
CA LYS C 128 -1.10 -31.16 -5.20
C LYS C 128 -1.92 -31.77 -4.06
N LYS C 129 -3.21 -31.98 -4.28
CA LYS C 129 -4.04 -32.56 -3.24
C LYS C 129 -3.70 -34.03 -3.03
N GLU C 130 -3.45 -34.76 -4.12
CA GLU C 130 -3.12 -36.18 -4.01
C GLU C 130 -1.74 -36.38 -3.40
N ARG C 131 -0.80 -35.46 -3.69
CA ARG C 131 0.48 -35.50 -3.00
C ARG C 131 0.37 -35.02 -1.55
N TRP C 132 -0.65 -34.22 -1.25
CA TRP C 132 -0.83 -33.72 0.11
C TRP C 132 -1.40 -34.80 1.03
N ARG C 133 -2.36 -35.58 0.53
CA ARG C 133 -3.10 -36.49 1.38
C ARG C 133 -2.28 -37.69 1.81
N GLU C 134 -1.31 -38.11 0.99
CA GLU C 134 -0.59 -39.35 1.21
C GLU C 134 0.77 -39.12 1.84
N THR C 135 0.88 -38.16 2.76
CA THR C 135 2.10 -37.94 3.51
C THR C 135 1.85 -38.22 4.98
N LEU C 136 2.93 -38.31 5.75
CA LEU C 136 2.86 -38.55 7.17
C LEU C 136 3.87 -37.69 7.90
N TRP C 137 3.52 -37.25 9.10
CA TRP C 137 4.31 -36.30 9.86
C TRP C 137 4.84 -36.95 11.14
N GLY C 138 5.49 -36.14 11.98
CA GLY C 138 5.99 -36.62 13.24
C GLY C 138 6.09 -35.52 14.29
N PRO C 139 7.09 -35.61 15.17
CA PRO C 139 7.22 -34.64 16.24
C PRO C 139 7.85 -33.35 15.74
N MET C 140 7.86 -32.34 16.60
CA MET C 140 8.55 -31.11 16.31
C MET C 140 9.97 -31.18 16.88
N ASN C 141 10.77 -30.18 16.62
CA ASN C 141 12.14 -30.29 17.08
C ASN C 141 12.55 -29.18 18.03
N PHE C 142 12.07 -27.96 17.80
CA PHE C 142 12.37 -26.77 18.60
C PHE C 142 13.87 -26.51 18.70
N GLU C 143 14.45 -26.15 17.55
CA GLU C 143 15.83 -25.72 17.48
C GLU C 143 15.92 -24.47 16.63
N LEU C 144 17.05 -23.79 16.72
CA LEU C 144 17.31 -22.68 15.80
C LEU C 144 17.56 -23.23 14.40
N VAL C 145 17.04 -22.52 13.41
CA VAL C 145 17.16 -22.95 12.02
C VAL C 145 17.22 -21.68 11.18
N GLY C 146 17.84 -21.79 10.01
CA GLY C 146 17.91 -20.66 9.10
C GLY C 146 18.96 -20.81 8.03
N LYS C 147 18.63 -20.38 6.81
CA LYS C 147 19.55 -20.49 5.69
C LYS C 147 19.13 -19.43 4.67
N GLN C 148 20.02 -19.15 3.72
CA GLN C 148 19.90 -18.02 2.81
C GLN C 148 18.81 -18.26 1.77
N ARG C 149 18.70 -17.32 0.85
CA ARG C 149 17.69 -17.37 -0.20
C ARG C 149 18.25 -18.04 -1.44
N ARG C 150 17.49 -18.97 -2.00
CA ARG C 150 17.87 -19.71 -3.19
C ARG C 150 16.85 -19.49 -4.29
N VAL C 151 17.17 -19.98 -5.48
CA VAL C 151 16.29 -19.94 -6.63
C VAL C 151 15.83 -21.37 -6.88
N VAL C 152 14.60 -21.68 -6.48
CA VAL C 152 14.15 -23.05 -6.35
C VAL C 152 12.96 -23.28 -7.26
N GLU C 153 13.02 -24.33 -8.08
CA GLU C 153 11.86 -24.78 -8.83
C GLU C 153 10.92 -25.53 -7.90
N THR C 154 9.70 -25.03 -7.72
CA THR C 154 8.77 -25.61 -6.76
C THR C 154 7.54 -26.13 -7.48
N GLN C 155 7.65 -27.32 -8.11
CA GLN C 155 6.57 -28.17 -8.61
C GLN C 155 7.18 -29.46 -9.15
N PRO C 156 6.57 -30.62 -8.90
CA PRO C 156 7.14 -31.88 -9.45
C PRO C 156 6.74 -32.15 -10.90
N VAL C 157 7.25 -31.34 -11.83
CA VAL C 157 7.04 -31.61 -13.25
C VAL C 157 8.06 -32.64 -13.71
N GLU C 158 7.86 -33.20 -14.90
CA GLU C 158 8.75 -34.20 -15.46
C GLU C 158 9.27 -33.83 -16.84
N ILE C 159 9.17 -32.55 -17.21
CA ILE C 159 9.60 -32.06 -18.52
C ILE C 159 10.62 -30.94 -18.38
N LYS C 160 10.35 -29.99 -17.47
CA LYS C 160 11.28 -28.95 -17.03
C LYS C 160 11.73 -28.04 -18.20
N LEU C 161 10.77 -27.29 -18.70
CA LEU C 161 11.08 -26.24 -19.65
C LEU C 161 11.43 -24.94 -18.90
N ASN C 162 11.95 -23.97 -19.65
CA ASN C 162 12.54 -22.79 -19.02
C ASN C 162 11.89 -21.49 -19.49
N GLN C 163 10.55 -21.46 -19.53
CA GLN C 163 9.74 -20.26 -19.78
C GLN C 163 10.00 -19.58 -21.11
N LYS C 164 10.62 -20.27 -22.05
CA LYS C 164 10.85 -19.76 -23.39
C LYS C 164 10.34 -20.71 -24.45
N GLU C 165 10.49 -22.01 -24.22
CA GLU C 165 9.84 -23.02 -25.05
C GLU C 165 8.40 -23.25 -24.66
N ILE C 166 7.89 -22.53 -23.67
CA ILE C 166 6.50 -22.68 -23.25
C ILE C 166 5.59 -21.77 -24.03
N LYS C 167 5.96 -20.49 -24.16
CA LYS C 167 5.24 -19.60 -25.07
C LYS C 167 5.41 -20.05 -26.51
N GLU C 168 6.62 -20.44 -26.89
CA GLU C 168 6.87 -20.98 -28.22
C GLU C 168 6.17 -22.32 -28.42
N LEU C 169 6.09 -23.13 -27.37
CA LEU C 169 5.41 -24.43 -27.50
C LEU C 169 3.91 -24.25 -27.66
N THR C 170 3.32 -23.31 -26.93
CA THR C 170 1.90 -23.01 -27.14
C THR C 170 1.64 -22.26 -28.43
N MET C 171 2.66 -21.67 -29.06
CA MET C 171 2.47 -21.22 -30.43
C MET C 171 2.39 -22.40 -31.40
N TRP C 172 3.28 -23.38 -31.26
CA TRP C 172 3.40 -24.46 -32.23
C TRP C 172 2.55 -25.68 -31.90
N VAL C 173 1.57 -25.57 -31.02
CA VAL C 173 0.62 -26.64 -30.75
C VAL C 173 -0.81 -26.22 -31.08
N LEU C 174 -1.22 -25.06 -30.59
CA LEU C 174 -2.59 -24.60 -30.84
C LEU C 174 -2.75 -24.06 -32.25
N PHE C 175 -2.05 -22.98 -32.58
CA PHE C 175 -2.37 -22.20 -33.78
C PHE C 175 -1.05 -21.84 -34.46
N GLU C 176 -0.74 -22.53 -35.56
CA GLU C 176 0.55 -22.40 -36.21
C GLU C 176 0.54 -21.40 -37.36
N ASP C 177 -0.59 -20.76 -37.62
CA ASP C 177 -0.71 -19.93 -38.81
C ASP C 177 0.04 -18.62 -38.65
N GLU C 178 0.28 -18.20 -37.42
CA GLU C 178 1.04 -16.99 -37.12
C GLU C 178 1.96 -17.25 -35.94
N ALA C 179 2.60 -18.42 -35.92
CA ALA C 179 3.25 -18.90 -34.69
C ALA C 179 4.55 -18.17 -34.39
N ASN C 180 5.58 -18.40 -35.20
CA ASN C 180 6.94 -18.02 -34.84
C ASN C 180 7.84 -18.31 -36.03
N LEU C 181 9.02 -17.69 -36.03
CA LEU C 181 10.09 -18.14 -36.90
C LEU C 181 10.63 -19.47 -36.38
N ALA C 182 11.02 -20.34 -37.30
CA ALA C 182 11.47 -21.68 -36.93
C ALA C 182 12.89 -21.63 -36.37
N SER C 183 13.04 -22.06 -35.12
CA SER C 183 14.34 -22.10 -34.45
C SER C 183 14.90 -23.51 -34.50
N LYS C 184 16.01 -23.73 -33.80
CA LYS C 184 16.60 -25.05 -33.63
C LYS C 184 16.11 -25.75 -32.37
N PHE C 185 15.21 -25.11 -31.63
CA PHE C 185 14.62 -25.67 -30.42
C PHE C 185 13.39 -26.51 -30.71
N ILE C 186 13.21 -26.94 -31.95
CA ILE C 186 11.92 -27.46 -32.37
C ILE C 186 11.88 -28.98 -32.34
N GLN C 187 12.91 -29.64 -32.85
CA GLN C 187 12.82 -31.00 -33.41
C GLN C 187 12.30 -32.04 -32.41
N GLU C 188 13.01 -32.22 -31.30
CA GLU C 188 12.56 -33.16 -30.29
C GLU C 188 11.29 -32.67 -29.61
N ASN C 189 11.21 -31.37 -29.39
CA ASN C 189 9.99 -30.75 -28.92
C ASN C 189 8.86 -30.85 -29.97
N PHE C 190 9.21 -31.05 -31.25
CA PHE C 190 8.21 -31.30 -32.30
C PHE C 190 7.75 -32.74 -32.30
N SER C 191 8.57 -33.68 -31.82
CA SER C 191 8.01 -34.98 -31.47
C SER C 191 7.03 -34.86 -30.31
N LEU C 192 7.32 -33.96 -29.36
CA LEU C 192 6.33 -33.69 -28.32
C LEU C 192 5.11 -32.95 -28.86
N VAL C 193 5.28 -32.13 -29.91
CA VAL C 193 4.15 -31.48 -30.57
C VAL C 193 3.28 -32.53 -31.25
N LEU C 194 3.91 -33.55 -31.85
CA LEU C 194 3.16 -34.65 -32.41
C LEU C 194 2.44 -35.45 -31.33
N SER C 195 2.98 -35.48 -30.11
CA SER C 195 2.24 -36.08 -29.01
C SER C 195 1.06 -35.21 -28.59
N LEU C 196 1.23 -33.89 -28.56
CA LEU C 196 0.21 -33.02 -27.97
C LEU C 196 -0.97 -32.78 -28.89
N ARG C 197 -0.76 -32.78 -30.22
CA ARG C 197 -1.87 -32.51 -31.14
C ARG C 197 -2.86 -33.66 -31.20
N GLU C 198 -2.49 -34.85 -30.74
CA GLU C 198 -3.43 -35.94 -30.56
C GLU C 198 -4.20 -35.84 -29.26
N LEU C 199 -3.90 -34.84 -28.43
CA LEU C 199 -4.63 -34.60 -27.20
C LEU C 199 -5.59 -33.43 -27.32
N TYR C 200 -5.09 -32.26 -27.74
CA TYR C 200 -5.87 -31.03 -27.78
C TYR C 200 -6.51 -30.81 -29.14
N LYS C 201 -6.82 -31.89 -29.86
CA LYS C 201 -7.40 -31.76 -31.20
C LYS C 201 -8.88 -31.44 -31.13
N GLY C 202 -9.68 -32.38 -30.66
CA GLY C 202 -11.09 -32.13 -30.45
C GLY C 202 -11.46 -32.10 -28.99
N LYS C 203 -11.66 -30.91 -28.44
CA LYS C 203 -12.13 -30.75 -27.07
C LYS C 203 -13.09 -29.57 -27.01
N ALA C 204 -13.92 -29.56 -25.96
CA ALA C 204 -14.76 -28.41 -25.66
C ALA C 204 -14.01 -27.32 -24.93
N VAL C 205 -12.73 -27.53 -24.64
CA VAL C 205 -11.92 -26.55 -23.94
C VAL C 205 -11.56 -25.42 -24.88
N ASN C 206 -11.79 -24.18 -24.45
CA ASN C 206 -11.41 -23.01 -25.22
C ASN C 206 -9.89 -22.90 -25.29
N LYS C 207 -9.41 -22.17 -26.31
CA LYS C 207 -7.98 -22.11 -26.56
C LYS C 207 -7.23 -21.32 -25.50
N ASP C 208 -7.90 -20.39 -24.82
CA ASP C 208 -7.25 -19.70 -23.71
C ASP C 208 -7.13 -20.61 -22.50
N VAL C 209 -8.12 -21.48 -22.30
CA VAL C 209 -8.05 -22.43 -21.19
C VAL C 209 -7.04 -23.53 -21.50
N ALA C 210 -6.91 -23.91 -22.77
CA ALA C 210 -5.87 -24.85 -23.17
C ALA C 210 -4.49 -24.22 -23.01
N ALA C 211 -4.35 -22.95 -23.41
CA ALA C 211 -3.12 -22.21 -23.22
C ALA C 211 -2.79 -22.01 -21.75
N PHE C 212 -3.79 -22.02 -20.88
CA PHE C 212 -3.54 -22.08 -19.45
C PHE C 212 -3.02 -23.46 -19.05
N MET C 213 -3.72 -24.52 -19.46
CA MET C 213 -3.48 -25.83 -18.88
C MET C 213 -2.21 -26.48 -19.40
N ILE C 214 -1.68 -26.02 -20.54
CA ILE C 214 -0.36 -26.51 -20.96
C ILE C 214 0.74 -25.93 -20.07
N ALA C 215 0.62 -24.64 -19.74
CA ALA C 215 1.69 -23.90 -19.09
C ALA C 215 1.91 -24.28 -17.63
N HIS C 216 1.05 -25.11 -17.04
CA HIS C 216 1.20 -25.49 -15.66
C HIS C 216 1.57 -26.96 -15.46
N GLN C 217 1.66 -27.73 -16.54
CA GLN C 217 2.22 -29.07 -16.43
C GLN C 217 3.64 -29.15 -16.95
N PHE C 218 4.14 -28.10 -17.57
CA PHE C 218 5.47 -28.09 -18.15
C PHE C 218 6.41 -27.10 -17.48
N SER C 219 5.92 -26.25 -16.59
CA SER C 219 6.73 -25.18 -16.03
C SER C 219 7.03 -25.45 -14.57
N PRO C 220 8.26 -25.80 -14.22
CA PRO C 220 8.65 -25.80 -12.81
C PRO C 220 8.74 -24.37 -12.29
N GLU C 221 7.86 -23.99 -11.38
CA GLU C 221 7.81 -22.63 -10.89
C GLU C 221 8.99 -22.38 -9.97
N LYS C 222 9.96 -21.62 -10.46
CA LYS C 222 11.16 -21.28 -9.70
C LYS C 222 11.01 -19.89 -9.10
N ARG C 223 11.11 -19.80 -7.78
CA ARG C 223 11.04 -18.52 -7.10
C ARG C 223 12.23 -18.39 -6.15
N PHE C 224 12.36 -17.21 -5.56
CA PHE C 224 13.53 -16.78 -4.81
C PHE C 224 13.18 -16.84 -3.33
N LEU C 225 13.39 -18.00 -2.72
CA LEU C 225 12.79 -18.29 -1.43
C LEU C 225 13.83 -18.72 -0.39
N PRO C 226 13.57 -18.43 0.90
CA PRO C 226 14.39 -19.02 1.96
C PRO C 226 14.11 -20.49 2.20
N THR C 227 15.08 -21.36 1.92
CA THR C 227 14.94 -22.81 2.06
C THR C 227 15.98 -23.34 3.03
N PHE C 228 15.79 -24.60 3.44
CA PHE C 228 16.75 -25.26 4.32
C PHE C 228 16.66 -26.76 4.14
N GLY C 229 17.77 -27.43 4.44
CA GLY C 229 17.83 -28.88 4.32
C GLY C 229 17.99 -29.32 2.88
N PRO C 230 17.34 -30.43 2.52
CA PRO C 230 17.31 -30.83 1.11
C PRO C 230 16.41 -29.92 0.30
N ILE C 231 16.71 -29.84 -1.00
CA ILE C 231 16.07 -28.87 -1.87
C ILE C 231 15.29 -29.64 -2.93
N ARG C 232 14.69 -30.77 -2.54
CA ARG C 232 13.86 -31.52 -3.46
C ARG C 232 12.59 -30.73 -3.78
N PRO C 233 12.17 -30.69 -5.05
CA PRO C 233 11.02 -29.84 -5.42
C PRO C 233 9.69 -30.38 -4.94
N GLU C 234 9.62 -31.63 -4.49
CA GLU C 234 8.38 -32.18 -3.97
C GLU C 234 8.02 -31.54 -2.64
N ARG C 235 9.00 -31.19 -1.81
CA ARG C 235 8.75 -30.61 -0.50
C ARG C 235 8.86 -29.10 -0.50
N MET C 236 8.70 -28.45 -1.65
CA MET C 236 8.82 -27.00 -1.72
C MET C 236 7.49 -26.27 -1.78
N GLU C 237 6.40 -26.95 -2.11
CA GLU C 237 5.11 -26.38 -1.78
C GLU C 237 4.76 -26.59 -0.32
N LEU C 238 5.41 -27.57 0.32
CA LEU C 238 5.35 -27.76 1.76
C LEU C 238 6.46 -27.02 2.48
N LEU C 239 6.88 -25.88 1.94
CA LEU C 239 7.95 -25.08 2.51
C LEU C 239 7.49 -24.42 3.81
N HIS C 240 6.32 -23.78 3.77
CA HIS C 240 5.82 -23.03 4.90
C HIS C 240 5.36 -23.91 6.05
N CYS C 241 5.09 -25.19 5.79
CA CYS C 241 4.62 -26.11 6.82
C CYS C 241 5.76 -26.83 7.50
N LEU C 242 6.89 -27.02 6.81
CA LEU C 242 7.91 -27.93 7.33
C LEU C 242 8.72 -27.30 8.44
N GLY C 243 9.00 -26.00 8.36
CA GLY C 243 9.75 -25.33 9.40
C GLY C 243 9.54 -23.84 9.37
N GLY C 244 9.70 -23.21 10.53
CA GLY C 244 9.68 -21.77 10.62
C GLY C 244 11.06 -21.25 10.95
N ASP C 245 11.17 -20.39 11.97
CA ASP C 245 12.45 -19.87 12.41
C ASP C 245 12.92 -20.46 13.72
N PHE C 246 12.00 -20.87 14.59
CA PHE C 246 12.32 -21.41 15.90
C PHE C 246 11.86 -22.85 16.06
N TRP C 247 11.31 -23.46 15.02
CA TRP C 247 10.72 -24.79 15.11
C TRP C 247 10.85 -25.48 13.78
N LYS C 248 10.69 -26.80 13.78
CA LYS C 248 10.92 -27.61 12.59
C LYS C 248 10.22 -28.94 12.75
N ILE C 249 9.57 -29.42 11.69
CA ILE C 249 8.89 -30.71 11.70
C ILE C 249 9.14 -31.45 10.39
N GLU C 250 9.78 -32.62 10.48
CA GLU C 250 9.93 -33.51 9.32
C GLU C 250 10.06 -34.94 9.80
N ALA C 251 9.18 -35.82 9.31
CA ALA C 251 9.30 -37.25 9.56
C ALA C 251 8.85 -38.07 8.35
N VAL C 252 9.03 -37.53 7.15
CA VAL C 252 8.54 -38.18 5.94
C VAL C 252 9.41 -39.38 5.62
N THR C 253 8.82 -40.58 5.64
CA THR C 253 9.57 -41.80 5.37
C THR C 253 9.78 -42.01 3.88
N ALA C 254 8.70 -41.96 3.10
CA ALA C 254 8.79 -42.09 1.66
C ALA C 254 8.71 -40.71 0.99
#